data_4JE4
# 
_entry.id   4JE4 
# 
_audit_conform.dict_name       mmcif_pdbx.dic 
_audit_conform.dict_version    5.387 
_audit_conform.dict_location   http://mmcif.pdb.org/dictionaries/ascii/mmcif_pdbx.dic 
# 
loop_
_database_2.database_id 
_database_2.database_code 
_database_2.pdbx_database_accession 
_database_2.pdbx_DOI 
PDB   4JE4         pdb_00004je4 10.2210/pdb4je4/pdb 
RCSB  RCSB077930   ?            ?                   
WWPDB D_1000077930 ?            ?                   
# 
loop_
_pdbx_audit_revision_history.ordinal 
_pdbx_audit_revision_history.data_content_type 
_pdbx_audit_revision_history.major_revision 
_pdbx_audit_revision_history.minor_revision 
_pdbx_audit_revision_history.revision_date 
1 'Structure model' 1 0 2013-08-28 
2 'Structure model' 1 1 2013-09-11 
3 'Structure model' 1 2 2013-09-25 
4 'Structure model' 1 3 2014-03-12 
5 'Structure model' 1 4 2024-02-28 
# 
_pdbx_audit_revision_details.ordinal             1 
_pdbx_audit_revision_details.revision_ordinal    1 
_pdbx_audit_revision_details.data_content_type   'Structure model' 
_pdbx_audit_revision_details.provider            repository 
_pdbx_audit_revision_details.type                'Initial release' 
_pdbx_audit_revision_details.description         ? 
_pdbx_audit_revision_details.details             ? 
# 
loop_
_pdbx_audit_revision_group.ordinal 
_pdbx_audit_revision_group.revision_ordinal 
_pdbx_audit_revision_group.data_content_type 
_pdbx_audit_revision_group.group 
1 2 'Structure model' 'Database references' 
2 3 'Structure model' 'Database references' 
3 4 'Structure model' 'Structure summary'   
4 5 'Structure model' 'Data collection'     
5 5 'Structure model' 'Database references' 
# 
loop_
_pdbx_audit_revision_category.ordinal 
_pdbx_audit_revision_category.revision_ordinal 
_pdbx_audit_revision_category.data_content_type 
_pdbx_audit_revision_category.category 
1 5 'Structure model' chem_comp_atom     
2 5 'Structure model' chem_comp_bond     
3 5 'Structure model' database_2         
4 5 'Structure model' struct_ref_seq_dif 
# 
loop_
_pdbx_audit_revision_item.ordinal 
_pdbx_audit_revision_item.revision_ordinal 
_pdbx_audit_revision_item.data_content_type 
_pdbx_audit_revision_item.item 
1 5 'Structure model' '_database_2.pdbx_DOI'                
2 5 'Structure model' '_database_2.pdbx_database_accession' 
3 5 'Structure model' '_struct_ref_seq_dif.details'         
# 
_pdbx_database_status.entry_id                        4JE4 
_pdbx_database_status.status_code                     REL 
_pdbx_database_status.deposit_site                    RCSB 
_pdbx_database_status.process_site                    RCSB 
_pdbx_database_status.recvd_initial_deposition_date   2013-02-26 
_pdbx_database_status.status_code_sf                  REL 
_pdbx_database_status.status_code_mr                  ? 
_pdbx_database_status.SG_entry                        ? 
_pdbx_database_status.status_code_cs                  ? 
_pdbx_database_status.methods_development_category    ? 
_pdbx_database_status.pdb_format_compatible           Y 
_pdbx_database_status.status_code_nmr_data            ? 
# 
_pdbx_database_related.db_name        PDB 
_pdbx_database_related.db_id          4JEG 
_pdbx_database_related.details        . 
_pdbx_database_related.content_type   unspecified 
# 
loop_
_audit_author.name 
_audit_author.pdbx_ordinal 
'Sha, F.'   1 
'Koide, S.' 2 
# 
_citation.id                        primary 
_citation.title                     
'Dissection of the BCR-ABL signaling network using highly specific monobody inhibitors to the SHP2 SH2 domains.' 
_citation.journal_abbrev            Proc.Natl.Acad.Sci.USA 
_citation.journal_volume            110 
_citation.page_first                14924 
_citation.page_last                 14929 
_citation.year                      2013 
_citation.journal_id_ASTM           PNASA6 
_citation.country                   US 
_citation.journal_id_ISSN           0027-8424 
_citation.journal_id_CSD            0040 
_citation.book_publisher            ? 
_citation.pdbx_database_id_PubMed   23980151 
_citation.pdbx_database_id_DOI      10.1073/pnas.1303640110 
# 
loop_
_citation_author.citation_id 
_citation_author.name 
_citation_author.ordinal 
_citation_author.identifier_ORCID 
primary 'Sha, F.'       1 ? 
primary 'Gencer, E.B.'  2 ? 
primary 'Georgeon, S.'  3 ? 
primary 'Koide, A.'     4 ? 
primary 'Yasui, N.'     5 ? 
primary 'Koide, S.'     6 ? 
primary 'Hantschel, O.' 7 ? 
# 
loop_
_entity.id 
_entity.type 
_entity.src_method 
_entity.pdbx_description 
_entity.formula_weight 
_entity.pdbx_number_of_molecules 
_entity.pdbx_ec 
_entity.pdbx_mutation 
_entity.pdbx_fragment 
_entity.details 
1 polymer man 'Tyrosine-protein phosphatase non-receptor type 11' 12104.635 1  ? ? 'N-terminal SH2 domain' ? 
2 polymer man 'Monobody NSa1'                                     10129.182 1  ? ? ?                       ? 
3 water   nat water                                               18.015    85 ? ? ?                       ? 
# 
_entity_name_com.entity_id   1 
_entity_name_com.name        
'Protein-tyrosine phosphatase 1D, PTP-1D, Protein-tyrosine phosphatase 2C, PTP-2C, SH-PTP2, SHP-2, Shp2, SH-PTP3' 
# 
loop_
_entity_poly.entity_id 
_entity_poly.type 
_entity_poly.nstd_linkage 
_entity_poly.nstd_monomer 
_entity_poly.pdbx_seq_one_letter_code 
_entity_poly.pdbx_seq_one_letter_code_can 
_entity_poly.pdbx_strand_id 
_entity_poly.pdbx_target_identifier 
1 'polypeptide(L)' no no 
;MTSRRWFHPNITGVEAENLLLTRGVDGSFLARPSKSNPGDFTLSVRRNGAVTHIKIQNTGDYYDLYGGEKFATLAELVQY
YMEHHGQLKEKNGDVIELKYPLNKEK
;
;MTSRRWFHPNITGVEAENLLLTRGVDGSFLARPSKSNPGDFTLSVRRNGAVTHIKIQNTGDYYDLYGGEKFATLAELVQY
YMEHHGQLKEKNGDVIELKYPLNKEK
;
A ? 
2 'polypeptide(L)' no no 
;VSSVPTKLEVVAATPTSLLISWDAPAVTVDYYVITYGETGSGGYAWQEFEVPGSKSTATISGLKPGVDYTITVYAGYYGY
PTYYSSPISINYRT
;
;VSSVPTKLEVVAATPTSLLISWDAPAVTVDYYVITYGETGSGGYAWQEFEVPGSKSTATISGLKPGVDYTITVYAGYYGY
PTYYSSPISINYRT
;
B ? 
# 
_pdbx_entity_nonpoly.entity_id   3 
_pdbx_entity_nonpoly.name        water 
_pdbx_entity_nonpoly.comp_id     HOH 
# 
loop_
_entity_poly_seq.entity_id 
_entity_poly_seq.num 
_entity_poly_seq.mon_id 
_entity_poly_seq.hetero 
1 1   MET n 
1 2   THR n 
1 3   SER n 
1 4   ARG n 
1 5   ARG n 
1 6   TRP n 
1 7   PHE n 
1 8   HIS n 
1 9   PRO n 
1 10  ASN n 
1 11  ILE n 
1 12  THR n 
1 13  GLY n 
1 14  VAL n 
1 15  GLU n 
1 16  ALA n 
1 17  GLU n 
1 18  ASN n 
1 19  LEU n 
1 20  LEU n 
1 21  LEU n 
1 22  THR n 
1 23  ARG n 
1 24  GLY n 
1 25  VAL n 
1 26  ASP n 
1 27  GLY n 
1 28  SER n 
1 29  PHE n 
1 30  LEU n 
1 31  ALA n 
1 32  ARG n 
1 33  PRO n 
1 34  SER n 
1 35  LYS n 
1 36  SER n 
1 37  ASN n 
1 38  PRO n 
1 39  GLY n 
1 40  ASP n 
1 41  PHE n 
1 42  THR n 
1 43  LEU n 
1 44  SER n 
1 45  VAL n 
1 46  ARG n 
1 47  ARG n 
1 48  ASN n 
1 49  GLY n 
1 50  ALA n 
1 51  VAL n 
1 52  THR n 
1 53  HIS n 
1 54  ILE n 
1 55  LYS n 
1 56  ILE n 
1 57  GLN n 
1 58  ASN n 
1 59  THR n 
1 60  GLY n 
1 61  ASP n 
1 62  TYR n 
1 63  TYR n 
1 64  ASP n 
1 65  LEU n 
1 66  TYR n 
1 67  GLY n 
1 68  GLY n 
1 69  GLU n 
1 70  LYS n 
1 71  PHE n 
1 72  ALA n 
1 73  THR n 
1 74  LEU n 
1 75  ALA n 
1 76  GLU n 
1 77  LEU n 
1 78  VAL n 
1 79  GLN n 
1 80  TYR n 
1 81  TYR n 
1 82  MET n 
1 83  GLU n 
1 84  HIS n 
1 85  HIS n 
1 86  GLY n 
1 87  GLN n 
1 88  LEU n 
1 89  LYS n 
1 90  GLU n 
1 91  LYS n 
1 92  ASN n 
1 93  GLY n 
1 94  ASP n 
1 95  VAL n 
1 96  ILE n 
1 97  GLU n 
1 98  LEU n 
1 99  LYS n 
1 100 TYR n 
1 101 PRO n 
1 102 LEU n 
1 103 ASN n 
1 104 LYS n 
1 105 GLU n 
1 106 LYS n 
2 1   VAL n 
2 2   SER n 
2 3   SER n 
2 4   VAL n 
2 5   PRO n 
2 6   THR n 
2 7   LYS n 
2 8   LEU n 
2 9   GLU n 
2 10  VAL n 
2 11  VAL n 
2 12  ALA n 
2 13  ALA n 
2 14  THR n 
2 15  PRO n 
2 16  THR n 
2 17  SER n 
2 18  LEU n 
2 19  LEU n 
2 20  ILE n 
2 21  SER n 
2 22  TRP n 
2 23  ASP n 
2 24  ALA n 
2 25  PRO n 
2 26  ALA n 
2 27  VAL n 
2 28  THR n 
2 29  VAL n 
2 30  ASP n 
2 31  TYR n 
2 32  TYR n 
2 33  VAL n 
2 34  ILE n 
2 35  THR n 
2 36  TYR n 
2 37  GLY n 
2 38  GLU n 
2 39  THR n 
2 40  GLY n 
2 41  SER n 
2 42  GLY n 
2 43  GLY n 
2 44  TYR n 
2 45  ALA n 
2 46  TRP n 
2 47  GLN n 
2 48  GLU n 
2 49  PHE n 
2 50  GLU n 
2 51  VAL n 
2 52  PRO n 
2 53  GLY n 
2 54  SER n 
2 55  LYS n 
2 56  SER n 
2 57  THR n 
2 58  ALA n 
2 59  THR n 
2 60  ILE n 
2 61  SER n 
2 62  GLY n 
2 63  LEU n 
2 64  LYS n 
2 65  PRO n 
2 66  GLY n 
2 67  VAL n 
2 68  ASP n 
2 69  TYR n 
2 70  THR n 
2 71  ILE n 
2 72  THR n 
2 73  VAL n 
2 74  TYR n 
2 75  ALA n 
2 76  GLY n 
2 77  TYR n 
2 78  TYR n 
2 79  GLY n 
2 80  TYR n 
2 81  PRO n 
2 82  THR n 
2 83  TYR n 
2 84  TYR n 
2 85  SER n 
2 86  SER n 
2 87  PRO n 
2 88  ILE n 
2 89  SER n 
2 90  ILE n 
2 91  ASN n 
2 92  TYR n 
2 93  ARG n 
2 94  THR n 
# 
loop_
_entity_src_gen.entity_id 
_entity_src_gen.pdbx_src_id 
_entity_src_gen.pdbx_alt_source_flag 
_entity_src_gen.pdbx_seq_type 
_entity_src_gen.pdbx_beg_seq_num 
_entity_src_gen.pdbx_end_seq_num 
_entity_src_gen.gene_src_common_name 
_entity_src_gen.gene_src_genus 
_entity_src_gen.pdbx_gene_src_gene 
_entity_src_gen.gene_src_species 
_entity_src_gen.gene_src_strain 
_entity_src_gen.gene_src_tissue 
_entity_src_gen.gene_src_tissue_fraction 
_entity_src_gen.gene_src_details 
_entity_src_gen.pdbx_gene_src_fragment 
_entity_src_gen.pdbx_gene_src_scientific_name 
_entity_src_gen.pdbx_gene_src_ncbi_taxonomy_id 
_entity_src_gen.pdbx_gene_src_variant 
_entity_src_gen.pdbx_gene_src_cell_line 
_entity_src_gen.pdbx_gene_src_atcc 
_entity_src_gen.pdbx_gene_src_organ 
_entity_src_gen.pdbx_gene_src_organelle 
_entity_src_gen.pdbx_gene_src_cell 
_entity_src_gen.pdbx_gene_src_cellular_location 
_entity_src_gen.host_org_common_name 
_entity_src_gen.pdbx_host_org_scientific_name 
_entity_src_gen.pdbx_host_org_ncbi_taxonomy_id 
_entity_src_gen.host_org_genus 
_entity_src_gen.pdbx_host_org_gene 
_entity_src_gen.pdbx_host_org_organ 
_entity_src_gen.host_org_species 
_entity_src_gen.pdbx_host_org_tissue 
_entity_src_gen.pdbx_host_org_tissue_fraction 
_entity_src_gen.pdbx_host_org_strain 
_entity_src_gen.pdbx_host_org_variant 
_entity_src_gen.pdbx_host_org_cell_line 
_entity_src_gen.pdbx_host_org_atcc 
_entity_src_gen.pdbx_host_org_culture_collection 
_entity_src_gen.pdbx_host_org_cell 
_entity_src_gen.pdbx_host_org_organelle 
_entity_src_gen.pdbx_host_org_cellular_location 
_entity_src_gen.pdbx_host_org_vector_type 
_entity_src_gen.pdbx_host_org_vector 
_entity_src_gen.host_org_details 
_entity_src_gen.expression_system_id 
_entity_src_gen.plasmid_name 
_entity_src_gen.plasmid_details 
_entity_src_gen.pdbx_description 
1 1 sample ? ? ? human ? 'PTP2C, PTPN11, SHPTP2' ? ? ? ? ? ? 'Homo sapiens' 9606 ? ? ? ? ? ? ? ? 'Escherichia coli' 469008 ? ? ? ? 
? ? 'BL21(DE3)' ? ? ? ? ? ? ? plasmid ? ? ? pHBT  ? ? 
2 1 sample ? ? ? human ? ?                       ? ? ? ? ? ? 'Homo sapiens' 9606 ? ? ? ? ? ? ? ? 'Escherichia coli' 469008 ? ? ? ? 
? ? 'BL21(DE3)' ? ? ? ? ? ? ? plasmid ? ? ? pHFT2 ? ? 
# 
loop_
_chem_comp.id 
_chem_comp.type 
_chem_comp.mon_nstd_flag 
_chem_comp.name 
_chem_comp.pdbx_synonyms 
_chem_comp.formula 
_chem_comp.formula_weight 
ALA 'L-peptide linking' y ALANINE         ? 'C3 H7 N O2'     89.093  
ARG 'L-peptide linking' y ARGININE        ? 'C6 H15 N4 O2 1' 175.209 
ASN 'L-peptide linking' y ASPARAGINE      ? 'C4 H8 N2 O3'    132.118 
ASP 'L-peptide linking' y 'ASPARTIC ACID' ? 'C4 H7 N O4'     133.103 
GLN 'L-peptide linking' y GLUTAMINE       ? 'C5 H10 N2 O3'   146.144 
GLU 'L-peptide linking' y 'GLUTAMIC ACID' ? 'C5 H9 N O4'     147.129 
GLY 'peptide linking'   y GLYCINE         ? 'C2 H5 N O2'     75.067  
HIS 'L-peptide linking' y HISTIDINE       ? 'C6 H10 N3 O2 1' 156.162 
HOH non-polymer         . WATER           ? 'H2 O'           18.015  
ILE 'L-peptide linking' y ISOLEUCINE      ? 'C6 H13 N O2'    131.173 
LEU 'L-peptide linking' y LEUCINE         ? 'C6 H13 N O2'    131.173 
LYS 'L-peptide linking' y LYSINE          ? 'C6 H15 N2 O2 1' 147.195 
MET 'L-peptide linking' y METHIONINE      ? 'C5 H11 N O2 S'  149.211 
PHE 'L-peptide linking' y PHENYLALANINE   ? 'C9 H11 N O2'    165.189 
PRO 'L-peptide linking' y PROLINE         ? 'C5 H9 N O2'     115.130 
SER 'L-peptide linking' y SERINE          ? 'C3 H7 N O3'     105.093 
THR 'L-peptide linking' y THREONINE       ? 'C4 H9 N O3'     119.119 
TRP 'L-peptide linking' y TRYPTOPHAN      ? 'C11 H12 N2 O2'  204.225 
TYR 'L-peptide linking' y TYROSINE        ? 'C9 H11 N O3'    181.189 
VAL 'L-peptide linking' y VALINE          ? 'C5 H11 N O2'    117.146 
# 
loop_
_pdbx_poly_seq_scheme.asym_id 
_pdbx_poly_seq_scheme.entity_id 
_pdbx_poly_seq_scheme.seq_id 
_pdbx_poly_seq_scheme.mon_id 
_pdbx_poly_seq_scheme.ndb_seq_num 
_pdbx_poly_seq_scheme.pdb_seq_num 
_pdbx_poly_seq_scheme.auth_seq_num 
_pdbx_poly_seq_scheme.pdb_mon_id 
_pdbx_poly_seq_scheme.auth_mon_id 
_pdbx_poly_seq_scheme.pdb_strand_id 
_pdbx_poly_seq_scheme.pdb_ins_code 
_pdbx_poly_seq_scheme.hetero 
A 1 1   MET 1   1   ?   ?   ?   A . n 
A 1 2   THR 2   2   ?   ?   ?   A . n 
A 1 3   SER 3   3   3   SER SER A . n 
A 1 4   ARG 4   4   4   ARG ARG A . n 
A 1 5   ARG 5   5   5   ARG ARG A . n 
A 1 6   TRP 6   6   6   TRP TRP A . n 
A 1 7   PHE 7   7   7   PHE PHE A . n 
A 1 8   HIS 8   8   8   HIS HIS A . n 
A 1 9   PRO 9   9   9   PRO PRO A . n 
A 1 10  ASN 10  10  10  ASN ASN A . n 
A 1 11  ILE 11  11  11  ILE ILE A . n 
A 1 12  THR 12  12  12  THR THR A . n 
A 1 13  GLY 13  13  13  GLY GLY A . n 
A 1 14  VAL 14  14  14  VAL VAL A . n 
A 1 15  GLU 15  15  15  GLU GLU A . n 
A 1 16  ALA 16  16  16  ALA ALA A . n 
A 1 17  GLU 17  17  17  GLU GLU A . n 
A 1 18  ASN 18  18  18  ASN ASN A . n 
A 1 19  LEU 19  19  19  LEU LEU A . n 
A 1 20  LEU 20  20  20  LEU LEU A . n 
A 1 21  LEU 21  21  21  LEU LEU A . n 
A 1 22  THR 22  22  22  THR THR A . n 
A 1 23  ARG 23  23  23  ARG ARG A . n 
A 1 24  GLY 24  24  24  GLY GLY A . n 
A 1 25  VAL 25  25  25  VAL VAL A . n 
A 1 26  ASP 26  26  26  ASP ASP A . n 
A 1 27  GLY 27  27  27  GLY GLY A . n 
A 1 28  SER 28  28  28  SER SER A . n 
A 1 29  PHE 29  29  29  PHE PHE A . n 
A 1 30  LEU 30  30  30  LEU LEU A . n 
A 1 31  ALA 31  31  31  ALA ALA A . n 
A 1 32  ARG 32  32  32  ARG ARG A . n 
A 1 33  PRO 33  33  33  PRO PRO A . n 
A 1 34  SER 34  34  34  SER SER A . n 
A 1 35  LYS 35  35  35  LYS LYS A . n 
A 1 36  SER 36  36  36  SER SER A . n 
A 1 37  ASN 37  37  37  ASN ASN A . n 
A 1 38  PRO 38  38  38  PRO PRO A . n 
A 1 39  GLY 39  39  39  GLY GLY A . n 
A 1 40  ASP 40  40  40  ASP ASP A . n 
A 1 41  PHE 41  41  41  PHE PHE A . n 
A 1 42  THR 42  42  42  THR THR A . n 
A 1 43  LEU 43  43  43  LEU LEU A . n 
A 1 44  SER 44  44  44  SER SER A . n 
A 1 45  VAL 45  45  45  VAL VAL A . n 
A 1 46  ARG 46  46  46  ARG ARG A . n 
A 1 47  ARG 47  47  47  ARG ARG A . n 
A 1 48  ASN 48  48  48  ASN ASN A . n 
A 1 49  GLY 49  49  49  GLY GLY A . n 
A 1 50  ALA 50  50  50  ALA ALA A . n 
A 1 51  VAL 51  51  51  VAL VAL A . n 
A 1 52  THR 52  52  52  THR THR A . n 
A 1 53  HIS 53  53  53  HIS HIS A . n 
A 1 54  ILE 54  54  54  ILE ILE A . n 
A 1 55  LYS 55  55  55  LYS LYS A . n 
A 1 56  ILE 56  56  56  ILE ILE A . n 
A 1 57  GLN 57  57  57  GLN GLN A . n 
A 1 58  ASN 58  58  58  ASN ASN A . n 
A 1 59  THR 59  59  59  THR THR A . n 
A 1 60  GLY 60  60  60  GLY GLY A . n 
A 1 61  ASP 61  61  61  ASP ASP A . n 
A 1 62  TYR 62  62  62  TYR TYR A . n 
A 1 63  TYR 63  63  63  TYR TYR A . n 
A 1 64  ASP 64  64  64  ASP ASP A . n 
A 1 65  LEU 65  65  65  LEU LEU A . n 
A 1 66  TYR 66  66  66  TYR TYR A . n 
A 1 67  GLY 67  67  67  GLY GLY A . n 
A 1 68  GLY 68  68  68  GLY GLY A . n 
A 1 69  GLU 69  69  69  GLU GLU A . n 
A 1 70  LYS 70  70  70  LYS LYS A . n 
A 1 71  PHE 71  71  71  PHE PHE A . n 
A 1 72  ALA 72  72  72  ALA ALA A . n 
A 1 73  THR 73  73  73  THR THR A . n 
A 1 74  LEU 74  74  74  LEU LEU A . n 
A 1 75  ALA 75  75  75  ALA ALA A . n 
A 1 76  GLU 76  76  76  GLU GLU A . n 
A 1 77  LEU 77  77  77  LEU LEU A . n 
A 1 78  VAL 78  78  78  VAL VAL A . n 
A 1 79  GLN 79  79  79  GLN GLN A . n 
A 1 80  TYR 80  80  80  TYR TYR A . n 
A 1 81  TYR 81  81  81  TYR TYR A . n 
A 1 82  MET 82  82  82  MET MET A . n 
A 1 83  GLU 83  83  83  GLU GLU A . n 
A 1 84  HIS 84  84  84  HIS HIS A . n 
A 1 85  HIS 85  85  85  HIS HIS A . n 
A 1 86  GLY 86  86  86  GLY GLY A . n 
A 1 87  GLN 87  87  87  GLN GLN A . n 
A 1 88  LEU 88  88  88  LEU LEU A . n 
A 1 89  LYS 89  89  89  LYS LYS A . n 
A 1 90  GLU 90  90  90  GLU GLU A . n 
A 1 91  LYS 91  91  91  LYS LYS A . n 
A 1 92  ASN 92  92  92  ASN ASN A . n 
A 1 93  GLY 93  93  93  GLY GLY A . n 
A 1 94  ASP 94  94  94  ASP ASP A . n 
A 1 95  VAL 95  95  95  VAL VAL A . n 
A 1 96  ILE 96  96  96  ILE ILE A . n 
A 1 97  GLU 97  97  97  GLU GLU A . n 
A 1 98  LEU 98  98  98  LEU LEU A . n 
A 1 99  LYS 99  99  99  LYS LYS A . n 
A 1 100 TYR 100 100 100 TYR TYR A . n 
A 1 101 PRO 101 101 101 PRO PRO A . n 
A 1 102 LEU 102 102 102 LEU LEU A . n 
A 1 103 ASN 103 103 103 ASN ASN A . n 
A 1 104 LYS 104 104 104 LYS LYS A . n 
A 1 105 GLU 105 105 ?   ?   ?   A . n 
A 1 106 LYS 106 106 ?   ?   ?   A . n 
B 2 1   VAL 1   1   ?   ?   ?   B . n 
B 2 2   SER 2   2   2   SER SER B . n 
B 2 3   SER 3   3   3   SER SER B . n 
B 2 4   VAL 4   4   4   VAL VAL B . n 
B 2 5   PRO 5   5   5   PRO PRO B . n 
B 2 6   THR 6   6   6   THR THR B . n 
B 2 7   LYS 7   7   7   LYS LYS B . n 
B 2 8   LEU 8   8   8   LEU LEU B . n 
B 2 9   GLU 9   9   9   GLU GLU B . n 
B 2 10  VAL 10  10  10  VAL VAL B . n 
B 2 11  VAL 11  11  11  VAL VAL B . n 
B 2 12  ALA 12  12  12  ALA ALA B . n 
B 2 13  ALA 13  13  13  ALA ALA B . n 
B 2 14  THR 14  14  14  THR THR B . n 
B 2 15  PRO 15  15  15  PRO PRO B . n 
B 2 16  THR 16  16  16  THR THR B . n 
B 2 17  SER 17  17  17  SER SER B . n 
B 2 18  LEU 18  18  18  LEU LEU B . n 
B 2 19  LEU 19  19  19  LEU LEU B . n 
B 2 20  ILE 20  20  20  ILE ILE B . n 
B 2 21  SER 21  21  21  SER SER B . n 
B 2 22  TRP 22  22  22  TRP TRP B . n 
B 2 23  ASP 23  23  23  ASP ASP B . n 
B 2 24  ALA 24  24  24  ALA ALA B . n 
B 2 25  PRO 25  25  25  PRO PRO B . n 
B 2 26  ALA 26  26  26  ALA ALA B . n 
B 2 27  VAL 27  27  27  VAL VAL B . n 
B 2 28  THR 28  28  28  THR THR B . n 
B 2 29  VAL 29  29  29  VAL VAL B . n 
B 2 30  ASP 30  30  30  ASP ASP B . n 
B 2 31  TYR 31  31  31  TYR TYR B . n 
B 2 32  TYR 32  32  32  TYR TYR B . n 
B 2 33  VAL 33  33  33  VAL VAL B . n 
B 2 34  ILE 34  34  34  ILE ILE B . n 
B 2 35  THR 35  35  35  THR THR B . n 
B 2 36  TYR 36  36  36  TYR TYR B . n 
B 2 37  GLY 37  37  37  GLY GLY B . n 
B 2 38  GLU 38  38  38  GLU GLU B . n 
B 2 39  THR 39  39  39  THR THR B . n 
B 2 40  GLY 40  40  40  GLY GLY B . n 
B 2 41  SER 41  41  41  SER SER B . n 
B 2 42  GLY 42  42  42  GLY GLY B . n 
B 2 43  GLY 43  43  43  GLY GLY B . n 
B 2 44  TYR 44  44  44  TYR TYR B . n 
B 2 45  ALA 45  45  45  ALA ALA B . n 
B 2 46  TRP 46  46  46  TRP TRP B . n 
B 2 47  GLN 47  47  47  GLN GLN B . n 
B 2 48  GLU 48  48  48  GLU GLU B . n 
B 2 49  PHE 49  49  49  PHE PHE B . n 
B 2 50  GLU 50  50  50  GLU GLU B . n 
B 2 51  VAL 51  51  51  VAL VAL B . n 
B 2 52  PRO 52  52  52  PRO PRO B . n 
B 2 53  GLY 53  53  53  GLY GLY B . n 
B 2 54  SER 54  54  54  SER SER B . n 
B 2 55  LYS 55  55  55  LYS LYS B . n 
B 2 56  SER 56  56  56  SER SER B . n 
B 2 57  THR 57  57  57  THR THR B . n 
B 2 58  ALA 58  58  58  ALA ALA B . n 
B 2 59  THR 59  59  59  THR THR B . n 
B 2 60  ILE 60  60  60  ILE ILE B . n 
B 2 61  SER 61  61  61  SER SER B . n 
B 2 62  GLY 62  62  62  GLY GLY B . n 
B 2 63  LEU 63  63  63  LEU LEU B . n 
B 2 64  LYS 64  64  64  LYS LYS B . n 
B 2 65  PRO 65  65  65  PRO PRO B . n 
B 2 66  GLY 66  66  66  GLY GLY B . n 
B 2 67  VAL 67  67  67  VAL VAL B . n 
B 2 68  ASP 68  68  68  ASP ASP B . n 
B 2 69  TYR 69  69  69  TYR TYR B . n 
B 2 70  THR 70  70  70  THR THR B . n 
B 2 71  ILE 71  71  71  ILE ILE B . n 
B 2 72  THR 72  72  72  THR THR B . n 
B 2 73  VAL 73  73  73  VAL VAL B . n 
B 2 74  TYR 74  74  74  TYR TYR B . n 
B 2 75  ALA 75  75  75  ALA ALA B . n 
B 2 76  GLY 76  76  76  GLY GLY B . n 
B 2 77  TYR 77  77  77  TYR TYR B . n 
B 2 78  TYR 78  78  78  TYR TYR B . n 
B 2 79  GLY 79  79  79  GLY GLY B . n 
B 2 80  TYR 80  80  80  TYR TYR B . n 
B 2 81  PRO 81  81  81  PRO PRO B . n 
B 2 82  THR 82  82  82  THR THR B . n 
B 2 83  TYR 83  83  83  TYR TYR B . n 
B 2 84  TYR 84  84  84  TYR TYR B . n 
B 2 85  SER 85  85  85  SER SER B . n 
B 2 86  SER 86  86  86  SER SER B . n 
B 2 87  PRO 87  87  87  PRO PRO B . n 
B 2 88  ILE 88  88  88  ILE ILE B . n 
B 2 89  SER 89  89  89  SER SER B . n 
B 2 90  ILE 90  90  90  ILE ILE B . n 
B 2 91  ASN 91  91  91  ASN ASN B . n 
B 2 92  TYR 92  92  92  TYR TYR B . n 
B 2 93  ARG 93  93  93  ARG ARG B . n 
B 2 94  THR 94  94  94  THR THR B . n 
# 
loop_
_pdbx_nonpoly_scheme.asym_id 
_pdbx_nonpoly_scheme.entity_id 
_pdbx_nonpoly_scheme.mon_id 
_pdbx_nonpoly_scheme.ndb_seq_num 
_pdbx_nonpoly_scheme.pdb_seq_num 
_pdbx_nonpoly_scheme.auth_seq_num 
_pdbx_nonpoly_scheme.pdb_mon_id 
_pdbx_nonpoly_scheme.auth_mon_id 
_pdbx_nonpoly_scheme.pdb_strand_id 
_pdbx_nonpoly_scheme.pdb_ins_code 
C 3 HOH 1  201 3  HOH HOH A . 
C 3 HOH 2  202 4  HOH HOH A . 
C 3 HOH 3  203 5  HOH HOH A . 
C 3 HOH 4  204 7  HOH HOH A . 
C 3 HOH 5  205 8  HOH HOH A . 
C 3 HOH 6  206 10 HOH HOH A . 
C 3 HOH 7  207 11 HOH HOH A . 
C 3 HOH 8  208 13 HOH HOH A . 
C 3 HOH 9  209 14 HOH HOH A . 
C 3 HOH 10 210 15 HOH HOH A . 
C 3 HOH 11 211 16 HOH HOH A . 
C 3 HOH 12 212 19 HOH HOH A . 
C 3 HOH 13 213 22 HOH HOH A . 
C 3 HOH 14 214 23 HOH HOH A . 
C 3 HOH 15 215 25 HOH HOH A . 
C 3 HOH 16 216 28 HOH HOH A . 
C 3 HOH 17 217 30 HOH HOH A . 
C 3 HOH 18 218 33 HOH HOH A . 
C 3 HOH 19 219 36 HOH HOH A . 
C 3 HOH 20 220 37 HOH HOH A . 
C 3 HOH 21 221 38 HOH HOH A . 
C 3 HOH 22 222 39 HOH HOH A . 
C 3 HOH 23 223 40 HOH HOH A . 
C 3 HOH 24 224 41 HOH HOH A . 
C 3 HOH 25 225 42 HOH HOH A . 
C 3 HOH 26 226 44 HOH HOH A . 
C 3 HOH 27 227 45 HOH HOH A . 
C 3 HOH 28 228 46 HOH HOH A . 
C 3 HOH 29 229 50 HOH HOH A . 
C 3 HOH 30 230 53 HOH HOH A . 
C 3 HOH 31 231 55 HOH HOH A . 
C 3 HOH 32 232 57 HOH HOH A . 
C 3 HOH 33 233 58 HOH HOH A . 
C 3 HOH 34 234 59 HOH HOH A . 
C 3 HOH 35 235 60 HOH HOH A . 
C 3 HOH 36 236 61 HOH HOH A . 
C 3 HOH 37 237 63 HOH HOH A . 
C 3 HOH 38 238 65 HOH HOH A . 
C 3 HOH 39 239 66 HOH HOH A . 
C 3 HOH 40 240 67 HOH HOH A . 
C 3 HOH 41 241 69 HOH HOH A . 
C 3 HOH 42 242 71 HOH HOH A . 
C 3 HOH 43 243 73 HOH HOH A . 
C 3 HOH 44 244 74 HOH HOH A . 
C 3 HOH 45 245 75 HOH HOH A . 
C 3 HOH 46 246 76 HOH HOH A . 
C 3 HOH 47 247 79 HOH HOH A . 
C 3 HOH 48 248 80 HOH HOH A . 
C 3 HOH 49 249 81 HOH HOH A . 
C 3 HOH 50 250 82 HOH HOH A . 
C 3 HOH 51 251 83 HOH HOH A . 
C 3 HOH 52 252 85 HOH HOH A . 
D 3 HOH 1  101 1  HOH HOH B . 
D 3 HOH 2  102 2  HOH HOH B . 
D 3 HOH 3  103 6  HOH HOH B . 
D 3 HOH 4  104 9  HOH HOH B . 
D 3 HOH 5  105 12 HOH HOH B . 
D 3 HOH 6  106 17 HOH HOH B . 
D 3 HOH 7  107 18 HOH HOH B . 
D 3 HOH 8  108 20 HOH HOH B . 
D 3 HOH 9  109 21 HOH HOH B . 
D 3 HOH 10 110 24 HOH HOH B . 
D 3 HOH 11 111 26 HOH HOH B . 
D 3 HOH 12 112 27 HOH HOH B . 
D 3 HOH 13 113 29 HOH HOH B . 
D 3 HOH 14 114 31 HOH HOH B . 
D 3 HOH 15 115 32 HOH HOH B . 
D 3 HOH 16 116 34 HOH HOH B . 
D 3 HOH 17 117 35 HOH HOH B . 
D 3 HOH 18 118 43 HOH HOH B . 
D 3 HOH 19 119 47 HOH HOH B . 
D 3 HOH 20 120 48 HOH HOH B . 
D 3 HOH 21 121 49 HOH HOH B . 
D 3 HOH 22 122 51 HOH HOH B . 
D 3 HOH 23 123 52 HOH HOH B . 
D 3 HOH 24 124 54 HOH HOH B . 
D 3 HOH 25 125 56 HOH HOH B . 
D 3 HOH 26 126 62 HOH HOH B . 
D 3 HOH 27 127 64 HOH HOH B . 
D 3 HOH 28 128 68 HOH HOH B . 
D 3 HOH 29 129 70 HOH HOH B . 
D 3 HOH 30 130 72 HOH HOH B . 
D 3 HOH 31 131 77 HOH HOH B . 
D 3 HOH 32 132 78 HOH HOH B . 
D 3 HOH 33 133 84 HOH HOH B . 
# 
loop_
_software.pdbx_ordinal 
_software.name 
_software.version 
_software.date 
_software.type 
_software.contact_author 
_software.contact_author_email 
_software.classification 
_software.location 
_software.language 
_software.citation_id 
1 XSCALE      .         ?                package 'Wolfgang Kabsch' ?                        'data scaling'    
http://www.mpimf-heidelberg.mpg.de/~kabsch/xds/html_doc/xscale_program.html ?   ? 
2 PHENIX      1.7.3_928 ?                package 'Paul D. Adams'   PDAdams@lbl.gov          refinement        
http://www.phenix-online.org/                                               C++ ? 
3 PDB_EXTRACT 3.11      'April 22, 2011' package PDB               deposit@deposit.rcsb.org 'data extraction' 
http://sw-tools.pdb.org/apps/PDB_EXTRACT/                                   C++ ? 
4 ADSC        Quantum   ?                ?       ?                 ?                        'data collection' ? ?   ? 
5 PHASER      .         ?                ?       ?                 ?                        phasing           ? ?   ? 
# 
_cell.length_a           30.581 
_cell.length_b           69.098 
_cell.length_c           84.441 
_cell.angle_alpha        90.000 
_cell.angle_beta         90.000 
_cell.angle_gamma        90.000 
_cell.entry_id           4JE4 
_cell.pdbx_unique_axis   ? 
_cell.Z_PDB              4 
_cell.length_a_esd       ? 
_cell.length_b_esd       ? 
_cell.length_c_esd       ? 
_cell.angle_alpha_esd    ? 
_cell.angle_beta_esd     ? 
_cell.angle_gamma_esd    ? 
# 
_symmetry.space_group_name_H-M             'P 21 21 21' 
_symmetry.entry_id                         4JE4 
_symmetry.pdbx_full_space_group_name_H-M   ? 
_symmetry.Int_Tables_number                19 
_symmetry.cell_setting                     ? 
_symmetry.space_group_name_Hall            ? 
# 
_exptl.crystals_number   1 
_exptl.entry_id          4JE4 
_exptl.method            'X-RAY DIFFRACTION' 
# 
_exptl_crystal.id                    1 
_exptl_crystal.density_Matthews      2.01 
_exptl_crystal.density_meas          ? 
_exptl_crystal.density_percent_sol   38.69 
_exptl_crystal.description           ? 
_exptl_crystal.F_000                 ? 
_exptl_crystal.preparation           ? 
# 
_exptl_crystal_grow.crystal_id      1 
_exptl_crystal_grow.method          'VAPOR DIFFUSION, HANGING DROP' 
_exptl_crystal_grow.pH              8.0 
_exptl_crystal_grow.temp            293 
_exptl_crystal_grow.pdbx_details    
'30% PEG 4000, 0.1M Tris-HCl, 0.2M Magnesium Chloride, pH 8.0, VAPOR DIFFUSION, HANGING DROP, temperature 293K' 
_exptl_crystal_grow.temp_details    ? 
_exptl_crystal_grow.pdbx_pH_range   ? 
# 
_diffrn.id                     1 
_diffrn.ambient_temp           100 
_diffrn.ambient_temp_details   ? 
_diffrn.crystal_id             1 
# 
_diffrn_detector.diffrn_id              1 
_diffrn_detector.detector               CCD 
_diffrn_detector.type                   'ADSC QUANTUM 315' 
_diffrn_detector.pdbx_collection_date   2012-06-20 
_diffrn_detector.details                ? 
# 
_diffrn_radiation.diffrn_id                        1 
_diffrn_radiation.pdbx_diffrn_protocol             'SINGLE WAVELENGTH' 
_diffrn_radiation.monochromator                    'Si(220)' 
_diffrn_radiation.wavelength_id                    1 
_diffrn_radiation.pdbx_monochromatic_or_laue_m_l   M 
_diffrn_radiation.pdbx_scattering_type             x-ray 
# 
_diffrn_radiation_wavelength.id           1 
_diffrn_radiation_wavelength.wavelength   0.979180 
_diffrn_radiation_wavelength.wt           1.0 
# 
_diffrn_source.diffrn_id                   1 
_diffrn_source.source                      SYNCHROTRON 
_diffrn_source.type                        'APS BEAMLINE 24-ID-E' 
_diffrn_source.pdbx_wavelength_list        0.979180 
_diffrn_source.pdbx_wavelength             ? 
_diffrn_source.pdbx_synchrotron_site       APS 
_diffrn_source.pdbx_synchrotron_beamline   24-ID-E 
# 
_reflns.entry_id                     4JE4 
_reflns.observed_criterion_sigma_F   0.0 
_reflns.observed_criterion_sigma_I   3.0 
_reflns.d_resolution_high            2.31 
_reflns.d_resolution_low             34.55 
_reflns.number_all                   8458 
_reflns.number_obs                   8427 
_reflns.percent_possible_obs         99.6 
_reflns.pdbx_Rmerge_I_obs            0.075 
_reflns.pdbx_Rsym_value              ? 
_reflns.pdbx_netI_over_sigmaI        ? 
_reflns.B_iso_Wilson_estimate        ? 
_reflns.pdbx_redundancy              3.8 
_reflns.R_free_details               ? 
_reflns.limit_h_max                  ? 
_reflns.limit_h_min                  ? 
_reflns.limit_k_max                  ? 
_reflns.limit_k_min                  ? 
_reflns.limit_l_max                  ? 
_reflns.limit_l_min                  ? 
_reflns.observed_criterion_F_max     ? 
_reflns.observed_criterion_F_min     ? 
_reflns.pdbx_chi_squared             ? 
_reflns.pdbx_scaling_rejects         ? 
_reflns.pdbx_ordinal                 1 
_reflns.pdbx_diffrn_id               1 
# 
_reflns_shell.d_res_high             2.31 
_reflns_shell.d_res_low              2.42 
_reflns_shell.percent_possible_obs   ? 
_reflns_shell.percent_possible_all   98.7 
_reflns_shell.Rmerge_I_obs           0.277 
_reflns_shell.meanI_over_sigI_obs    5.0 
_reflns_shell.pdbx_Rsym_value        ? 
_reflns_shell.pdbx_redundancy        3.6 
_reflns_shell.number_unique_all      1181 
_reflns_shell.number_measured_all    ? 
_reflns_shell.number_measured_obs    ? 
_reflns_shell.number_unique_obs      ? 
_reflns_shell.pdbx_chi_squared       ? 
_reflns_shell.pdbx_ordinal           1 
_reflns_shell.pdbx_diffrn_id         1 
# 
_refine.entry_id                                 4JE4 
_refine.ls_d_res_high                            2.31 
_refine.ls_d_res_low                             34.55 
_refine.pdbx_ls_sigma_F                          1.380 
_refine.pdbx_data_cutoff_high_absF               ? 
_refine.pdbx_data_cutoff_low_absF                ? 
_refine.ls_percent_reflns_obs                    82.8100 
_refine.ls_number_reflns_obs                     6926 
_refine.ls_number_reflns_all                     8427 
_refine.pdbx_ls_cross_valid_method               ? 
_refine.pdbx_R_Free_selection_details            random 
_refine.details                                  ? 
_refine.ls_R_factor_all                          ? 
_refine.ls_R_factor_obs                          0.2063 
_refine.ls_R_factor_R_work                       0.2040 
_refine.ls_wR_factor_R_work                      ? 
_refine.ls_R_factor_R_free                       0.2545 
_refine.ls_wR_factor_R_free                      ? 
_refine.ls_percent_reflns_R_free                 4.5300 
_refine.ls_number_reflns_R_free                  314 
_refine.ls_R_factor_R_free_error                 ? 
_refine.B_iso_mean                               19.2185 
_refine.solvent_model_param_bsol                 31.7930 
_refine.solvent_model_param_ksol                 0.3930 
_refine.pdbx_isotropic_thermal_model             ? 
_refine.aniso_B[1][1]                            -0.0058 
_refine.aniso_B[2][2]                            -0.9718 
_refine.aniso_B[3][3]                            0.9776 
_refine.aniso_B[1][2]                            -0.0000 
_refine.aniso_B[1][3]                            -0.0000 
_refine.aniso_B[2][3]                            0.0000 
_refine.correlation_coeff_Fo_to_Fc               ? 
_refine.correlation_coeff_Fo_to_Fc_free          ? 
_refine.overall_SU_R_Cruickshank_DPI             ? 
_refine.overall_SU_R_free                        ? 
_refine.pdbx_overall_ESU_R                       ? 
_refine.pdbx_overall_ESU_R_Free                  ? 
_refine.overall_SU_ML                            0.1800 
_refine.overall_SU_B                             ? 
_refine.solvent_model_details                    'FLAT BULK SOLVENT MODEL' 
_refine.pdbx_solvent_vdw_probe_radii             0.9000 
_refine.pdbx_solvent_ion_probe_radii             ? 
_refine.pdbx_solvent_shrinkage_radii             0.6000 
_refine.ls_number_parameters                     ? 
_refine.ls_number_restraints                     ? 
_refine.pdbx_starting_model                      ? 
_refine.pdbx_method_to_determine_struct          'MOLECULAR REPLACEMENT' 
_refine.pdbx_stereochemistry_target_values       ML 
_refine.pdbx_stereochem_target_val_spec_case     ? 
_refine.overall_FOM_work_R_set                   0.8243 
_refine.B_iso_max                                54.320 
_refine.B_iso_min                                7.330 
_refine.pdbx_overall_phase_error                 23.5800 
_refine.occupancy_max                            1.000 
_refine.occupancy_min                            1.000 
_refine.pdbx_ls_sigma_I                          ? 
_refine.ls_redundancy_reflns_obs                 ? 
_refine.ls_R_factor_R_free_error_details         ? 
_refine.pdbx_data_cutoff_high_rms_absF           ? 
_refine.overall_FOM_free_R_set                   ? 
_refine.pdbx_diffrn_id                           1 
_refine.pdbx_refine_id                           'X-RAY DIFFRACTION' 
_refine.pdbx_TLS_residual_ADP_flag               ? 
_refine.pdbx_overall_SU_R_free_Cruickshank_DPI   ? 
_refine.pdbx_overall_SU_R_Blow_DPI               ? 
_refine.pdbx_overall_SU_R_free_Blow_DPI          ? 
# 
_refine_hist.pdbx_refine_id                   'X-RAY DIFFRACTION' 
_refine_hist.cycle_id                         LAST 
_refine_hist.pdbx_number_atoms_protein        1531 
_refine_hist.pdbx_number_atoms_nucleic_acid   0 
_refine_hist.pdbx_number_atoms_ligand         0 
_refine_hist.number_atoms_solvent             85 
_refine_hist.number_atoms_total               1616 
_refine_hist.d_res_high                       2.31 
_refine_hist.d_res_low                        34.55 
# 
loop_
_refine_ls_restr.type 
_refine_ls_restr.number 
_refine_ls_restr.dev_ideal 
_refine_ls_restr.dev_ideal_target 
_refine_ls_restr.weight 
_refine_ls_restr.pdbx_restraint_function 
_refine_ls_restr.pdbx_refine_id 
f_bond_d           1573 0.003  ? ? ? 'X-RAY DIFFRACTION' 
f_angle_d          2145 0.768  ? ? ? 'X-RAY DIFFRACTION' 
f_chiral_restr     234  0.051  ? ? ? 'X-RAY DIFFRACTION' 
f_plane_restr      272  0.004  ? ? ? 'X-RAY DIFFRACTION' 
f_dihedral_angle_d 558  12.294 ? ? ? 'X-RAY DIFFRACTION' 
# 
loop_
_refine_ls_shell.d_res_high 
_refine_ls_shell.d_res_low 
_refine_ls_shell.pdbx_total_number_of_bins_used 
_refine_ls_shell.percent_reflns_obs 
_refine_ls_shell.number_reflns_R_work 
_refine_ls_shell.R_factor_all 
_refine_ls_shell.R_factor_R_work 
_refine_ls_shell.R_factor_R_free 
_refine_ls_shell.percent_reflns_R_free 
_refine_ls_shell.number_reflns_R_free 
_refine_ls_shell.R_factor_R_free_error 
_refine_ls_shell.number_reflns_all 
_refine_ls_shell.number_reflns_obs 
_refine_ls_shell.redundancy_reflns_obs 
_refine_ls_shell.pdbx_refine_id 
2.31   2.9054  2 71.0000 2785 . 0.2178 0.2815 . 116 . 2901 . . 'X-RAY DIFFRACTION' 
2.9054 34.5529 2 94.0000 3827 . 0.1986 0.2459 . 198 . 4025 . . 'X-RAY DIFFRACTION' 
# 
_struct.entry_id                  4JE4 
_struct.title                     'Crystal Structure of Monobody NSa1/SHP2 N-SH2 Domain Complex' 
_struct.pdbx_model_details        ? 
_struct.pdbx_CASP_flag            ? 
_struct.pdbx_model_type_details   ? 
# 
_struct_keywords.entry_id        4JE4 
_struct_keywords.text            
;engineered binding protein, SHP2 SH2-monobody complex, Phosphatase, Phosphotyrosine Binding, Phosphorylation, Signaling protein-protein binding complex
;
_struct_keywords.pdbx_keywords   'Signaling protein/protein binding' 
# 
loop_
_struct_asym.id 
_struct_asym.pdbx_blank_PDB_chainid_flag 
_struct_asym.pdbx_modified 
_struct_asym.entity_id 
_struct_asym.details 
A N N 1 ? 
B N N 2 ? 
C N N 3 ? 
D N N 3 ? 
# 
loop_
_struct_ref.id 
_struct_ref.db_name 
_struct_ref.db_code 
_struct_ref.pdbx_db_accession 
_struct_ref.entity_id 
_struct_ref.pdbx_seq_one_letter_code 
_struct_ref.pdbx_align_begin 
_struct_ref.pdbx_db_isoform 
1 UNP PTN11_HUMAN Q06124 1 
;MTSRRWFHPNITGVEAENLLLTRGVDGSFLARPSKSNPGDFTLSVRRNGAVTHIKIQNTGDYYDLYGGEKFATLAELVQY
YMEHHGQLKEKNGDVIELKYPLN
;
1 ? 
2 PDB 4JE4        4JE4   2 ? ? ? 
# 
loop_
_struct_ref_seq.align_id 
_struct_ref_seq.ref_id 
_struct_ref_seq.pdbx_PDB_id_code 
_struct_ref_seq.pdbx_strand_id 
_struct_ref_seq.seq_align_beg 
_struct_ref_seq.pdbx_seq_align_beg_ins_code 
_struct_ref_seq.seq_align_end 
_struct_ref_seq.pdbx_seq_align_end_ins_code 
_struct_ref_seq.pdbx_db_accession 
_struct_ref_seq.db_align_beg 
_struct_ref_seq.pdbx_db_align_beg_ins_code 
_struct_ref_seq.db_align_end 
_struct_ref_seq.pdbx_db_align_end_ins_code 
_struct_ref_seq.pdbx_auth_seq_align_beg 
_struct_ref_seq.pdbx_auth_seq_align_end 
1 1 4JE4 A 1 ? 103 ? Q06124 1 ? 103 ? 1 103 
2 2 4JE4 B 1 ? 94  ? 4JE4   1 ? 94  ? 1 94  
# 
loop_
_struct_ref_seq_dif.align_id 
_struct_ref_seq_dif.pdbx_pdb_id_code 
_struct_ref_seq_dif.mon_id 
_struct_ref_seq_dif.pdbx_pdb_strand_id 
_struct_ref_seq_dif.seq_num 
_struct_ref_seq_dif.pdbx_pdb_ins_code 
_struct_ref_seq_dif.pdbx_seq_db_name 
_struct_ref_seq_dif.pdbx_seq_db_accession_code 
_struct_ref_seq_dif.db_mon_id 
_struct_ref_seq_dif.pdbx_seq_db_seq_num 
_struct_ref_seq_dif.details 
_struct_ref_seq_dif.pdbx_auth_seq_num 
_struct_ref_seq_dif.pdbx_ordinal 
1 4JE4 LYS A 104 ? UNP Q06124 ? ? 'expression tag' 104 1 
1 4JE4 GLU A 105 ? UNP Q06124 ? ? 'expression tag' 105 2 
1 4JE4 LYS A 106 ? UNP Q06124 ? ? 'expression tag' 106 3 
# 
_pdbx_struct_assembly.id                   1 
_pdbx_struct_assembly.details              author_and_software_defined_assembly 
_pdbx_struct_assembly.method_details       PISA 
_pdbx_struct_assembly.oligomeric_details   dimeric 
_pdbx_struct_assembly.oligomeric_count     2 
# 
loop_
_pdbx_struct_assembly_prop.biol_id 
_pdbx_struct_assembly_prop.type 
_pdbx_struct_assembly_prop.value 
_pdbx_struct_assembly_prop.details 
1 'ABSA (A^2)' 1780 ? 
1 MORE         -8   ? 
1 'SSA (A^2)'  9510 ? 
# 
_pdbx_struct_assembly_gen.assembly_id       1 
_pdbx_struct_assembly_gen.oper_expression   1 
_pdbx_struct_assembly_gen.asym_id_list      A,B,C,D 
# 
_pdbx_struct_oper_list.id                   1 
_pdbx_struct_oper_list.type                 'identity operation' 
_pdbx_struct_oper_list.name                 1_555 
_pdbx_struct_oper_list.symmetry_operation   x,y,z 
_pdbx_struct_oper_list.matrix[1][1]         1.0000000000 
_pdbx_struct_oper_list.matrix[1][2]         0.0000000000 
_pdbx_struct_oper_list.matrix[1][3]         0.0000000000 
_pdbx_struct_oper_list.vector[1]            0.0000000000 
_pdbx_struct_oper_list.matrix[2][1]         0.0000000000 
_pdbx_struct_oper_list.matrix[2][2]         1.0000000000 
_pdbx_struct_oper_list.matrix[2][3]         0.0000000000 
_pdbx_struct_oper_list.vector[2]            0.0000000000 
_pdbx_struct_oper_list.matrix[3][1]         0.0000000000 
_pdbx_struct_oper_list.matrix[3][2]         0.0000000000 
_pdbx_struct_oper_list.matrix[3][3]         1.0000000000 
_pdbx_struct_oper_list.vector[3]            0.0000000000 
# 
_struct_biol.id        1 
_struct_biol.details   ? 
# 
loop_
_struct_conf.conf_type_id 
_struct_conf.id 
_struct_conf.pdbx_PDB_helix_id 
_struct_conf.beg_label_comp_id 
_struct_conf.beg_label_asym_id 
_struct_conf.beg_label_seq_id 
_struct_conf.pdbx_beg_PDB_ins_code 
_struct_conf.end_label_comp_id 
_struct_conf.end_label_asym_id 
_struct_conf.end_label_seq_id 
_struct_conf.pdbx_end_PDB_ins_code 
_struct_conf.beg_auth_comp_id 
_struct_conf.beg_auth_asym_id 
_struct_conf.beg_auth_seq_id 
_struct_conf.end_auth_comp_id 
_struct_conf.end_auth_asym_id 
_struct_conf.end_auth_seq_id 
_struct_conf.pdbx_PDB_helix_class 
_struct_conf.details 
_struct_conf.pdbx_PDB_helix_length 
HELX_P HELX_P1 1 THR A 12 ? GLY A 24 ? THR A 12 GLY A 24 1 ? 13 
HELX_P HELX_P2 2 THR A 73 ? HIS A 84 ? THR A 73 HIS A 84 1 ? 12 
# 
_struct_conf_type.id          HELX_P 
_struct_conf_type.criteria    ? 
_struct_conf_type.reference   ? 
# 
loop_
_struct_mon_prot_cis.pdbx_id 
_struct_mon_prot_cis.label_comp_id 
_struct_mon_prot_cis.label_seq_id 
_struct_mon_prot_cis.label_asym_id 
_struct_mon_prot_cis.label_alt_id 
_struct_mon_prot_cis.pdbx_PDB_ins_code 
_struct_mon_prot_cis.auth_comp_id 
_struct_mon_prot_cis.auth_seq_id 
_struct_mon_prot_cis.auth_asym_id 
_struct_mon_prot_cis.pdbx_label_comp_id_2 
_struct_mon_prot_cis.pdbx_label_seq_id_2 
_struct_mon_prot_cis.pdbx_label_asym_id_2 
_struct_mon_prot_cis.pdbx_PDB_ins_code_2 
_struct_mon_prot_cis.pdbx_auth_comp_id_2 
_struct_mon_prot_cis.pdbx_auth_seq_id_2 
_struct_mon_prot_cis.pdbx_auth_asym_id_2 
_struct_mon_prot_cis.pdbx_PDB_model_num 
_struct_mon_prot_cis.pdbx_omega_angle 
1 PRO 38 A . ? PRO 38 A GLY 39 A ? GLY 39 A 1 -5.86 
2 TYR 80 B . ? TYR 80 B PRO 81 B ? PRO 81 B 1 1.61  
# 
loop_
_struct_sheet.id 
_struct_sheet.type 
_struct_sheet.number_strands 
_struct_sheet.details 
A ? 5 ? 
B ? 6 ? 
C ? 3 ? 
# 
loop_
_struct_sheet_order.sheet_id 
_struct_sheet_order.range_id_1 
_struct_sheet_order.range_id_2 
_struct_sheet_order.offset 
_struct_sheet_order.sense 
A 1 2 ? anti-parallel 
A 2 3 ? anti-parallel 
A 3 4 ? anti-parallel 
A 4 5 ? parallel      
B 1 2 ? anti-parallel 
B 2 3 ? anti-parallel 
B 3 4 ? anti-parallel 
B 4 5 ? anti-parallel 
B 5 6 ? anti-parallel 
C 1 2 ? anti-parallel 
C 2 3 ? anti-parallel 
# 
loop_
_struct_sheet_range.sheet_id 
_struct_sheet_range.id 
_struct_sheet_range.beg_label_comp_id 
_struct_sheet_range.beg_label_asym_id 
_struct_sheet_range.beg_label_seq_id 
_struct_sheet_range.pdbx_beg_PDB_ins_code 
_struct_sheet_range.end_label_comp_id 
_struct_sheet_range.end_label_asym_id 
_struct_sheet_range.end_label_seq_id 
_struct_sheet_range.pdbx_end_PDB_ins_code 
_struct_sheet_range.beg_auth_comp_id 
_struct_sheet_range.beg_auth_asym_id 
_struct_sheet_range.beg_auth_seq_id 
_struct_sheet_range.end_auth_comp_id 
_struct_sheet_range.end_auth_asym_id 
_struct_sheet_range.end_auth_seq_id 
A 1 TYR A 63  ? ASP A 64  ? TYR A 63  ASP A 64  
A 2 ALA A 50  ? ASN A 58  ? ALA A 50  ASN A 58  
A 3 PHE A 41  ? ARG A 47  ? PHE A 41  ARG A 47  
A 4 SER A 28  ? PRO A 33  ? SER A 28  PRO A 33  
A 5 TYR A 100 ? PRO A 101 ? TYR A 100 PRO A 101 
B 1 TYR A 63  ? ASP A 64  ? TYR A 63  ASP A 64  
B 2 ALA A 50  ? ASN A 58  ? ALA A 50  ASN A 58  
B 3 TYR B 83  ? ARG B 93  ? TYR B 83  ARG B 93  
B 4 ASP B 68  ? TYR B 77  ? ASP B 68  TYR B 77  
B 5 TYR B 31  ? GLU B 38  ? TYR B 31  GLU B 38  
B 6 GLN B 47  ? PRO B 52  ? GLN B 47  PRO B 52  
C 1 THR B 6   ? ALA B 13  ? THR B 6   ALA B 13  
C 2 LEU B 18  ? ASP B 23  ? LEU B 18  ASP B 23  
C 3 THR B 57  ? ILE B 60  ? THR B 57  ILE B 60  
# 
loop_
_pdbx_struct_sheet_hbond.sheet_id 
_pdbx_struct_sheet_hbond.range_id_1 
_pdbx_struct_sheet_hbond.range_id_2 
_pdbx_struct_sheet_hbond.range_1_label_atom_id 
_pdbx_struct_sheet_hbond.range_1_label_comp_id 
_pdbx_struct_sheet_hbond.range_1_label_asym_id 
_pdbx_struct_sheet_hbond.range_1_label_seq_id 
_pdbx_struct_sheet_hbond.range_1_PDB_ins_code 
_pdbx_struct_sheet_hbond.range_1_auth_atom_id 
_pdbx_struct_sheet_hbond.range_1_auth_comp_id 
_pdbx_struct_sheet_hbond.range_1_auth_asym_id 
_pdbx_struct_sheet_hbond.range_1_auth_seq_id 
_pdbx_struct_sheet_hbond.range_2_label_atom_id 
_pdbx_struct_sheet_hbond.range_2_label_comp_id 
_pdbx_struct_sheet_hbond.range_2_label_asym_id 
_pdbx_struct_sheet_hbond.range_2_label_seq_id 
_pdbx_struct_sheet_hbond.range_2_PDB_ins_code 
_pdbx_struct_sheet_hbond.range_2_auth_atom_id 
_pdbx_struct_sheet_hbond.range_2_auth_comp_id 
_pdbx_struct_sheet_hbond.range_2_auth_asym_id 
_pdbx_struct_sheet_hbond.range_2_auth_seq_id 
A 1 2 O ASP A 64 ? O ASP A 64 N GLN A 57  ? N GLN A 57  
A 2 3 O ALA A 50 ? O ALA A 50 N ARG A 47  ? N ARG A 47  
A 3 4 O THR A 42 ? O THR A 42 N ARG A 32  ? N ARG A 32  
A 4 5 N PHE A 29 ? N PHE A 29 O TYR A 100 ? O TYR A 100 
B 1 2 O ASP A 64 ? O ASP A 64 N GLN A 57  ? N GLN A 57  
B 2 3 N HIS A 53 ? N HIS A 53 O TYR B 84  ? O TYR B 84  
B 3 4 O TYR B 83 ? O TYR B 83 N TYR B 77  ? N TYR B 77  
B 4 5 O THR B 72 ? O THR B 72 N THR B 35  ? N THR B 35  
B 5 6 N TYR B 32 ? N TYR B 32 O VAL B 51  ? O VAL B 51  
C 1 2 N GLU B 9  ? N GLU B 9  O SER B 21  ? O SER B 21  
C 2 3 N LEU B 18 ? N LEU B 18 O ILE B 60  ? O ILE B 60  
# 
loop_
_pdbx_validate_torsion.id 
_pdbx_validate_torsion.PDB_model_num 
_pdbx_validate_torsion.auth_comp_id 
_pdbx_validate_torsion.auth_asym_id 
_pdbx_validate_torsion.auth_seq_id 
_pdbx_validate_torsion.PDB_ins_code 
_pdbx_validate_torsion.label_alt_id 
_pdbx_validate_torsion.phi 
_pdbx_validate_torsion.psi 
1 1 ARG A 4  ? ? 72.16   -77.41  
2 1 SER B 85 ? ? -163.74 -149.40 
# 
loop_
_pdbx_unobs_or_zero_occ_residues.id 
_pdbx_unobs_or_zero_occ_residues.PDB_model_num 
_pdbx_unobs_or_zero_occ_residues.polymer_flag 
_pdbx_unobs_or_zero_occ_residues.occupancy_flag 
_pdbx_unobs_or_zero_occ_residues.auth_asym_id 
_pdbx_unobs_or_zero_occ_residues.auth_comp_id 
_pdbx_unobs_or_zero_occ_residues.auth_seq_id 
_pdbx_unobs_or_zero_occ_residues.PDB_ins_code 
_pdbx_unobs_or_zero_occ_residues.label_asym_id 
_pdbx_unobs_or_zero_occ_residues.label_comp_id 
_pdbx_unobs_or_zero_occ_residues.label_seq_id 
1 1 Y 1 A MET 1   ? A MET 1   
2 1 Y 1 A THR 2   ? A THR 2   
3 1 Y 1 A GLU 105 ? A GLU 105 
4 1 Y 1 A LYS 106 ? A LYS 106 
5 1 Y 1 B VAL 1   ? B VAL 1   
# 
loop_
_chem_comp_atom.comp_id 
_chem_comp_atom.atom_id 
_chem_comp_atom.type_symbol 
_chem_comp_atom.pdbx_aromatic_flag 
_chem_comp_atom.pdbx_stereo_config 
_chem_comp_atom.pdbx_ordinal 
ALA N    N N N 1   
ALA CA   C N S 2   
ALA C    C N N 3   
ALA O    O N N 4   
ALA CB   C N N 5   
ALA OXT  O N N 6   
ALA H    H N N 7   
ALA H2   H N N 8   
ALA HA   H N N 9   
ALA HB1  H N N 10  
ALA HB2  H N N 11  
ALA HB3  H N N 12  
ALA HXT  H N N 13  
ARG N    N N N 14  
ARG CA   C N S 15  
ARG C    C N N 16  
ARG O    O N N 17  
ARG CB   C N N 18  
ARG CG   C N N 19  
ARG CD   C N N 20  
ARG NE   N N N 21  
ARG CZ   C N N 22  
ARG NH1  N N N 23  
ARG NH2  N N N 24  
ARG OXT  O N N 25  
ARG H    H N N 26  
ARG H2   H N N 27  
ARG HA   H N N 28  
ARG HB2  H N N 29  
ARG HB3  H N N 30  
ARG HG2  H N N 31  
ARG HG3  H N N 32  
ARG HD2  H N N 33  
ARG HD3  H N N 34  
ARG HE   H N N 35  
ARG HH11 H N N 36  
ARG HH12 H N N 37  
ARG HH21 H N N 38  
ARG HH22 H N N 39  
ARG HXT  H N N 40  
ASN N    N N N 41  
ASN CA   C N S 42  
ASN C    C N N 43  
ASN O    O N N 44  
ASN CB   C N N 45  
ASN CG   C N N 46  
ASN OD1  O N N 47  
ASN ND2  N N N 48  
ASN OXT  O N N 49  
ASN H    H N N 50  
ASN H2   H N N 51  
ASN HA   H N N 52  
ASN HB2  H N N 53  
ASN HB3  H N N 54  
ASN HD21 H N N 55  
ASN HD22 H N N 56  
ASN HXT  H N N 57  
ASP N    N N N 58  
ASP CA   C N S 59  
ASP C    C N N 60  
ASP O    O N N 61  
ASP CB   C N N 62  
ASP CG   C N N 63  
ASP OD1  O N N 64  
ASP OD2  O N N 65  
ASP OXT  O N N 66  
ASP H    H N N 67  
ASP H2   H N N 68  
ASP HA   H N N 69  
ASP HB2  H N N 70  
ASP HB3  H N N 71  
ASP HD2  H N N 72  
ASP HXT  H N N 73  
GLN N    N N N 74  
GLN CA   C N S 75  
GLN C    C N N 76  
GLN O    O N N 77  
GLN CB   C N N 78  
GLN CG   C N N 79  
GLN CD   C N N 80  
GLN OE1  O N N 81  
GLN NE2  N N N 82  
GLN OXT  O N N 83  
GLN H    H N N 84  
GLN H2   H N N 85  
GLN HA   H N N 86  
GLN HB2  H N N 87  
GLN HB3  H N N 88  
GLN HG2  H N N 89  
GLN HG3  H N N 90  
GLN HE21 H N N 91  
GLN HE22 H N N 92  
GLN HXT  H N N 93  
GLU N    N N N 94  
GLU CA   C N S 95  
GLU C    C N N 96  
GLU O    O N N 97  
GLU CB   C N N 98  
GLU CG   C N N 99  
GLU CD   C N N 100 
GLU OE1  O N N 101 
GLU OE2  O N N 102 
GLU OXT  O N N 103 
GLU H    H N N 104 
GLU H2   H N N 105 
GLU HA   H N N 106 
GLU HB2  H N N 107 
GLU HB3  H N N 108 
GLU HG2  H N N 109 
GLU HG3  H N N 110 
GLU HE2  H N N 111 
GLU HXT  H N N 112 
GLY N    N N N 113 
GLY CA   C N N 114 
GLY C    C N N 115 
GLY O    O N N 116 
GLY OXT  O N N 117 
GLY H    H N N 118 
GLY H2   H N N 119 
GLY HA2  H N N 120 
GLY HA3  H N N 121 
GLY HXT  H N N 122 
HIS N    N N N 123 
HIS CA   C N S 124 
HIS C    C N N 125 
HIS O    O N N 126 
HIS CB   C N N 127 
HIS CG   C Y N 128 
HIS ND1  N Y N 129 
HIS CD2  C Y N 130 
HIS CE1  C Y N 131 
HIS NE2  N Y N 132 
HIS OXT  O N N 133 
HIS H    H N N 134 
HIS H2   H N N 135 
HIS HA   H N N 136 
HIS HB2  H N N 137 
HIS HB3  H N N 138 
HIS HD1  H N N 139 
HIS HD2  H N N 140 
HIS HE1  H N N 141 
HIS HE2  H N N 142 
HIS HXT  H N N 143 
HOH O    O N N 144 
HOH H1   H N N 145 
HOH H2   H N N 146 
ILE N    N N N 147 
ILE CA   C N S 148 
ILE C    C N N 149 
ILE O    O N N 150 
ILE CB   C N S 151 
ILE CG1  C N N 152 
ILE CG2  C N N 153 
ILE CD1  C N N 154 
ILE OXT  O N N 155 
ILE H    H N N 156 
ILE H2   H N N 157 
ILE HA   H N N 158 
ILE HB   H N N 159 
ILE HG12 H N N 160 
ILE HG13 H N N 161 
ILE HG21 H N N 162 
ILE HG22 H N N 163 
ILE HG23 H N N 164 
ILE HD11 H N N 165 
ILE HD12 H N N 166 
ILE HD13 H N N 167 
ILE HXT  H N N 168 
LEU N    N N N 169 
LEU CA   C N S 170 
LEU C    C N N 171 
LEU O    O N N 172 
LEU CB   C N N 173 
LEU CG   C N N 174 
LEU CD1  C N N 175 
LEU CD2  C N N 176 
LEU OXT  O N N 177 
LEU H    H N N 178 
LEU H2   H N N 179 
LEU HA   H N N 180 
LEU HB2  H N N 181 
LEU HB3  H N N 182 
LEU HG   H N N 183 
LEU HD11 H N N 184 
LEU HD12 H N N 185 
LEU HD13 H N N 186 
LEU HD21 H N N 187 
LEU HD22 H N N 188 
LEU HD23 H N N 189 
LEU HXT  H N N 190 
LYS N    N N N 191 
LYS CA   C N S 192 
LYS C    C N N 193 
LYS O    O N N 194 
LYS CB   C N N 195 
LYS CG   C N N 196 
LYS CD   C N N 197 
LYS CE   C N N 198 
LYS NZ   N N N 199 
LYS OXT  O N N 200 
LYS H    H N N 201 
LYS H2   H N N 202 
LYS HA   H N N 203 
LYS HB2  H N N 204 
LYS HB3  H N N 205 
LYS HG2  H N N 206 
LYS HG3  H N N 207 
LYS HD2  H N N 208 
LYS HD3  H N N 209 
LYS HE2  H N N 210 
LYS HE3  H N N 211 
LYS HZ1  H N N 212 
LYS HZ2  H N N 213 
LYS HZ3  H N N 214 
LYS HXT  H N N 215 
MET N    N N N 216 
MET CA   C N S 217 
MET C    C N N 218 
MET O    O N N 219 
MET CB   C N N 220 
MET CG   C N N 221 
MET SD   S N N 222 
MET CE   C N N 223 
MET OXT  O N N 224 
MET H    H N N 225 
MET H2   H N N 226 
MET HA   H N N 227 
MET HB2  H N N 228 
MET HB3  H N N 229 
MET HG2  H N N 230 
MET HG3  H N N 231 
MET HE1  H N N 232 
MET HE2  H N N 233 
MET HE3  H N N 234 
MET HXT  H N N 235 
PHE N    N N N 236 
PHE CA   C N S 237 
PHE C    C N N 238 
PHE O    O N N 239 
PHE CB   C N N 240 
PHE CG   C Y N 241 
PHE CD1  C Y N 242 
PHE CD2  C Y N 243 
PHE CE1  C Y N 244 
PHE CE2  C Y N 245 
PHE CZ   C Y N 246 
PHE OXT  O N N 247 
PHE H    H N N 248 
PHE H2   H N N 249 
PHE HA   H N N 250 
PHE HB2  H N N 251 
PHE HB3  H N N 252 
PHE HD1  H N N 253 
PHE HD2  H N N 254 
PHE HE1  H N N 255 
PHE HE2  H N N 256 
PHE HZ   H N N 257 
PHE HXT  H N N 258 
PRO N    N N N 259 
PRO CA   C N S 260 
PRO C    C N N 261 
PRO O    O N N 262 
PRO CB   C N N 263 
PRO CG   C N N 264 
PRO CD   C N N 265 
PRO OXT  O N N 266 
PRO H    H N N 267 
PRO HA   H N N 268 
PRO HB2  H N N 269 
PRO HB3  H N N 270 
PRO HG2  H N N 271 
PRO HG3  H N N 272 
PRO HD2  H N N 273 
PRO HD3  H N N 274 
PRO HXT  H N N 275 
SER N    N N N 276 
SER CA   C N S 277 
SER C    C N N 278 
SER O    O N N 279 
SER CB   C N N 280 
SER OG   O N N 281 
SER OXT  O N N 282 
SER H    H N N 283 
SER H2   H N N 284 
SER HA   H N N 285 
SER HB2  H N N 286 
SER HB3  H N N 287 
SER HG   H N N 288 
SER HXT  H N N 289 
THR N    N N N 290 
THR CA   C N S 291 
THR C    C N N 292 
THR O    O N N 293 
THR CB   C N R 294 
THR OG1  O N N 295 
THR CG2  C N N 296 
THR OXT  O N N 297 
THR H    H N N 298 
THR H2   H N N 299 
THR HA   H N N 300 
THR HB   H N N 301 
THR HG1  H N N 302 
THR HG21 H N N 303 
THR HG22 H N N 304 
THR HG23 H N N 305 
THR HXT  H N N 306 
TRP N    N N N 307 
TRP CA   C N S 308 
TRP C    C N N 309 
TRP O    O N N 310 
TRP CB   C N N 311 
TRP CG   C Y N 312 
TRP CD1  C Y N 313 
TRP CD2  C Y N 314 
TRP NE1  N Y N 315 
TRP CE2  C Y N 316 
TRP CE3  C Y N 317 
TRP CZ2  C Y N 318 
TRP CZ3  C Y N 319 
TRP CH2  C Y N 320 
TRP OXT  O N N 321 
TRP H    H N N 322 
TRP H2   H N N 323 
TRP HA   H N N 324 
TRP HB2  H N N 325 
TRP HB3  H N N 326 
TRP HD1  H N N 327 
TRP HE1  H N N 328 
TRP HE3  H N N 329 
TRP HZ2  H N N 330 
TRP HZ3  H N N 331 
TRP HH2  H N N 332 
TRP HXT  H N N 333 
TYR N    N N N 334 
TYR CA   C N S 335 
TYR C    C N N 336 
TYR O    O N N 337 
TYR CB   C N N 338 
TYR CG   C Y N 339 
TYR CD1  C Y N 340 
TYR CD2  C Y N 341 
TYR CE1  C Y N 342 
TYR CE2  C Y N 343 
TYR CZ   C Y N 344 
TYR OH   O N N 345 
TYR OXT  O N N 346 
TYR H    H N N 347 
TYR H2   H N N 348 
TYR HA   H N N 349 
TYR HB2  H N N 350 
TYR HB3  H N N 351 
TYR HD1  H N N 352 
TYR HD2  H N N 353 
TYR HE1  H N N 354 
TYR HE2  H N N 355 
TYR HH   H N N 356 
TYR HXT  H N N 357 
VAL N    N N N 358 
VAL CA   C N S 359 
VAL C    C N N 360 
VAL O    O N N 361 
VAL CB   C N N 362 
VAL CG1  C N N 363 
VAL CG2  C N N 364 
VAL OXT  O N N 365 
VAL H    H N N 366 
VAL H2   H N N 367 
VAL HA   H N N 368 
VAL HB   H N N 369 
VAL HG11 H N N 370 
VAL HG12 H N N 371 
VAL HG13 H N N 372 
VAL HG21 H N N 373 
VAL HG22 H N N 374 
VAL HG23 H N N 375 
VAL HXT  H N N 376 
# 
loop_
_chem_comp_bond.comp_id 
_chem_comp_bond.atom_id_1 
_chem_comp_bond.atom_id_2 
_chem_comp_bond.value_order 
_chem_comp_bond.pdbx_aromatic_flag 
_chem_comp_bond.pdbx_stereo_config 
_chem_comp_bond.pdbx_ordinal 
ALA N   CA   sing N N 1   
ALA N   H    sing N N 2   
ALA N   H2   sing N N 3   
ALA CA  C    sing N N 4   
ALA CA  CB   sing N N 5   
ALA CA  HA   sing N N 6   
ALA C   O    doub N N 7   
ALA C   OXT  sing N N 8   
ALA CB  HB1  sing N N 9   
ALA CB  HB2  sing N N 10  
ALA CB  HB3  sing N N 11  
ALA OXT HXT  sing N N 12  
ARG N   CA   sing N N 13  
ARG N   H    sing N N 14  
ARG N   H2   sing N N 15  
ARG CA  C    sing N N 16  
ARG CA  CB   sing N N 17  
ARG CA  HA   sing N N 18  
ARG C   O    doub N N 19  
ARG C   OXT  sing N N 20  
ARG CB  CG   sing N N 21  
ARG CB  HB2  sing N N 22  
ARG CB  HB3  sing N N 23  
ARG CG  CD   sing N N 24  
ARG CG  HG2  sing N N 25  
ARG CG  HG3  sing N N 26  
ARG CD  NE   sing N N 27  
ARG CD  HD2  sing N N 28  
ARG CD  HD3  sing N N 29  
ARG NE  CZ   sing N N 30  
ARG NE  HE   sing N N 31  
ARG CZ  NH1  sing N N 32  
ARG CZ  NH2  doub N N 33  
ARG NH1 HH11 sing N N 34  
ARG NH1 HH12 sing N N 35  
ARG NH2 HH21 sing N N 36  
ARG NH2 HH22 sing N N 37  
ARG OXT HXT  sing N N 38  
ASN N   CA   sing N N 39  
ASN N   H    sing N N 40  
ASN N   H2   sing N N 41  
ASN CA  C    sing N N 42  
ASN CA  CB   sing N N 43  
ASN CA  HA   sing N N 44  
ASN C   O    doub N N 45  
ASN C   OXT  sing N N 46  
ASN CB  CG   sing N N 47  
ASN CB  HB2  sing N N 48  
ASN CB  HB3  sing N N 49  
ASN CG  OD1  doub N N 50  
ASN CG  ND2  sing N N 51  
ASN ND2 HD21 sing N N 52  
ASN ND2 HD22 sing N N 53  
ASN OXT HXT  sing N N 54  
ASP N   CA   sing N N 55  
ASP N   H    sing N N 56  
ASP N   H2   sing N N 57  
ASP CA  C    sing N N 58  
ASP CA  CB   sing N N 59  
ASP CA  HA   sing N N 60  
ASP C   O    doub N N 61  
ASP C   OXT  sing N N 62  
ASP CB  CG   sing N N 63  
ASP CB  HB2  sing N N 64  
ASP CB  HB3  sing N N 65  
ASP CG  OD1  doub N N 66  
ASP CG  OD2  sing N N 67  
ASP OD2 HD2  sing N N 68  
ASP OXT HXT  sing N N 69  
GLN N   CA   sing N N 70  
GLN N   H    sing N N 71  
GLN N   H2   sing N N 72  
GLN CA  C    sing N N 73  
GLN CA  CB   sing N N 74  
GLN CA  HA   sing N N 75  
GLN C   O    doub N N 76  
GLN C   OXT  sing N N 77  
GLN CB  CG   sing N N 78  
GLN CB  HB2  sing N N 79  
GLN CB  HB3  sing N N 80  
GLN CG  CD   sing N N 81  
GLN CG  HG2  sing N N 82  
GLN CG  HG3  sing N N 83  
GLN CD  OE1  doub N N 84  
GLN CD  NE2  sing N N 85  
GLN NE2 HE21 sing N N 86  
GLN NE2 HE22 sing N N 87  
GLN OXT HXT  sing N N 88  
GLU N   CA   sing N N 89  
GLU N   H    sing N N 90  
GLU N   H2   sing N N 91  
GLU CA  C    sing N N 92  
GLU CA  CB   sing N N 93  
GLU CA  HA   sing N N 94  
GLU C   O    doub N N 95  
GLU C   OXT  sing N N 96  
GLU CB  CG   sing N N 97  
GLU CB  HB2  sing N N 98  
GLU CB  HB3  sing N N 99  
GLU CG  CD   sing N N 100 
GLU CG  HG2  sing N N 101 
GLU CG  HG3  sing N N 102 
GLU CD  OE1  doub N N 103 
GLU CD  OE2  sing N N 104 
GLU OE2 HE2  sing N N 105 
GLU OXT HXT  sing N N 106 
GLY N   CA   sing N N 107 
GLY N   H    sing N N 108 
GLY N   H2   sing N N 109 
GLY CA  C    sing N N 110 
GLY CA  HA2  sing N N 111 
GLY CA  HA3  sing N N 112 
GLY C   O    doub N N 113 
GLY C   OXT  sing N N 114 
GLY OXT HXT  sing N N 115 
HIS N   CA   sing N N 116 
HIS N   H    sing N N 117 
HIS N   H2   sing N N 118 
HIS CA  C    sing N N 119 
HIS CA  CB   sing N N 120 
HIS CA  HA   sing N N 121 
HIS C   O    doub N N 122 
HIS C   OXT  sing N N 123 
HIS CB  CG   sing N N 124 
HIS CB  HB2  sing N N 125 
HIS CB  HB3  sing N N 126 
HIS CG  ND1  sing Y N 127 
HIS CG  CD2  doub Y N 128 
HIS ND1 CE1  doub Y N 129 
HIS ND1 HD1  sing N N 130 
HIS CD2 NE2  sing Y N 131 
HIS CD2 HD2  sing N N 132 
HIS CE1 NE2  sing Y N 133 
HIS CE1 HE1  sing N N 134 
HIS NE2 HE2  sing N N 135 
HIS OXT HXT  sing N N 136 
HOH O   H1   sing N N 137 
HOH O   H2   sing N N 138 
ILE N   CA   sing N N 139 
ILE N   H    sing N N 140 
ILE N   H2   sing N N 141 
ILE CA  C    sing N N 142 
ILE CA  CB   sing N N 143 
ILE CA  HA   sing N N 144 
ILE C   O    doub N N 145 
ILE C   OXT  sing N N 146 
ILE CB  CG1  sing N N 147 
ILE CB  CG2  sing N N 148 
ILE CB  HB   sing N N 149 
ILE CG1 CD1  sing N N 150 
ILE CG1 HG12 sing N N 151 
ILE CG1 HG13 sing N N 152 
ILE CG2 HG21 sing N N 153 
ILE CG2 HG22 sing N N 154 
ILE CG2 HG23 sing N N 155 
ILE CD1 HD11 sing N N 156 
ILE CD1 HD12 sing N N 157 
ILE CD1 HD13 sing N N 158 
ILE OXT HXT  sing N N 159 
LEU N   CA   sing N N 160 
LEU N   H    sing N N 161 
LEU N   H2   sing N N 162 
LEU CA  C    sing N N 163 
LEU CA  CB   sing N N 164 
LEU CA  HA   sing N N 165 
LEU C   O    doub N N 166 
LEU C   OXT  sing N N 167 
LEU CB  CG   sing N N 168 
LEU CB  HB2  sing N N 169 
LEU CB  HB3  sing N N 170 
LEU CG  CD1  sing N N 171 
LEU CG  CD2  sing N N 172 
LEU CG  HG   sing N N 173 
LEU CD1 HD11 sing N N 174 
LEU CD1 HD12 sing N N 175 
LEU CD1 HD13 sing N N 176 
LEU CD2 HD21 sing N N 177 
LEU CD2 HD22 sing N N 178 
LEU CD2 HD23 sing N N 179 
LEU OXT HXT  sing N N 180 
LYS N   CA   sing N N 181 
LYS N   H    sing N N 182 
LYS N   H2   sing N N 183 
LYS CA  C    sing N N 184 
LYS CA  CB   sing N N 185 
LYS CA  HA   sing N N 186 
LYS C   O    doub N N 187 
LYS C   OXT  sing N N 188 
LYS CB  CG   sing N N 189 
LYS CB  HB2  sing N N 190 
LYS CB  HB3  sing N N 191 
LYS CG  CD   sing N N 192 
LYS CG  HG2  sing N N 193 
LYS CG  HG3  sing N N 194 
LYS CD  CE   sing N N 195 
LYS CD  HD2  sing N N 196 
LYS CD  HD3  sing N N 197 
LYS CE  NZ   sing N N 198 
LYS CE  HE2  sing N N 199 
LYS CE  HE3  sing N N 200 
LYS NZ  HZ1  sing N N 201 
LYS NZ  HZ2  sing N N 202 
LYS NZ  HZ3  sing N N 203 
LYS OXT HXT  sing N N 204 
MET N   CA   sing N N 205 
MET N   H    sing N N 206 
MET N   H2   sing N N 207 
MET CA  C    sing N N 208 
MET CA  CB   sing N N 209 
MET CA  HA   sing N N 210 
MET C   O    doub N N 211 
MET C   OXT  sing N N 212 
MET CB  CG   sing N N 213 
MET CB  HB2  sing N N 214 
MET CB  HB3  sing N N 215 
MET CG  SD   sing N N 216 
MET CG  HG2  sing N N 217 
MET CG  HG3  sing N N 218 
MET SD  CE   sing N N 219 
MET CE  HE1  sing N N 220 
MET CE  HE2  sing N N 221 
MET CE  HE3  sing N N 222 
MET OXT HXT  sing N N 223 
PHE N   CA   sing N N 224 
PHE N   H    sing N N 225 
PHE N   H2   sing N N 226 
PHE CA  C    sing N N 227 
PHE CA  CB   sing N N 228 
PHE CA  HA   sing N N 229 
PHE C   O    doub N N 230 
PHE C   OXT  sing N N 231 
PHE CB  CG   sing N N 232 
PHE CB  HB2  sing N N 233 
PHE CB  HB3  sing N N 234 
PHE CG  CD1  doub Y N 235 
PHE CG  CD2  sing Y N 236 
PHE CD1 CE1  sing Y N 237 
PHE CD1 HD1  sing N N 238 
PHE CD2 CE2  doub Y N 239 
PHE CD2 HD2  sing N N 240 
PHE CE1 CZ   doub Y N 241 
PHE CE1 HE1  sing N N 242 
PHE CE2 CZ   sing Y N 243 
PHE CE2 HE2  sing N N 244 
PHE CZ  HZ   sing N N 245 
PHE OXT HXT  sing N N 246 
PRO N   CA   sing N N 247 
PRO N   CD   sing N N 248 
PRO N   H    sing N N 249 
PRO CA  C    sing N N 250 
PRO CA  CB   sing N N 251 
PRO CA  HA   sing N N 252 
PRO C   O    doub N N 253 
PRO C   OXT  sing N N 254 
PRO CB  CG   sing N N 255 
PRO CB  HB2  sing N N 256 
PRO CB  HB3  sing N N 257 
PRO CG  CD   sing N N 258 
PRO CG  HG2  sing N N 259 
PRO CG  HG3  sing N N 260 
PRO CD  HD2  sing N N 261 
PRO CD  HD3  sing N N 262 
PRO OXT HXT  sing N N 263 
SER N   CA   sing N N 264 
SER N   H    sing N N 265 
SER N   H2   sing N N 266 
SER CA  C    sing N N 267 
SER CA  CB   sing N N 268 
SER CA  HA   sing N N 269 
SER C   O    doub N N 270 
SER C   OXT  sing N N 271 
SER CB  OG   sing N N 272 
SER CB  HB2  sing N N 273 
SER CB  HB3  sing N N 274 
SER OG  HG   sing N N 275 
SER OXT HXT  sing N N 276 
THR N   CA   sing N N 277 
THR N   H    sing N N 278 
THR N   H2   sing N N 279 
THR CA  C    sing N N 280 
THR CA  CB   sing N N 281 
THR CA  HA   sing N N 282 
THR C   O    doub N N 283 
THR C   OXT  sing N N 284 
THR CB  OG1  sing N N 285 
THR CB  CG2  sing N N 286 
THR CB  HB   sing N N 287 
THR OG1 HG1  sing N N 288 
THR CG2 HG21 sing N N 289 
THR CG2 HG22 sing N N 290 
THR CG2 HG23 sing N N 291 
THR OXT HXT  sing N N 292 
TRP N   CA   sing N N 293 
TRP N   H    sing N N 294 
TRP N   H2   sing N N 295 
TRP CA  C    sing N N 296 
TRP CA  CB   sing N N 297 
TRP CA  HA   sing N N 298 
TRP C   O    doub N N 299 
TRP C   OXT  sing N N 300 
TRP CB  CG   sing N N 301 
TRP CB  HB2  sing N N 302 
TRP CB  HB3  sing N N 303 
TRP CG  CD1  doub Y N 304 
TRP CG  CD2  sing Y N 305 
TRP CD1 NE1  sing Y N 306 
TRP CD1 HD1  sing N N 307 
TRP CD2 CE2  doub Y N 308 
TRP CD2 CE3  sing Y N 309 
TRP NE1 CE2  sing Y N 310 
TRP NE1 HE1  sing N N 311 
TRP CE2 CZ2  sing Y N 312 
TRP CE3 CZ3  doub Y N 313 
TRP CE3 HE3  sing N N 314 
TRP CZ2 CH2  doub Y N 315 
TRP CZ2 HZ2  sing N N 316 
TRP CZ3 CH2  sing Y N 317 
TRP CZ3 HZ3  sing N N 318 
TRP CH2 HH2  sing N N 319 
TRP OXT HXT  sing N N 320 
TYR N   CA   sing N N 321 
TYR N   H    sing N N 322 
TYR N   H2   sing N N 323 
TYR CA  C    sing N N 324 
TYR CA  CB   sing N N 325 
TYR CA  HA   sing N N 326 
TYR C   O    doub N N 327 
TYR C   OXT  sing N N 328 
TYR CB  CG   sing N N 329 
TYR CB  HB2  sing N N 330 
TYR CB  HB3  sing N N 331 
TYR CG  CD1  doub Y N 332 
TYR CG  CD2  sing Y N 333 
TYR CD1 CE1  sing Y N 334 
TYR CD1 HD1  sing N N 335 
TYR CD2 CE2  doub Y N 336 
TYR CD2 HD2  sing N N 337 
TYR CE1 CZ   doub Y N 338 
TYR CE1 HE1  sing N N 339 
TYR CE2 CZ   sing Y N 340 
TYR CE2 HE2  sing N N 341 
TYR CZ  OH   sing N N 342 
TYR OH  HH   sing N N 343 
TYR OXT HXT  sing N N 344 
VAL N   CA   sing N N 345 
VAL N   H    sing N N 346 
VAL N   H2   sing N N 347 
VAL CA  C    sing N N 348 
VAL CA  CB   sing N N 349 
VAL CA  HA   sing N N 350 
VAL C   O    doub N N 351 
VAL C   OXT  sing N N 352 
VAL CB  CG1  sing N N 353 
VAL CB  CG2  sing N N 354 
VAL CB  HB   sing N N 355 
VAL CG1 HG11 sing N N 356 
VAL CG1 HG12 sing N N 357 
VAL CG1 HG13 sing N N 358 
VAL CG2 HG21 sing N N 359 
VAL CG2 HG22 sing N N 360 
VAL CG2 HG23 sing N N 361 
VAL OXT HXT  sing N N 362 
# 
_atom_sites.entry_id                    4JE4 
_atom_sites.fract_transf_matrix[1][1]   -0.02730607 
_atom_sites.fract_transf_matrix[1][2]   0.01759167 
_atom_sites.fract_transf_matrix[1][3]   0.00376856 
_atom_sites.fract_transf_matrix[2][1]   0.00407092 
_atom_sites.fract_transf_matrix[2][2]   0.00864697 
_atom_sites.fract_transf_matrix[2][3]   -0.01086721 
_atom_sites.fract_transf_matrix[3][1]   -0.00559971 
_atom_sites.fract_transf_matrix[3][2]   -0.00704220 
_atom_sites.fract_transf_matrix[3][3]   -0.00770112 
_atom_sites.fract_transf_vector[1]      -0.072465 
_atom_sites.fract_transf_vector[2]      -0.070907 
_atom_sites.fract_transf_vector[3]      0.218230 
# 
loop_
_atom_type.symbol 
C 
N 
O 
S 
# 
loop_
_atom_site.group_PDB 
_atom_site.id 
_atom_site.type_symbol 
_atom_site.label_atom_id 
_atom_site.label_alt_id 
_atom_site.label_comp_id 
_atom_site.label_asym_id 
_atom_site.label_entity_id 
_atom_site.label_seq_id 
_atom_site.pdbx_PDB_ins_code 
_atom_site.Cartn_x 
_atom_site.Cartn_y 
_atom_site.Cartn_z 
_atom_site.occupancy 
_atom_site.B_iso_or_equiv 
_atom_site.pdbx_formal_charge 
_atom_site.auth_seq_id 
_atom_site.auth_comp_id 
_atom_site.auth_asym_id 
_atom_site.auth_atom_id 
_atom_site.pdbx_PDB_model_num 
ATOM   1    N N   . SER A 1 3   ? -4.572  -20.055 -5.550  1.00 37.34 ? 3   SER A N   1 
ATOM   2    C CA  . SER A 1 3   ? -5.239  -20.626 -4.386  1.00 38.52 ? 3   SER A CA  1 
ATOM   3    C C   . SER A 1 3   ? -4.345  -20.672 -3.144  1.00 35.98 ? 3   SER A C   1 
ATOM   4    O O   . SER A 1 3   ? -3.268  -21.273 -3.163  1.00 44.64 ? 3   SER A O   1 
ATOM   5    C CB  . SER A 1 3   ? -5.768  -22.029 -4.710  1.00 44.17 ? 3   SER A CB  1 
ATOM   6    O OG  . SER A 1 3   ? -6.330  -22.651 -3.566  1.00 46.25 ? 3   SER A OG  1 
ATOM   7    N N   . ARG A 1 4   ? -4.796  -20.002 -2.086  1.00 36.39 ? 4   ARG A N   1 
ATOM   8    C CA  . ARG A 1 4   ? -4.266  -20.187 -0.733  1.00 38.16 ? 4   ARG A CA  1 
ATOM   9    C C   . ARG A 1 4   ? -2.866  -19.618 -0.475  1.00 30.46 ? 4   ARG A C   1 
ATOM   10   O O   . ARG A 1 4   ? -2.729  -18.563 0.143   1.00 32.52 ? 4   ARG A O   1 
ATOM   11   C CB  . ARG A 1 4   ? -4.319  -21.670 -0.344  1.00 44.44 ? 4   ARG A CB  1 
ATOM   12   C CG  . ARG A 1 4   ? -4.242  -21.945 1.147   1.00 43.73 ? 4   ARG A CG  1 
ATOM   13   C CD  . ARG A 1 4   ? -4.574  -23.400 1.424   1.00 52.97 ? 4   ARG A CD  1 
ATOM   14   N NE  . ARG A 1 4   ? -5.701  -23.846 0.608   1.00 54.32 ? 4   ARG A NE  1 
ATOM   15   C CZ  . ARG A 1 4   ? -6.977  -23.645 0.921   1.00 53.49 ? 4   ARG A CZ  1 
ATOM   16   N NH1 . ARG A 1 4   ? -7.296  -23.005 2.038   1.00 45.61 ? 4   ARG A NH1 1 
ATOM   17   N NH2 . ARG A 1 4   ? -7.936  -24.082 0.114   1.00 50.42 ? 4   ARG A NH2 1 
ATOM   18   N N   . ARG A 1 5   ? -1.842  -20.328 -0.944  1.00 29.91 ? 5   ARG A N   1 
ATOM   19   C CA  . ARG A 1 5   ? -0.444  -20.059 -0.590  1.00 30.03 ? 5   ARG A CA  1 
ATOM   20   C C   . ARG A 1 5   ? 0.024   -18.608 -0.731  1.00 29.21 ? 5   ARG A C   1 
ATOM   21   O O   . ARG A 1 5   ? 0.729   -18.092 0.139   1.00 25.71 ? 5   ARG A O   1 
ATOM   22   C CB  . ARG A 1 5   ? 0.484   -20.951 -1.411  1.00 34.06 ? 5   ARG A CB  1 
ATOM   23   C CG  . ARG A 1 5   ? 0.286   -22.440 -1.219  1.00 36.37 ? 5   ARG A CG  1 
ATOM   24   C CD  . ARG A 1 5   ? 0.577   -23.158 -2.531  1.00 44.20 ? 5   ARG A CD  1 
ATOM   25   N NE  . ARG A 1 5   ? 1.063   -24.519 -2.334  1.00 46.18 ? 5   ARG A NE  1 
ATOM   26   C CZ  . ARG A 1 5   ? 2.348   -24.861 -2.280  1.00 44.25 ? 5   ARG A CZ  1 
ATOM   27   N NH1 . ARG A 1 5   ? 3.297   -23.939 -2.406  1.00 39.73 ? 5   ARG A NH1 1 
ATOM   28   N NH2 . ARG A 1 5   ? 2.686   -26.132 -2.098  1.00 43.59 ? 5   ARG A NH2 1 
ATOM   29   N N   . TRP A 1 6   ? -0.348  -17.959 -1.831  1.00 25.17 ? 6   TRP A N   1 
ATOM   30   C CA  . TRP A 1 6   ? 0.104   -16.592 -2.091  1.00 22.83 ? 6   TRP A CA  1 
ATOM   31   C C   . TRP A 1 6   ? -0.699  -15.540 -1.326  1.00 18.88 ? 6   TRP A C   1 
ATOM   32   O O   . TRP A 1 6   ? -0.433  -14.345 -1.445  1.00 15.28 ? 6   TRP A O   1 
ATOM   33   C CB  . TRP A 1 6   ? 0.094   -16.287 -3.592  1.00 19.36 ? 6   TRP A CB  1 
ATOM   34   C CG  . TRP A 1 6   ? -1.127  -16.790 -4.291  1.00 22.68 ? 6   TRP A CG  1 
ATOM   35   C CD1 . TRP A 1 6   ? -1.225  -17.914 -5.055  1.00 23.86 ? 6   TRP A CD1 1 
ATOM   36   C CD2 . TRP A 1 6   ? -2.430  -16.193 -4.283  1.00 22.36 ? 6   TRP A CD2 1 
ATOM   37   N NE1 . TRP A 1 6   ? -2.506  -18.055 -5.529  1.00 29.28 ? 6   TRP A NE1 1 
ATOM   38   C CE2 . TRP A 1 6   ? -3.268  -17.013 -5.069  1.00 25.83 ? 6   TRP A CE2 1 
ATOM   39   C CE3 . TRP A 1 6   ? -2.973  -15.047 -3.692  1.00 16.87 ? 6   TRP A CE3 1 
ATOM   40   C CZ2 . TRP A 1 6   ? -4.616  -16.725 -5.278  1.00 22.45 ? 6   TRP A CZ2 1 
ATOM   41   C CZ3 . TRP A 1 6   ? -4.312  -14.762 -3.898  1.00 21.41 ? 6   TRP A CZ3 1 
ATOM   42   C CH2 . TRP A 1 6   ? -5.119  -15.599 -4.685  1.00 20.54 ? 6   TRP A CH2 1 
ATOM   43   N N   . PHE A 1 7   ? -1.678  -15.985 -0.544  1.00 16.94 ? 7   PHE A N   1 
ATOM   44   C CA  . PHE A 1 7   ? -2.439  -15.075 0.308   1.00 15.53 ? 7   PHE A CA  1 
ATOM   45   C C   . PHE A 1 7   ? -1.843  -15.018 1.710   1.00 16.62 ? 7   PHE A C   1 
ATOM   46   O O   . PHE A 1 7   ? -1.763  -16.034 2.396   1.00 18.33 ? 7   PHE A O   1 
ATOM   47   C CB  . PHE A 1 7   ? -3.907  -15.492 0.385   1.00 17.41 ? 7   PHE A CB  1 
ATOM   48   C CG  . PHE A 1 7   ? -4.731  -14.629 1.299   1.00 19.26 ? 7   PHE A CG  1 
ATOM   49   C CD1 . PHE A 1 7   ? -4.966  -13.297 0.990   1.00 13.11 ? 7   PHE A CD1 1 
ATOM   50   C CD2 . PHE A 1 7   ? -5.270  -15.148 2.470   1.00 16.41 ? 7   PHE A CD2 1 
ATOM   51   C CE1 . PHE A 1 7   ? -5.720  -12.497 1.828   1.00 14.45 ? 7   PHE A CE1 1 
ATOM   52   C CE2 . PHE A 1 7   ? -6.027  -14.354 3.311   1.00 20.60 ? 7   PHE A CE2 1 
ATOM   53   C CZ  . PHE A 1 7   ? -6.252  -13.024 2.991   1.00 20.24 ? 7   PHE A CZ  1 
ATOM   54   N N   . HIS A 1 8   ? -1.432  -13.825 2.130   1.00 13.92 ? 8   HIS A N   1 
ATOM   55   C CA  . HIS A 1 8   ? -0.795  -13.640 3.430   1.00 15.18 ? 8   HIS A CA  1 
ATOM   56   C C   . HIS A 1 8   ? -1.720  -12.878 4.381   1.00 16.83 ? 8   HIS A C   1 
ATOM   57   O O   . HIS A 1 8   ? -1.826  -11.651 4.305   1.00 16.25 ? 8   HIS A O   1 
ATOM   58   C CB  . HIS A 1 8   ? 0.538   -12.901 3.270   1.00 13.29 ? 8   HIS A CB  1 
ATOM   59   C CG  . HIS A 1 8   ? 1.508   -13.585 2.353   1.00 16.22 ? 8   HIS A CG  1 
ATOM   60   N ND1 . HIS A 1 8   ? 2.731   -14.056 2.780   1.00 16.64 ? 8   HIS A ND1 1 
ATOM   61   C CD2 . HIS A 1 8   ? 1.437   -13.870 1.031   1.00 14.93 ? 8   HIS A CD2 1 
ATOM   62   C CE1 . HIS A 1 8   ? 3.370   -14.605 1.762   1.00 16.43 ? 8   HIS A CE1 1 
ATOM   63   N NE2 . HIS A 1 8   ? 2.607   -14.506 0.689   1.00 16.33 ? 8   HIS A NE2 1 
ATOM   64   N N   . PRO A 1 9   ? -2.389  -13.608 5.288   1.00 17.71 ? 9   PRO A N   1 
ATOM   65   C CA  . PRO A 1 9   ? -3.455  -13.048 6.130   1.00 19.12 ? 9   PRO A CA  1 
ATOM   66   C C   . PRO A 1 9   ? -2.989  -12.153 7.283   1.00 19.01 ? 9   PRO A C   1 
ATOM   67   O O   . PRO A 1 9   ? -3.761  -11.302 7.726   1.00 19.54 ? 9   PRO A O   1 
ATOM   68   C CB  . PRO A 1 9   ? -4.152  -14.297 6.683   1.00 22.16 ? 9   PRO A CB  1 
ATOM   69   C CG  . PRO A 1 9   ? -3.085  -15.343 6.697   1.00 23.35 ? 9   PRO A CG  1 
ATOM   70   C CD  . PRO A 1 9   ? -2.219  -15.059 5.497   1.00 19.94 ? 9   PRO A CD  1 
ATOM   71   N N   . ASN A 1 10  ? -1.761  -12.331 7.759   1.00 18.40 ? 10  ASN A N   1 
ATOM   72   C CA  . ASN A 1 10  ? -1.332  -11.663 8.987   1.00 19.56 ? 10  ASN A CA  1 
ATOM   73   C C   . ASN A 1 10  ? -0.205  -10.643 8.828   1.00 19.66 ? 10  ASN A C   1 
ATOM   74   O O   . ASN A 1 10  ? 0.579   -10.434 9.756   1.00 23.12 ? 10  ASN A O   1 
ATOM   75   C CB  . ASN A 1 10  ? -0.935  -12.700 10.042  1.00 24.20 ? 10  ASN A CB  1 
ATOM   76   C CG  . ASN A 1 10  ? -2.079  -13.625 10.412  1.00 29.81 ? 10  ASN A CG  1 
ATOM   77   O OD1 . ASN A 1 10  ? -3.236  -13.209 10.467  1.00 33.20 ? 10  ASN A OD1 1 
ATOM   78   N ND2 . ASN A 1 10  ? -1.759  -14.889 10.666  1.00 32.59 ? 10  ASN A ND2 1 
ATOM   79   N N   . ILE A 1 11  ? -0.122  -10.004 7.668   1.00 16.45 ? 11  ILE A N   1 
ATOM   80   C CA  . ILE A 1 11  ? 0.928   -9.013  7.443   1.00 18.43 ? 11  ILE A CA  1 
ATOM   81   C C   . ILE A 1 11  ? 0.375   -7.607  7.205   1.00 15.26 ? 11  ILE A C   1 
ATOM   82   O O   . ILE A 1 11  ? -0.802  -7.435  6.894   1.00 15.62 ? 11  ILE A O   1 
ATOM   83   C CB  . ILE A 1 11  ? 1.848   -9.407  6.266   1.00 15.71 ? 11  ILE A CB  1 
ATOM   84   C CG1 . ILE A 1 11  ? 1.069   -9.416  4.950   1.00 16.95 ? 11  ILE A CG1 1 
ATOM   85   C CG2 . ILE A 1 11  ? 2.498   -10.764 6.521   1.00 13.60 ? 11  ILE A CG2 1 
ATOM   86   C CD1 . ILE A 1 11  ? 1.933   -9.700  3.738   1.00 14.49 ? 11  ILE A CD1 1 
ATOM   87   N N   . THR A 1 12  ? 1.235   -6.608  7.374   1.00 14.48 ? 12  THR A N   1 
ATOM   88   C CA  . THR A 1 12  ? 0.906   -5.235  7.013   1.00 13.98 ? 12  THR A CA  1 
ATOM   89   C C   . THR A 1 12  ? 1.460   -4.943  5.622   1.00 11.52 ? 12  THR A C   1 
ATOM   90   O O   . THR A 1 12  ? 2.053   -5.816  4.990   1.00 12.63 ? 12  THR A O   1 
ATOM   91   C CB  . THR A 1 12  ? 1.512   -4.235  8.009   1.00 13.64 ? 12  THR A CB  1 
ATOM   92   O OG1 . THR A 1 12  ? 2.923   -4.467  8.122   1.00 14.84 ? 12  THR A OG1 1 
ATOM   93   C CG2 . THR A 1 12  ? 0.871   -4.394  9.376   1.00 15.02 ? 12  THR A CG2 1 
ATOM   94   N N   . GLY A 1 13  ? 1.270   -3.717  5.148   1.00 12.60 ? 13  GLY A N   1 
ATOM   95   C CA  . GLY A 1 13  ? 1.801   -3.319  3.855   1.00 11.59 ? 13  GLY A CA  1 
ATOM   96   C C   . GLY A 1 13  ? 3.319   -3.314  3.845   1.00 10.83 ? 13  GLY A C   1 
ATOM   97   O O   . GLY A 1 13  ? 3.943   -3.754  2.883   1.00 10.37 ? 13  GLY A O   1 
ATOM   98   N N   . VAL A 1 14  ? 3.910   -2.818  4.929   1.00 12.25 ? 14  VAL A N   1 
ATOM   99   C CA  . VAL A 1 14  ? 5.363   -2.740  5.055   1.00 12.10 ? 14  VAL A CA  1 
ATOM   100  C C   . VAL A 1 14  ? 5.987   -4.129  5.193   1.00 12.09 ? 14  VAL A C   1 
ATOM   101  O O   . VAL A 1 14  ? 7.052   -4.395  4.635   1.00 14.49 ? 14  VAL A O   1 
ATOM   102  C CB  . VAL A 1 14  ? 5.777   -1.825  6.232   1.00 13.32 ? 14  VAL A CB  1 
ATOM   103  C CG1 . VAL A 1 14  ? 7.273   -1.935  6.519   1.00 10.72 ? 14  VAL A CG1 1 
ATOM   104  C CG2 . VAL A 1 14  ? 5.397   -0.382  5.929   1.00 9.58  ? 14  VAL A CG2 1 
ATOM   105  N N   . GLU A 1 15  ? 5.315   -5.011  5.928   1.00 13.14 ? 15  GLU A N   1 
ATOM   106  C CA  . GLU A 1 15  ? 5.730   -6.408  6.008   1.00 11.32 ? 15  GLU A CA  1 
ATOM   107  C C   . GLU A 1 15  ? 5.713   -7.041  4.623   1.00 12.82 ? 15  GLU A C   1 
ATOM   108  O O   . GLU A 1 15  ? 6.644   -7.757  4.249   1.00 15.76 ? 15  GLU A O   1 
ATOM   109  C CB  . GLU A 1 15  ? 4.828   -7.195  6.963   1.00 12.08 ? 15  GLU A CB  1 
ATOM   110  C CG  . GLU A 1 15  ? 5.298   -7.189  8.411   1.00 13.46 ? 15  GLU A CG  1 
ATOM   111  C CD  . GLU A 1 15  ? 4.285   -7.804  9.367   1.00 17.19 ? 15  GLU A CD  1 
ATOM   112  O OE1 . GLU A 1 15  ? 3.075   -7.516  9.227   1.00 17.43 ? 15  GLU A OE1 1 
ATOM   113  O OE2 . GLU A 1 15  ? 4.700   -8.573  10.260  1.00 15.06 ? 15  GLU A OE2 1 
ATOM   114  N N   . ALA A 1 16  ? 4.657   -6.764  3.863   1.00 10.56 ? 16  ALA A N   1 
ATOM   115  C CA  . ALA A 1 16  ? 4.530   -7.259  2.497   1.00 11.24 ? 16  ALA A CA  1 
ATOM   116  C C   . ALA A 1 16  ? 5.662   -6.762  1.596   1.00 12.17 ? 16  ALA A C   1 
ATOM   117  O O   . ALA A 1 16  ? 6.209   -7.527  0.800   1.00 12.52 ? 16  ALA A O   1 
ATOM   118  C CB  . ALA A 1 16  ? 3.176   -6.869  1.913   1.00 9.42  ? 16  ALA A CB  1 
ATOM   119  N N   . GLU A 1 17  ? 6.005   -5.483  1.720   1.00 12.52 ? 17  GLU A N   1 
ATOM   120  C CA  . GLU A 1 17  ? 7.098   -4.905  0.939   1.00 14.44 ? 17  GLU A CA  1 
ATOM   121  C C   . GLU A 1 17  ? 8.426   -5.582  1.264   1.00 12.21 ? 17  GLU A C   1 
ATOM   122  O O   . GLU A 1 17  ? 9.192   -5.926  0.364   1.00 12.73 ? 17  GLU A O   1 
ATOM   123  C CB  . GLU A 1 17  ? 7.200   -3.396  1.174   1.00 10.91 ? 17  GLU A CB  1 
ATOM   124  C CG  . GLU A 1 17  ? 6.010   -2.606  0.658   1.00 13.64 ? 17  GLU A CG  1 
ATOM   125  C CD  . GLU A 1 17  ? 6.042   -1.151  1.083   1.00 15.07 ? 17  GLU A CD  1 
ATOM   126  O OE1 . GLU A 1 17  ? 6.848   -0.805  1.974   1.00 17.93 ? 17  GLU A OE1 1 
ATOM   127  O OE2 . GLU A 1 17  ? 5.264   -0.351  0.524   1.00 14.92 ? 17  GLU A OE2 1 
ATOM   128  N N   . ASN A 1 18  ? 8.687   -5.783  2.554   1.00 11.67 ? 18  ASN A N   1 
ATOM   129  C CA  . ASN A 1 18  ? 9.919   -6.432  2.992   1.00 12.20 ? 18  ASN A CA  1 
ATOM   130  C C   . ASN A 1 18  ? 10.035  -7.880  2.514   1.00 13.72 ? 18  ASN A C   1 
ATOM   131  O O   . ASN A 1 18  ? 11.132  -8.356  2.222   1.00 14.31 ? 18  ASN A O   1 
ATOM   132  C CB  . ASN A 1 18  ? 10.058  -6.351  4.513   1.00 11.35 ? 18  ASN A CB  1 
ATOM   133  C CG  . ASN A 1 18  ? 10.113  -4.922  5.016   1.00 15.02 ? 18  ASN A CG  1 
ATOM   134  O OD1 . ASN A 1 18  ? 10.382  -3.994  4.254   1.00 15.06 ? 18  ASN A OD1 1 
ATOM   135  N ND2 . ASN A 1 18  ? 9.859   -4.738  6.306   1.00 22.97 ? 18  ASN A ND2 1 
ATOM   136  N N   . LEU A 1 19  ? 8.904   -8.578  2.438   1.00 10.36 ? 19  LEU A N   1 
ATOM   137  C CA  . LEU A 1 19  ? 8.878   -9.921  1.871   1.00 12.47 ? 19  LEU A CA  1 
ATOM   138  C C   . LEU A 1 19  ? 9.242   -9.883  0.390   1.00 11.73 ? 19  LEU A C   1 
ATOM   139  O O   . LEU A 1 19  ? 10.115  -10.621 -0.065  1.00 10.56 ? 19  LEU A O   1 
ATOM   140  C CB  . LEU A 1 19  ? 7.498   -10.566 2.049   1.00 12.19 ? 19  LEU A CB  1 
ATOM   141  C CG  . LEU A 1 19  ? 7.136   -11.089 3.441   1.00 16.73 ? 19  LEU A CG  1 
ATOM   142  C CD1 . LEU A 1 19  ? 5.738   -11.701 3.446   1.00 14.29 ? 19  LEU A CD1 1 
ATOM   143  C CD2 . LEU A 1 19  ? 8.169   -12.099 3.921   1.00 17.84 ? 19  LEU A CD2 1 
ATOM   144  N N   . LEU A 1 20  ? 8.572   -9.010  -0.355  1.00 9.83  ? 20  LEU A N   1 
ATOM   145  C CA  . LEU A 1 20  ? 8.796   -8.892  -1.791  1.00 10.96 ? 20  LEU A CA  1 
ATOM   146  C C   . LEU A 1 20  ? 10.193  -8.378  -2.128  1.00 9.73  ? 20  LEU A C   1 
ATOM   147  O O   . LEU A 1 20  ? 10.782  -8.788  -3.124  1.00 10.14 ? 20  LEU A O   1 
ATOM   148  C CB  . LEU A 1 20  ? 7.743   -7.978  -2.427  1.00 10.23 ? 20  LEU A CB  1 
ATOM   149  C CG  . LEU A 1 20  ? 6.308   -8.505  -2.491  1.00 12.80 ? 20  LEU A CG  1 
ATOM   150  C CD1 . LEU A 1 20  ? 5.361   -7.410  -2.958  1.00 11.11 ? 20  LEU A CD1 1 
ATOM   151  C CD2 . LEU A 1 20  ? 6.225   -9.710  -3.413  1.00 11.37 ? 20  LEU A CD2 1 
ATOM   152  N N   . LEU A 1 21  ? 10.719  -7.483  -1.298  1.00 12.37 ? 21  LEU A N   1 
ATOM   153  C CA  . LEU A 1 21  ? 11.991  -6.824  -1.592  1.00 12.95 ? 21  LEU A CA  1 
ATOM   154  C C   . LEU A 1 21  ? 13.222  -7.586  -1.092  1.00 13.83 ? 21  LEU A C   1 
ATOM   155  O O   . LEU A 1 21  ? 14.355  -7.217  -1.409  1.00 14.29 ? 21  LEU A O   1 
ATOM   156  C CB  . LEU A 1 21  ? 11.998  -5.392  -1.046  1.00 10.19 ? 21  LEU A CB  1 
ATOM   157  C CG  . LEU A 1 21  ? 11.065  -4.396  -1.744  1.00 11.06 ? 21  LEU A CG  1 
ATOM   158  C CD1 . LEU A 1 21  ? 11.045  -3.067  -1.000  1.00 7.33  ? 21  LEU A CD1 1 
ATOM   159  C CD2 . LEU A 1 21  ? 11.461  -4.199  -3.207  1.00 9.23  ? 21  LEU A CD2 1 
ATOM   160  N N   . THR A 1 22  ? 13.004  -8.644  -0.316  1.00 10.73 ? 22  THR A N   1 
ATOM   161  C CA  . THR A 1 22  ? 14.115  -9.426  0.223   1.00 11.83 ? 22  THR A CA  1 
ATOM   162  C C   . THR A 1 22  ? 14.000  -10.923 -0.068  1.00 13.47 ? 22  THR A C   1 
ATOM   163  O O   . THR A 1 22  ? 14.959  -11.667 0.127   1.00 14.47 ? 22  THR A O   1 
ATOM   164  C CB  . THR A 1 22  ? 14.275  -9.229  1.752   1.00 11.44 ? 22  THR A CB  1 
ATOM   165  O OG1 . THR A 1 22  ? 13.132  -9.762  2.435   1.00 11.91 ? 22  THR A OG1 1 
ATOM   166  C CG2 . THR A 1 22  ? 14.432  -7.757  2.097   1.00 12.35 ? 22  THR A CG2 1 
ATOM   167  N N   . ARG A 1 23  ? 12.832  -11.367 -0.526  1.00 13.23 ? 23  ARG A N   1 
ATOM   168  C CA  . ARG A 1 23  ? 12.617  -12.790 -0.797  1.00 16.54 ? 23  ARG A CA  1 
ATOM   169  C C   . ARG A 1 23  ? 12.046  -13.065 -2.188  1.00 16.95 ? 23  ARG A C   1 
ATOM   170  O O   . ARG A 1 23  ? 11.972  -14.216 -2.620  1.00 17.58 ? 23  ARG A O   1 
ATOM   171  C CB  . ARG A 1 23  ? 11.705  -13.410 0.263   1.00 17.26 ? 23  ARG A CB  1 
ATOM   172  C CG  . ARG A 1 23  ? 12.274  -13.388 1.667   1.00 21.22 ? 23  ARG A CG  1 
ATOM   173  C CD  . ARG A 1 23  ? 11.315  -14.040 2.638   1.00 25.86 ? 23  ARG A CD  1 
ATOM   174  N NE  . ARG A 1 23  ? 11.894  -14.196 3.967   1.00 32.74 ? 23  ARG A NE  1 
ATOM   175  C CZ  . ARG A 1 23  ? 11.438  -15.051 4.878   1.00 41.13 ? 23  ARG A CZ  1 
ATOM   176  N NH1 . ARG A 1 23  ? 10.403  -15.829 4.596   1.00 37.07 ? 23  ARG A NH1 1 
ATOM   177  N NH2 . ARG A 1 23  ? 12.022  -15.132 6.068   1.00 43.40 ? 23  ARG A NH2 1 
ATOM   178  N N   . GLY A 1 24  ? 11.638  -12.008 -2.883  1.00 13.48 ? 24  GLY A N   1 
ATOM   179  C CA  . GLY A 1 24  ? 11.091  -12.150 -4.218  1.00 12.22 ? 24  GLY A CA  1 
ATOM   180  C C   . GLY A 1 24  ? 11.974  -11.501 -5.266  1.00 16.97 ? 24  GLY A C   1 
ATOM   181  O O   . GLY A 1 24  ? 13.085  -11.056 -4.967  1.00 17.32 ? 24  GLY A O   1 
ATOM   182  N N   . VAL A 1 25  ? 11.476  -11.454 -6.498  1.00 11.80 ? 25  VAL A N   1 
ATOM   183  C CA  . VAL A 1 25  ? 12.167  -10.796 -7.599  1.00 11.26 ? 25  VAL A CA  1 
ATOM   184  C C   . VAL A 1 25  ? 11.180  -9.862  -8.293  1.00 14.21 ? 25  VAL A C   1 
ATOM   185  O O   . VAL A 1 25  ? 10.023  -9.769  -7.884  1.00 13.67 ? 25  VAL A O   1 
ATOM   186  C CB  . VAL A 1 25  ? 12.684  -11.820 -8.624  1.00 13.60 ? 25  VAL A CB  1 
ATOM   187  C CG1 . VAL A 1 25  ? 13.660  -12.793 -7.972  1.00 12.18 ? 25  VAL A CG1 1 
ATOM   188  C CG2 . VAL A 1 25  ? 11.519  -12.573 -9.249  1.00 12.59 ? 25  VAL A CG2 1 
ATOM   189  N N   . ASP A 1 26  ? 11.631  -9.167  -9.335  1.00 14.09 ? 26  ASP A N   1 
ATOM   190  C CA  . ASP A 1 26  ? 10.729  -8.339  -10.130 1.00 15.30 ? 26  ASP A CA  1 
ATOM   191  C C   . ASP A 1 26  ? 9.665   -9.202  -10.803 1.00 15.28 ? 26  ASP A C   1 
ATOM   192  O O   . ASP A 1 26  ? 9.977   -10.066 -11.624 1.00 16.56 ? 26  ASP A O   1 
ATOM   193  C CB  . ASP A 1 26  ? 11.494  -7.525  -11.179 1.00 17.43 ? 26  ASP A CB  1 
ATOM   194  C CG  . ASP A 1 26  ? 12.149  -6.283  -10.593 1.00 20.68 ? 26  ASP A CG  1 
ATOM   195  O OD1 . ASP A 1 26  ? 11.806  -5.906  -9.452  1.00 20.09 ? 26  ASP A OD1 1 
ATOM   196  O OD2 . ASP A 1 26  ? 13.000  -5.678  -11.280 1.00 20.46 ? 26  ASP A OD2 1 
ATOM   197  N N   . GLY A 1 27  ? 8.407   -8.965  -10.445 1.00 16.55 ? 27  GLY A N   1 
ATOM   198  C CA  . GLY A 1 27  ? 7.306   -9.761  -10.951 1.00 14.30 ? 27  GLY A CA  1 
ATOM   199  C C   . GLY A 1 27  ? 6.657   -10.579 -9.853  1.00 11.08 ? 27  GLY A C   1 
ATOM   200  O O   . GLY A 1 27  ? 5.624   -11.213 -10.063 1.00 12.33 ? 27  GLY A O   1 
ATOM   201  N N   . SER A 1 28  ? 7.275   -10.575 -8.678  1.00 13.13 ? 28  SER A N   1 
ATOM   202  C CA  . SER A 1 28  ? 6.703   -11.253 -7.522  1.00 13.91 ? 28  SER A CA  1 
ATOM   203  C C   . SER A 1 28  ? 5.519   -10.467 -6.977  1.00 12.77 ? 28  SER A C   1 
ATOM   204  O O   . SER A 1 28  ? 5.489   -9.237  -7.060  1.00 9.33  ? 28  SER A O   1 
ATOM   205  C CB  . SER A 1 28  ? 7.752   -11.450 -6.423  1.00 9.92  ? 28  SER A CB  1 
ATOM   206  O OG  . SER A 1 28  ? 8.684   -12.456 -6.779  1.00 10.78 ? 28  SER A OG  1 
ATOM   207  N N   . PHE A 1 29  ? 4.547   -11.181 -6.421  1.00 11.07 ? 29  PHE A N   1 
ATOM   208  C CA  . PHE A 1 29  ? 3.375   -10.543 -5.837  1.00 12.76 ? 29  PHE A CA  1 
ATOM   209  C C   . PHE A 1 29  ? 2.710   -11.431 -4.791  1.00 13.03 ? 29  PHE A C   1 
ATOM   210  O O   . PHE A 1 29  ? 2.978   -12.631 -4.713  1.00 13.50 ? 29  PHE A O   1 
ATOM   211  C CB  . PHE A 1 29  ? 2.357   -10.179 -6.923  1.00 12.03 ? 29  PHE A CB  1 
ATOM   212  C CG  . PHE A 1 29  ? 1.682   -11.371 -7.548  1.00 14.44 ? 29  PHE A CG  1 
ATOM   213  C CD1 . PHE A 1 29  ? 2.290   -12.064 -8.580  1.00 13.03 ? 29  PHE A CD1 1 
ATOM   214  C CD2 . PHE A 1 29  ? 0.436   -11.793 -7.108  1.00 13.58 ? 29  PHE A CD2 1 
ATOM   215  C CE1 . PHE A 1 29  ? 1.671   -13.157 -9.158  1.00 14.73 ? 29  PHE A CE1 1 
ATOM   216  C CE2 . PHE A 1 29  ? -0.187  -12.887 -7.680  1.00 14.00 ? 29  PHE A CE2 1 
ATOM   217  C CZ  . PHE A 1 29  ? 0.431   -13.569 -8.707  1.00 14.83 ? 29  PHE A CZ  1 
ATOM   218  N N   . LEU A 1 30  ? 1.841   -10.824 -3.993  1.00 11.81 ? 30  LEU A N   1 
ATOM   219  C CA  . LEU A 1 30  ? 1.039   -11.557 -3.025  1.00 14.14 ? 30  LEU A CA  1 
ATOM   220  C C   . LEU A 1 30  ? -0.280  -10.834 -2.780  1.00 13.71 ? 30  LEU A C   1 
ATOM   221  O O   . LEU A 1 30  ? -0.420  -9.653  -3.102  1.00 13.70 ? 30  LEU A O   1 
ATOM   222  C CB  . LEU A 1 30  ? 1.810   -11.758 -1.712  1.00 14.05 ? 30  LEU A CB  1 
ATOM   223  C CG  . LEU A 1 30  ? 2.409   -10.563 -0.957  1.00 14.20 ? 30  LEU A CG  1 
ATOM   224  C CD1 . LEU A 1 30  ? 1.361   -9.770  -0.172  1.00 14.31 ? 30  LEU A CD1 1 
ATOM   225  C CD2 . LEU A 1 30  ? 3.513   -11.037 -0.024  1.00 12.90 ? 30  LEU A CD2 1 
ATOM   226  N N   . ALA A 1 31  ? -1.249  -11.546 -2.218  1.00 11.89 ? 31  ALA A N   1 
ATOM   227  C CA  . ALA A 1 31  ? -2.488  -10.917 -1.792  1.00 12.50 ? 31  ALA A CA  1 
ATOM   228  C C   . ALA A 1 31  ? -2.504  -10.821 -0.271  1.00 12.65 ? 31  ALA A C   1 
ATOM   229  O O   . ALA A 1 31  ? -1.907  -11.649 0.419   1.00 12.22 ? 31  ALA A O   1 
ATOM   230  C CB  . ALA A 1 31  ? -3.690  -11.693 -2.297  1.00 12.12 ? 31  ALA A CB  1 
ATOM   231  N N   . ARG A 1 32  ? -3.180  -9.800  0.240   1.00 13.00 ? 32  ARG A N   1 
ATOM   232  C CA  . ARG A 1 32  ? -3.243  -9.553  1.674   1.00 15.99 ? 32  ARG A CA  1 
ATOM   233  C C   . ARG A 1 32  ? -4.498  -8.751  1.981   1.00 12.24 ? 32  ARG A C   1 
ATOM   234  O O   . ARG A 1 32  ? -5.030  -8.074  1.102   1.00 13.66 ? 32  ARG A O   1 
ATOM   235  C CB  . ARG A 1 32  ? -2.000  -8.785  2.142   1.00 11.18 ? 32  ARG A CB  1 
ATOM   236  C CG  . ARG A 1 32  ? -1.830  -7.426  1.483   1.00 12.33 ? 32  ARG A CG  1 
ATOM   237  C CD  . ARG A 1 32  ? -0.543  -6.742  1.920   1.00 10.85 ? 32  ARG A CD  1 
ATOM   238  N NE  . ARG A 1 32  ? -0.389  -5.429  1.299   1.00 7.87  ? 32  ARG A NE  1 
ATOM   239  C CZ  . ARG A 1 32  ? -0.844  -4.295  1.827   1.00 13.56 ? 32  ARG A CZ  1 
ATOM   240  N NH1 . ARG A 1 32  ? -1.481  -4.311  2.989   1.00 10.54 ? 32  ARG A NH1 1 
ATOM   241  N NH2 . ARG A 1 32  ? -0.659  -3.142  1.193   1.00 13.98 ? 32  ARG A NH2 1 
ATOM   242  N N   . PRO A 1 33  ? -4.987  -8.837  3.227   1.00 13.06 ? 33  PRO A N   1 
ATOM   243  C CA  . PRO A 1 33  ? -6.136  -8.020  3.631   1.00 14.79 ? 33  PRO A CA  1 
ATOM   244  C C   . PRO A 1 33  ? -5.766  -6.542  3.698   1.00 15.12 ? 33  PRO A C   1 
ATOM   245  O O   . PRO A 1 33  ? -4.688  -6.207  4.187   1.00 15.57 ? 33  PRO A O   1 
ATOM   246  C CB  . PRO A 1 33  ? -6.457  -8.536  5.038   1.00 15.52 ? 33  PRO A CB  1 
ATOM   247  C CG  . PRO A 1 33  ? -5.820  -9.892  5.113   1.00 16.64 ? 33  PRO A CG  1 
ATOM   248  C CD  . PRO A 1 33  ? -4.590  -9.791  4.275   1.00 14.18 ? 33  PRO A CD  1 
ATOM   249  N N   . SER A 1 34  ? -6.644  -5.676  3.203   1.00 18.00 ? 34  SER A N   1 
ATOM   250  C CA  . SER A 1 34  ? -6.437  -4.237  3.315   1.00 17.95 ? 34  SER A CA  1 
ATOM   251  C C   . SER A 1 34  ? -6.548  -3.825  4.773   1.00 18.87 ? 34  SER A C   1 
ATOM   252  O O   . SER A 1 34  ? -7.418  -4.310  5.496   1.00 18.21 ? 34  SER A O   1 
ATOM   253  C CB  . SER A 1 34  ? -7.466  -3.471  2.483   1.00 18.03 ? 34  SER A CB  1 
ATOM   254  O OG  . SER A 1 34  ? -7.423  -2.086  2.779   1.00 19.04 ? 34  SER A OG  1 
ATOM   255  N N   . LYS A 1 35  ? -5.662  -2.936  5.207   1.00 18.41 ? 35  LYS A N   1 
ATOM   256  C CA  . LYS A 1 35  ? -5.674  -2.481  6.590   1.00 22.65 ? 35  LYS A CA  1 
ATOM   257  C C   . LYS A 1 35  ? -6.335  -1.114  6.698   1.00 21.09 ? 35  LYS A C   1 
ATOM   258  O O   . LYS A 1 35  ? -6.818  -0.731  7.761   1.00 28.42 ? 35  LYS A O   1 
ATOM   259  C CB  . LYS A 1 35  ? -4.254  -2.428  7.159   1.00 20.45 ? 35  LYS A CB  1 
ATOM   260  C CG  . LYS A 1 35  ? -3.374  -3.610  6.773   1.00 21.09 ? 35  LYS A CG  1 
ATOM   261  C CD  . LYS A 1 35  ? -3.946  -4.939  7.253   1.00 23.77 ? 35  LYS A CD  1 
ATOM   262  C CE  . LYS A 1 35  ? -4.034  -4.999  8.769   1.00 24.43 ? 35  LYS A CE  1 
ATOM   263  N NZ  . LYS A 1 35  ? -4.516  -6.331  9.233   1.00 26.50 ? 35  LYS A NZ  1 
ATOM   264  N N   . SER A 1 36  ? -6.352  -0.382  5.589   1.00 22.16 ? 36  SER A N   1 
ATOM   265  C CA  . SER A 1 36  ? -6.969  0.940   5.547   1.00 19.35 ? 36  SER A CA  1 
ATOM   266  C C   . SER A 1 36  ? -8.400  0.889   5.009   1.00 17.39 ? 36  SER A C   1 
ATOM   267  O O   . SER A 1 36  ? -9.219  1.757   5.318   1.00 18.26 ? 36  SER A O   1 
ATOM   268  C CB  . SER A 1 36  ? -6.108  1.910   4.729   1.00 19.42 ? 36  SER A CB  1 
ATOM   269  O OG  . SER A 1 36  ? -5.404  1.239   3.697   1.00 17.61 ? 36  SER A OG  1 
ATOM   270  N N   . ASN A 1 37  ? -8.700  -0.131  4.208   1.00 18.60 ? 37  ASN A N   1 
ATOM   271  C CA  . ASN A 1 37  ? -10.059 -0.344  3.713   1.00 19.37 ? 37  ASN A CA  1 
ATOM   272  C C   . ASN A 1 37  ? -10.604 -1.720  4.076   1.00 20.33 ? 37  ASN A C   1 
ATOM   273  O O   . ASN A 1 37  ? -10.689 -2.598  3.222   1.00 20.00 ? 37  ASN A O   1 
ATOM   274  C CB  . ASN A 1 37  ? -10.133 -0.185  2.190   1.00 18.26 ? 37  ASN A CB  1 
ATOM   275  C CG  . ASN A 1 37  ? -9.725  1.191   1.713   1.00 17.27 ? 37  ASN A CG  1 
ATOM   276  O OD1 . ASN A 1 37  ? -9.293  1.351   0.575   1.00 20.10 ? 37  ASN A OD1 1 
ATOM   277  N ND2 . ASN A 1 37  ? -9.858  2.191   2.578   1.00 14.92 ? 37  ASN A ND2 1 
ATOM   278  N N   . PRO A 1 38  ? -10.980 -1.920  5.344   1.00 23.96 ? 38  PRO A N   1 
ATOM   279  C CA  . PRO A 1 38  ? -11.575 -3.213  5.690   1.00 22.60 ? 38  PRO A CA  1 
ATOM   280  C C   . PRO A 1 38  ? -13.023 -3.272  5.211   1.00 23.83 ? 38  PRO A C   1 
ATOM   281  O O   . PRO A 1 38  ? -13.689 -2.238  5.197   1.00 36.77 ? 38  PRO A O   1 
ATOM   282  C CB  . PRO A 1 38  ? -11.514 -3.220  7.216   1.00 24.13 ? 38  PRO A CB  1 
ATOM   283  C CG  . PRO A 1 38  ? -11.558 -1.780  7.601   1.00 23.15 ? 38  PRO A CG  1 
ATOM   284  C CD  . PRO A 1 38  ? -10.901 -1.005  6.497   1.00 23.86 ? 38  PRO A CD  1 
ATOM   285  N N   . GLY A 1 39  ? -13.494 -4.442  4.786   1.00 27.77 ? 39  GLY A N   1 
ATOM   286  C CA  . GLY A 1 39  ? -12.661 -5.620  4.644   1.00 20.08 ? 39  GLY A CA  1 
ATOM   287  C C   . GLY A 1 39  ? -12.418 -5.924  3.178   1.00 21.00 ? 39  GLY A C   1 
ATOM   288  O O   . GLY A 1 39  ? -12.932 -6.906  2.639   1.00 15.20 ? 39  GLY A O   1 
ATOM   289  N N   . ASP A 1 40  ? -11.644 -5.061  2.526   1.00 18.60 ? 40  ASP A N   1 
ATOM   290  C CA  . ASP A 1 40  ? -11.229 -5.290  1.152   1.00 18.36 ? 40  ASP A CA  1 
ATOM   291  C C   . ASP A 1 40  ? -9.883  -6.000  1.127   1.00 16.77 ? 40  ASP A C   1 
ATOM   292  O O   . ASP A 1 40  ? -9.381  -6.436  2.164   1.00 16.65 ? 40  ASP A O   1 
ATOM   293  C CB  . ASP A 1 40  ? -11.136 -3.971  0.382   1.00 19.55 ? 40  ASP A CB  1 
ATOM   294  C CG  . ASP A 1 40  ? -12.496 -3.415  0.008   1.00 20.36 ? 40  ASP A CG  1 
ATOM   295  O OD1 . ASP A 1 40  ? -13.450 -4.211  -0.135  1.00 15.53 ? 40  ASP A OD1 1 
ATOM   296  O OD2 . ASP A 1 40  ? -12.605 -2.181  -0.154  1.00 24.03 ? 40  ASP A OD2 1 
ATOM   297  N N   . PHE A 1 41  ? -9.299  -6.108  -0.059  1.00 15.77 ? 41  PHE A N   1 
ATOM   298  C CA  . PHE A 1 41  ? -8.020  -6.789  -0.206  1.00 15.97 ? 41  PHE A CA  1 
ATOM   299  C C   . PHE A 1 41  ? -7.031  -5.976  -1.026  1.00 15.40 ? 41  PHE A C   1 
ATOM   300  O O   . PHE A 1 41  ? -7.411  -5.056  -1.753  1.00 14.24 ? 41  PHE A O   1 
ATOM   301  C CB  . PHE A 1 41  ? -8.216  -8.182  -0.810  1.00 13.05 ? 41  PHE A CB  1 
ATOM   302  C CG  . PHE A 1 41  ? -8.965  -9.125  0.086   1.00 15.87 ? 41  PHE A CG  1 
ATOM   303  C CD1 . PHE A 1 41  ? -8.289  -9.899  1.016   1.00 14.11 ? 41  PHE A CD1 1 
ATOM   304  C CD2 . PHE A 1 41  ? -10.345 -9.228  0.009   1.00 16.11 ? 41  PHE A CD2 1 
ATOM   305  C CE1 . PHE A 1 41  ? -8.976  -10.763 1.849   1.00 17.79 ? 41  PHE A CE1 1 
ATOM   306  C CE2 . PHE A 1 41  ? -11.037 -10.091 0.840   1.00 17.35 ? 41  PHE A CE2 1 
ATOM   307  C CZ  . PHE A 1 41  ? -10.352 -10.860 1.760   1.00 17.95 ? 41  PHE A CZ  1 
ATOM   308  N N   . THR A 1 42  ? -5.757  -6.324  -0.893  1.00 14.58 ? 42  THR A N   1 
ATOM   309  C CA  . THR A 1 42  ? -4.692  -5.615  -1.581  1.00 12.38 ? 42  THR A CA  1 
ATOM   310  C C   . THR A 1 42  ? -3.776  -6.604  -2.291  1.00 13.92 ? 42  THR A C   1 
ATOM   311  O O   . THR A 1 42  ? -3.407  -7.640  -1.738  1.00 11.30 ? 42  THR A O   1 
ATOM   312  C CB  . THR A 1 42  ? -3.876  -4.745  -0.599  1.00 13.11 ? 42  THR A CB  1 
ATOM   313  O OG1 . THR A 1 42  ? -4.750  -3.801  0.034   1.00 18.10 ? 42  THR A OG1 1 
ATOM   314  C CG2 . THR A 1 42  ? -2.765  -3.991  -1.324  1.00 11.02 ? 42  THR A CG2 1 
ATOM   315  N N   . LEU A 1 43  ? -3.436  -6.283  -3.534  1.00 12.87 ? 43  LEU A N   1 
ATOM   316  C CA  . LEU A 1 43  ? -2.469  -7.057  -4.287  1.00 12.57 ? 43  LEU A CA  1 
ATOM   317  C C   . LEU A 1 43  ? -1.166  -6.271  -4.304  1.00 15.93 ? 43  LEU A C   1 
ATOM   318  O O   . LEU A 1 43  ? -1.054  -5.257  -4.996  1.00 15.86 ? 43  LEU A O   1 
ATOM   319  C CB  . LEU A 1 43  ? -2.964  -7.278  -5.714  1.00 15.58 ? 43  LEU A CB  1 
ATOM   320  C CG  . LEU A 1 43  ? -2.453  -8.524  -6.435  1.00 21.07 ? 43  LEU A CG  1 
ATOM   321  C CD1 . LEU A 1 43  ? -2.953  -9.782  -5.730  1.00 14.10 ? 43  LEU A CD1 1 
ATOM   322  C CD2 . LEU A 1 43  ? -2.887  -8.511  -7.894  1.00 21.67 ? 43  LEU A CD2 1 
ATOM   323  N N   . SER A 1 44  ? -0.190  -6.722  -3.524  1.00 13.05 ? 44  SER A N   1 
ATOM   324  C CA  . SER A 1 44  ? 1.109   -6.065  -3.497  1.00 11.01 ? 44  SER A CA  1 
ATOM   325  C C   . SER A 1 44  ? 2.030   -6.703  -4.527  1.00 13.77 ? 44  SER A C   1 
ATOM   326  O O   . SER A 1 44  ? 2.280   -7.907  -4.488  1.00 13.43 ? 44  SER A O   1 
ATOM   327  C CB  . SER A 1 44  ? 1.722   -6.133  -2.097  1.00 11.41 ? 44  SER A CB  1 
ATOM   328  O OG  . SER A 1 44  ? 0.923   -5.420  -1.165  1.00 12.65 ? 44  SER A OG  1 
ATOM   329  N N   . VAL A 1 45  ? 2.523   -5.886  -5.454  1.00 12.43 ? 45  VAL A N   1 
ATOM   330  C CA  . VAL A 1 45  ? 3.337   -6.376  -6.558  1.00 9.30  ? 45  VAL A CA  1 
ATOM   331  C C   . VAL A 1 45  ? 4.691   -5.685  -6.577  1.00 11.64 ? 45  VAL A C   1 
ATOM   332  O O   . VAL A 1 45  ? 4.768   -4.460  -6.523  1.00 14.69 ? 45  VAL A O   1 
ATOM   333  C CB  . VAL A 1 45  ? 2.645   -6.112  -7.915  1.00 15.02 ? 45  VAL A CB  1 
ATOM   334  C CG1 . VAL A 1 45  ? 3.327   -6.902  -9.029  1.00 12.32 ? 45  VAL A CG1 1 
ATOM   335  C CG2 . VAL A 1 45  ? 1.168   -6.464  -7.841  1.00 12.05 ? 45  VAL A CG2 1 
ATOM   336  N N   . ARG A 1 46  ? 5.765   -6.466  -6.652  1.00 13.31 ? 46  ARG A N   1 
ATOM   337  C CA  . ARG A 1 46  ? 7.087   -5.882  -6.833  1.00 12.35 ? 46  ARG A CA  1 
ATOM   338  C C   . ARG A 1 46  ? 7.349   -5.610  -8.307  1.00 15.36 ? 46  ARG A C   1 
ATOM   339  O O   . ARG A 1 46  ? 7.241   -6.508  -9.146  1.00 12.98 ? 46  ARG A O   1 
ATOM   340  C CB  . ARG A 1 46  ? 8.192   -6.779  -6.272  1.00 11.48 ? 46  ARG A CB  1 
ATOM   341  C CG  . ARG A 1 46  ? 9.583   -6.247  -6.590  1.00 12.09 ? 46  ARG A CG  1 
ATOM   342  C CD  . ARG A 1 46  ? 10.683  -7.035  -5.911  1.00 10.66 ? 46  ARG A CD  1 
ATOM   343  N NE  . ARG A 1 46  ? 11.995  -6.451  -6.176  1.00 11.26 ? 46  ARG A NE  1 
ATOM   344  C CZ  . ARG A 1 46  ? 13.131  -6.891  -5.644  1.00 12.88 ? 46  ARG A CZ  1 
ATOM   345  N NH1 . ARG A 1 46  ? 13.119  -7.930  -4.818  1.00 13.02 ? 46  ARG A NH1 1 
ATOM   346  N NH2 . ARG A 1 46  ? 14.280  -6.297  -5.941  1.00 9.31  ? 46  ARG A NH2 1 
ATOM   347  N N   . ARG A 1 47  ? 7.695   -4.366  -8.620  1.00 15.35 ? 47  ARG A N   1 
ATOM   348  C CA  . ARG A 1 47  ? 7.995   -3.993  -9.994  1.00 21.15 ? 47  ARG A CA  1 
ATOM   349  C C   . ARG A 1 47  ? 9.110   -2.953  -10.047 1.00 22.23 ? 47  ARG A C   1 
ATOM   350  O O   . ARG A 1 47  ? 8.995   -1.876  -9.458  1.00 21.44 ? 47  ARG A O   1 
ATOM   351  C CB  . ARG A 1 47  ? 6.737   -3.470  -10.693 1.00 25.31 ? 47  ARG A CB  1 
ATOM   352  C CG  . ARG A 1 47  ? 6.828   -3.475  -12.211 1.00 30.61 ? 47  ARG A CG  1 
ATOM   353  C CD  . ARG A 1 47  ? 5.546   -2.960  -12.849 1.00 29.06 ? 47  ARG A CD  1 
ATOM   354  N NE  . ARG A 1 47  ? 5.182   -1.640  -12.341 1.00 30.16 ? 47  ARG A NE  1 
ATOM   355  C CZ  . ARG A 1 47  ? 5.754   -0.506  -12.733 1.00 36.97 ? 47  ARG A CZ  1 
ATOM   356  N NH1 . ARG A 1 47  ? 6.722   -0.522  -13.638 1.00 38.18 ? 47  ARG A NH1 1 
ATOM   357  N NH2 . ARG A 1 47  ? 5.362   0.647   -12.212 1.00 37.19 ? 47  ARG A NH2 1 
ATOM   358  N N   . ASN A 1 48  ? 10.191  -3.295  -10.744 1.00 23.04 ? 48  ASN A N   1 
ATOM   359  C CA  . ASN A 1 48  ? 11.337  -2.407  -10.917 1.00 24.14 ? 48  ASN A CA  1 
ATOM   360  C C   . ASN A 1 48  ? 11.970  -1.975  -9.591  1.00 23.44 ? 48  ASN A C   1 
ATOM   361  O O   . ASN A 1 48  ? 12.284  -0.801  -9.389  1.00 26.71 ? 48  ASN A O   1 
ATOM   362  C CB  . ASN A 1 48  ? 10.948  -1.187  -11.762 1.00 29.74 ? 48  ASN A CB  1 
ATOM   363  C CG  . ASN A 1 48  ? 12.151  -0.453  -12.327 1.00 38.20 ? 48  ASN A CG  1 
ATOM   364  O OD1 . ASN A 1 48  ? 13.230  -1.029  -12.482 1.00 43.87 ? 48  ASN A OD1 1 
ATOM   365  N ND2 . ASN A 1 48  ? 11.970  0.826   -12.637 1.00 39.94 ? 48  ASN A ND2 1 
ATOM   366  N N   . GLY A 1 49  ? 12.150  -2.932  -8.685  1.00 19.58 ? 49  GLY A N   1 
ATOM   367  C CA  . GLY A 1 49  ? 12.783  -2.662  -7.406  1.00 17.02 ? 49  GLY A CA  1 
ATOM   368  C C   . GLY A 1 49  ? 11.912  -1.891  -6.432  1.00 17.02 ? 49  GLY A C   1 
ATOM   369  O O   . GLY A 1 49  ? 12.383  -1.462  -5.380  1.00 16.13 ? 49  GLY A O   1 
ATOM   370  N N   . ALA A 1 50  ? 10.644  -1.712  -6.786  1.00 16.68 ? 50  ALA A N   1 
ATOM   371  C CA  . ALA A 1 50  ? 9.684   -1.036  -5.920  1.00 15.05 ? 50  ALA A CA  1 
ATOM   372  C C   . ALA A 1 50  ? 8.413   -1.869  -5.790  1.00 15.21 ? 50  ALA A C   1 
ATOM   373  O O   . ALA A 1 50  ? 8.249   -2.869  -6.484  1.00 14.97 ? 50  ALA A O   1 
ATOM   374  C CB  . ALA A 1 50  ? 9.360   0.345   -6.459  1.00 19.51 ? 50  ALA A CB  1 
ATOM   375  N N   . VAL A 1 51  ? 7.520   -1.452  -4.899  1.00 13.91 ? 51  VAL A N   1 
ATOM   376  C CA  . VAL A 1 51  ? 6.295   -2.198  -4.631  1.00 14.69 ? 51  VAL A CA  1 
ATOM   377  C C   . VAL A 1 51  ? 5.051   -1.340  -4.863  1.00 14.59 ? 51  VAL A C   1 
ATOM   378  O O   . VAL A 1 51  ? 4.905   -0.265  -4.276  1.00 12.51 ? 51  VAL A O   1 
ATOM   379  C CB  . VAL A 1 51  ? 6.275   -2.758  -3.186  1.00 16.89 ? 51  VAL A CB  1 
ATOM   380  C CG1 . VAL A 1 51  ? 5.009   -3.577  -2.939  1.00 11.00 ? 51  VAL A CG1 1 
ATOM   381  C CG2 . VAL A 1 51  ? 7.517   -3.597  -2.922  1.00 12.27 ? 51  VAL A CG2 1 
ATOM   382  N N   . THR A 1 52  ? 4.166   -1.825  -5.731  1.00 16.26 ? 52  THR A N   1 
ATOM   383  C CA  . THR A 1 52  ? 2.900   -1.158  -6.020  1.00 13.88 ? 52  THR A CA  1 
ATOM   384  C C   . THR A 1 52  ? 1.772   -1.926  -5.345  1.00 12.79 ? 52  THR A C   1 
ATOM   385  O O   . THR A 1 52  ? 1.714   -3.153  -5.433  1.00 12.20 ? 52  THR A O   1 
ATOM   386  C CB  . THR A 1 52  ? 2.622   -1.108  -7.540  1.00 15.97 ? 52  THR A CB  1 
ATOM   387  O OG1 . THR A 1 52  ? 3.735   -0.516  -8.220  1.00 21.22 ? 52  THR A OG1 1 
ATOM   388  C CG2 . THR A 1 52  ? 1.371   -0.300  -7.835  1.00 15.14 ? 52  THR A CG2 1 
ATOM   389  N N   . HIS A 1 53  ? 0.880   -1.208  -4.672  1.00 11.67 ? 53  HIS A N   1 
ATOM   390  C CA  . HIS A 1 53  ? -0.231  -1.843  -3.967  1.00 12.82 ? 53  HIS A CA  1 
ATOM   391  C C   . HIS A 1 53  ? -1.547  -1.595  -4.697  1.00 13.02 ? 53  HIS A C   1 
ATOM   392  O O   . HIS A 1 53  ? -1.922  -0.450  -4.937  1.00 11.31 ? 53  HIS A O   1 
ATOM   393  C CB  . HIS A 1 53  ? -0.319  -1.324  -2.529  1.00 11.00 ? 53  HIS A CB  1 
ATOM   394  C CG  . HIS A 1 53  ? 0.963   -1.419  -1.772  1.00 15.33 ? 53  HIS A CG  1 
ATOM   395  N ND1 . HIS A 1 53  ? 1.404   -2.594  -1.189  1.00 14.43 ? 53  HIS A ND1 1 
ATOM   396  C CD2 . HIS A 1 53  ? 1.910   -0.490  -1.490  1.00 12.81 ? 53  HIS A CD2 1 
ATOM   397  C CE1 . HIS A 1 53  ? 2.557   -2.378  -0.587  1.00 13.76 ? 53  HIS A CE1 1 
ATOM   398  N NE2 . HIS A 1 53  ? 2.887   -1.113  -0.751  1.00 13.53 ? 53  HIS A NE2 1 
ATOM   399  N N   . ILE A 1 54  ? -2.247  -2.673  -5.038  1.00 10.40 ? 54  ILE A N   1 
ATOM   400  C CA  . ILE A 1 54  ? -3.467  -2.572  -5.832  1.00 12.72 ? 54  ILE A CA  1 
ATOM   401  C C   . ILE A 1 54  ? -4.710  -2.932  -5.021  1.00 12.80 ? 54  ILE A C   1 
ATOM   402  O O   . ILE A 1 54  ? -4.745  -3.963  -4.351  1.00 12.41 ? 54  ILE A O   1 
ATOM   403  C CB  . ILE A 1 54  ? -3.391  -3.482  -7.078  1.00 13.68 ? 54  ILE A CB  1 
ATOM   404  C CG1 . ILE A 1 54  ? -2.130  -3.167  -7.887  1.00 12.62 ? 54  ILE A CG1 1 
ATOM   405  C CG2 . ILE A 1 54  ? -4.642  -3.328  -7.930  1.00 9.84  ? 54  ILE A CG2 1 
ATOM   406  C CD1 . ILE A 1 54  ? -1.945  -4.049  -9.102  1.00 18.30 ? 54  ILE A CD1 1 
ATOM   407  N N   . LYS A 1 55  ? -5.728  -2.078  -5.094  1.00 12.23 ? 55  LYS A N   1 
ATOM   408  C CA  . LYS A 1 55  ? -6.972  -2.288  -4.360  1.00 11.78 ? 55  LYS A CA  1 
ATOM   409  C C   . LYS A 1 55  ? -7.866  -3.350  -4.988  1.00 13.27 ? 55  LYS A C   1 
ATOM   410  O O   . LYS A 1 55  ? -8.100  -3.347  -6.196  1.00 13.33 ? 55  LYS A O   1 
ATOM   411  C CB  . LYS A 1 55  ? -7.763  -0.982  -4.256  1.00 15.39 ? 55  LYS A CB  1 
ATOM   412  C CG  . LYS A 1 55  ? -7.137  0.075   -3.371  1.00 12.53 ? 55  LYS A CG  1 
ATOM   413  C CD  . LYS A 1 55  ? -8.162  1.146   -3.028  1.00 15.67 ? 55  LYS A CD  1 
ATOM   414  C CE  . LYS A 1 55  ? -7.595  2.158   -2.044  1.00 17.04 ? 55  LYS A CE  1 
ATOM   415  N NZ  . LYS A 1 55  ? -8.636  3.125   -1.588  1.00 17.52 ? 55  LYS A NZ  1 
ATOM   416  N N   . ILE A 1 56  ? -8.375  -4.252  -4.155  1.00 13.35 ? 56  ILE A N   1 
ATOM   417  C CA  . ILE A 1 56  ? -9.353  -5.237  -4.593  1.00 13.51 ? 56  ILE A CA  1 
ATOM   418  C C   . ILE A 1 56  ? -10.654 -5.012  -3.838  1.00 14.36 ? 56  ILE A C   1 
ATOM   419  O O   . ILE A 1 56  ? -10.680 -5.061  -2.606  1.00 14.05 ? 56  ILE A O   1 
ATOM   420  C CB  . ILE A 1 56  ? -8.860  -6.672  -4.333  1.00 13.88 ? 56  ILE A CB  1 
ATOM   421  C CG1 . ILE A 1 56  ? -7.618  -6.966  -5.177  1.00 13.57 ? 56  ILE A CG1 1 
ATOM   422  C CG2 . ILE A 1 56  ? -9.966  -7.676  -4.620  1.00 14.31 ? 56  ILE A CG2 1 
ATOM   423  C CD1 . ILE A 1 56  ? -6.991  -8.314  -4.901  1.00 14.27 ? 56  ILE A CD1 1 
ATOM   424  N N   . GLN A 1 57  ? -11.732 -4.747  -4.569  1.00 14.32 ? 57  GLN A N   1 
ATOM   425  C CA  . GLN A 1 57  ? -13.025 -4.524  -3.933  1.00 16.31 ? 57  GLN A CA  1 
ATOM   426  C C   . GLN A 1 57  ? -13.711 -5.842  -3.589  1.00 18.01 ? 57  GLN A C   1 
ATOM   427  O O   . GLN A 1 57  ? -13.846 -6.726  -4.435  1.00 17.87 ? 57  GLN A O   1 
ATOM   428  C CB  . GLN A 1 57  ? -13.943 -3.674  -4.816  1.00 15.49 ? 57  GLN A CB  1 
ATOM   429  C CG  . GLN A 1 57  ? -15.262 -3.308  -4.141  1.00 15.23 ? 57  GLN A CG  1 
ATOM   430  C CD  . GLN A 1 57  ? -16.247 -2.646  -5.083  1.00 14.81 ? 57  GLN A CD  1 
ATOM   431  O OE1 . GLN A 1 57  ? -16.183 -2.831  -6.301  1.00 12.98 ? 57  GLN A OE1 1 
ATOM   432  N NE2 . GLN A 1 57  ? -17.166 -1.864  -4.525  1.00 12.79 ? 57  GLN A NE2 1 
ATOM   433  N N   . ASN A 1 58  ? -14.139 -5.964  -2.339  1.00 21.23 ? 58  ASN A N   1 
ATOM   434  C CA  . ASN A 1 58  ? -14.907 -7.114  -1.886  1.00 21.52 ? 58  ASN A CA  1 
ATOM   435  C C   . ASN A 1 58  ? -16.307 -6.673  -1.470  1.00 24.87 ? 58  ASN A C   1 
ATOM   436  O O   . ASN A 1 58  ? -16.489 -6.115  -0.388  1.00 23.52 ? 58  ASN A O   1 
ATOM   437  C CB  . ASN A 1 58  ? -14.196 -7.800  -0.718  1.00 21.18 ? 58  ASN A CB  1 
ATOM   438  C CG  . ASN A 1 58  ? -15.020 -8.917  -0.103  1.00 25.83 ? 58  ASN A CG  1 
ATOM   439  O OD1 . ASN A 1 58  ? -15.863 -9.523  -0.766  1.00 26.25 ? 58  ASN A OD1 1 
ATOM   440  N ND2 . ASN A 1 58  ? -14.780 -9.193  1.175   1.00 23.83 ? 58  ASN A ND2 1 
ATOM   441  N N   . THR A 1 59  ? -17.291 -6.921  -2.329  1.00 24.87 ? 59  THR A N   1 
ATOM   442  C CA  . THR A 1 59  ? -18.656 -6.474  -2.069  1.00 26.19 ? 59  THR A CA  1 
ATOM   443  C C   . THR A 1 59  ? -19.454 -7.488  -1.254  1.00 29.02 ? 59  THR A C   1 
ATOM   444  O O   . THR A 1 59  ? -20.536 -7.178  -0.755  1.00 26.77 ? 59  THR A O   1 
ATOM   445  C CB  . THR A 1 59  ? -19.417 -6.185  -3.376  1.00 20.80 ? 59  THR A CB  1 
ATOM   446  O OG1 . THR A 1 59  ? -19.668 -7.413  -4.066  1.00 21.38 ? 59  THR A OG1 1 
ATOM   447  C CG2 . THR A 1 59  ? -18.610 -5.259  -4.269  1.00 21.52 ? 59  THR A CG2 1 
ATOM   448  N N   . GLY A 1 60  ? -18.915 -8.695  -1.119  1.00 28.33 ? 60  GLY A N   1 
ATOM   449  C CA  . GLY A 1 60  ? -19.613 -9.773  -0.441  1.00 31.94 ? 60  GLY A CA  1 
ATOM   450  C C   . GLY A 1 60  ? -20.289 -10.701 -1.434  1.00 30.71 ? 60  GLY A C   1 
ATOM   451  O O   . GLY A 1 60  ? -20.751 -11.789 -1.083  1.00 27.73 ? 60  GLY A O   1 
ATOM   452  N N   . ASP A 1 61  ? -20.356 -10.257 -2.684  1.00 28.33 ? 61  ASP A N   1 
ATOM   453  C CA  . ASP A 1 61  ? -20.947 -11.052 -3.748  1.00 28.43 ? 61  ASP A CA  1 
ATOM   454  C C   . ASP A 1 61  ? -19.918 -11.353 -4.835  1.00 26.55 ? 61  ASP A C   1 
ATOM   455  O O   . ASP A 1 61  ? -20.064 -12.319 -5.580  1.00 30.88 ? 61  ASP A O   1 
ATOM   456  C CB  . ASP A 1 61  ? -22.161 -10.331 -4.342  1.00 29.03 ? 61  ASP A CB  1 
ATOM   457  C CG  . ASP A 1 61  ? -23.268 -10.124 -3.329  1.00 33.66 ? 61  ASP A CG  1 
ATOM   458  O OD1 . ASP A 1 61  ? -23.475 -11.020 -2.488  1.00 33.71 ? 61  ASP A OD1 1 
ATOM   459  O OD2 . ASP A 1 61  ? -23.927 -9.064  -3.375  1.00 31.41 ? 61  ASP A OD2 1 
ATOM   460  N N   . TYR A 1 62  ? -18.877 -10.527 -4.910  1.00 22.73 ? 62  TYR A N   1 
ATOM   461  C CA  . TYR A 1 62  ? -17.838 -10.688 -5.921  1.00 18.59 ? 62  TYR A CA  1 
ATOM   462  C C   . TYR A 1 62  ? -16.560 -9.924  -5.579  1.00 18.13 ? 62  TYR A C   1 
ATOM   463  O O   . TYR A 1 62  ? -16.556 -9.055  -4.706  1.00 18.64 ? 62  TYR A O   1 
ATOM   464  C CB  . TYR A 1 62  ? -18.348 -10.230 -7.293  1.00 16.19 ? 62  TYR A CB  1 
ATOM   465  C CG  . TYR A 1 62  ? -18.722 -8.764  -7.353  1.00 20.53 ? 62  TYR A CG  1 
ATOM   466  C CD1 . TYR A 1 62  ? -17.751 -7.781  -7.509  1.00 20.16 ? 62  TYR A CD1 1 
ATOM   467  C CD2 . TYR A 1 62  ? -20.051 -8.361  -7.265  1.00 22.35 ? 62  TYR A CD2 1 
ATOM   468  C CE1 . TYR A 1 62  ? -18.086 -6.444  -7.559  1.00 21.24 ? 62  TYR A CE1 1 
ATOM   469  C CE2 . TYR A 1 62  ? -20.395 -7.020  -7.319  1.00 20.23 ? 62  TYR A CE2 1 
ATOM   470  C CZ  . TYR A 1 62  ? -19.406 -6.067  -7.467  1.00 21.08 ? 62  TYR A CZ  1 
ATOM   471  O OH  . TYR A 1 62  ? -19.720 -4.728  -7.524  1.00 26.17 ? 62  TYR A OH  1 
ATOM   472  N N   . TYR A 1 63  ? -15.486 -10.241 -6.298  1.00 14.58 ? 63  TYR A N   1 
ATOM   473  C CA  . TYR A 1 63  ? -14.250 -9.475  -6.218  1.00 15.63 ? 63  TYR A CA  1 
ATOM   474  C C   . TYR A 1 63  ? -13.985 -8.822  -7.565  1.00 15.77 ? 63  TYR A C   1 
ATOM   475  O O   . TYR A 1 63  ? -14.198 -9.439  -8.607  1.00 13.57 ? 63  TYR A O   1 
ATOM   476  C CB  . TYR A 1 63  ? -13.065 -10.376 -5.855  1.00 17.10 ? 63  TYR A CB  1 
ATOM   477  C CG  . TYR A 1 63  ? -13.216 -11.094 -4.534  1.00 17.11 ? 63  TYR A CG  1 
ATOM   478  C CD1 . TYR A 1 63  ? -13.863 -12.321 -4.459  1.00 18.23 ? 63  TYR A CD1 1 
ATOM   479  C CD2 . TYR A 1 63  ? -12.716 -10.543 -3.364  1.00 16.25 ? 63  TYR A CD2 1 
ATOM   480  C CE1 . TYR A 1 63  ? -14.009 -12.979 -3.253  1.00 19.89 ? 63  TYR A CE1 1 
ATOM   481  C CE2 . TYR A 1 63  ? -12.855 -11.193 -2.152  1.00 20.88 ? 63  TYR A CE2 1 
ATOM   482  C CZ  . TYR A 1 63  ? -13.502 -12.411 -2.102  1.00 21.84 ? 63  TYR A CZ  1 
ATOM   483  O OH  . TYR A 1 63  ? -13.643 -13.060 -0.897  1.00 18.64 ? 63  TYR A OH  1 
ATOM   484  N N   . ASP A 1 64  ? -13.534 -7.573  -7.545  1.00 16.64 ? 64  ASP A N   1 
ATOM   485  C CA  . ASP A 1 64  ? -13.028 -6.923  -8.749  1.00 14.13 ? 64  ASP A CA  1 
ATOM   486  C C   . ASP A 1 64  ? -12.018 -5.843  -8.376  1.00 14.10 ? 64  ASP A C   1 
ATOM   487  O O   . ASP A 1 64  ? -11.646 -5.712  -7.210  1.00 14.11 ? 64  ASP A O   1 
ATOM   488  C CB  . ASP A 1 64  ? -14.167 -6.366  -9.617  1.00 14.64 ? 64  ASP A CB  1 
ATOM   489  C CG  . ASP A 1 64  ? -14.816 -5.123  -9.026  1.00 17.08 ? 64  ASP A CG  1 
ATOM   490  O OD1 . ASP A 1 64  ? -14.689 -4.884  -7.806  1.00 18.61 ? 64  ASP A OD1 1 
ATOM   491  O OD2 . ASP A 1 64  ? -15.470 -4.385  -9.794  1.00 17.30 ? 64  ASP A OD2 1 
ATOM   492  N N   . LEU A 1 65  ? -11.573 -5.077  -9.365  1.00 17.35 ? 65  LEU A N   1 
ATOM   493  C CA  . LEU A 1 65  ? -10.624 -4.000  -9.120  1.00 15.09 ? 65  LEU A CA  1 
ATOM   494  C C   . LEU A 1 65  ? -11.289 -2.643  -9.324  1.00 16.11 ? 65  LEU A C   1 
ATOM   495  O O   . LEU A 1 65  ? -10.699 -1.744  -9.926  1.00 15.20 ? 65  LEU A O   1 
ATOM   496  C CB  . LEU A 1 65  ? -9.416  -4.140  -10.047 1.00 14.17 ? 65  LEU A CB  1 
ATOM   497  C CG  . LEU A 1 65  ? -8.677  -5.478  -9.987  1.00 12.15 ? 65  LEU A CG  1 
ATOM   498  C CD1 . LEU A 1 65  ? -7.530  -5.498  -10.975 1.00 10.76 ? 65  LEU A CD1 1 
ATOM   499  C CD2 . LEU A 1 65  ? -8.175  -5.748  -8.581  1.00 13.79 ? 65  LEU A CD2 1 
ATOM   500  N N   . TYR A 1 66  ? -12.510 -2.506  -8.810  1.00 18.38 ? 66  TYR A N   1 
ATOM   501  C CA  . TYR A 1 66  ? -13.337 -1.323  -9.044  1.00 14.55 ? 66  TYR A CA  1 
ATOM   502  C C   . TYR A 1 66  ? -13.481 -1.077  -10.542 1.00 18.10 ? 66  TYR A C   1 
ATOM   503  O O   . TYR A 1 66  ? -13.197 0.014   -11.041 1.00 20.40 ? 66  TYR A O   1 
ATOM   504  C CB  . TYR A 1 66  ? -12.766 -0.096  -8.326  1.00 14.92 ? 66  TYR A CB  1 
ATOM   505  C CG  . TYR A 1 66  ? -12.859 -0.184  -6.818  1.00 14.97 ? 66  TYR A CG  1 
ATOM   506  C CD1 . TYR A 1 66  ? -14.065 0.040   -6.166  1.00 15.07 ? 66  TYR A CD1 1 
ATOM   507  C CD2 . TYR A 1 66  ? -11.745 -0.491  -6.048  1.00 15.59 ? 66  TYR A CD2 1 
ATOM   508  C CE1 . TYR A 1 66  ? -14.161 -0.039  -4.792  1.00 15.00 ? 66  TYR A CE1 1 
ATOM   509  C CE2 . TYR A 1 66  ? -11.830 -0.574  -4.671  1.00 14.61 ? 66  TYR A CE2 1 
ATOM   510  C CZ  . TYR A 1 66  ? -13.041 -0.348  -4.048  1.00 18.84 ? 66  TYR A CZ  1 
ATOM   511  O OH  . TYR A 1 66  ? -13.135 -0.428  -2.676  1.00 20.51 ? 66  TYR A OH  1 
ATOM   512  N N   . GLY A 1 67  ? -13.920 -2.112  -11.248 1.00 17.80 ? 67  GLY A N   1 
ATOM   513  C CA  . GLY A 1 67  ? -14.018 -2.088  -12.694 1.00 15.26 ? 67  GLY A CA  1 
ATOM   514  C C   . GLY A 1 67  ? -13.503 -3.390  -13.277 1.00 15.29 ? 67  GLY A C   1 
ATOM   515  O O   . GLY A 1 67  ? -12.850 -4.171  -12.586 1.00 16.77 ? 67  GLY A O   1 
ATOM   516  N N   . GLY A 1 68  ? -13.794 -3.627  -14.551 1.00 17.69 ? 68  GLY A N   1 
ATOM   517  C CA  . GLY A 1 68  ? -13.377 -4.851  -15.211 1.00 17.56 ? 68  GLY A CA  1 
ATOM   518  C C   . GLY A 1 68  ? -14.205 -6.050  -14.789 1.00 16.23 ? 68  GLY A C   1 
ATOM   519  O O   . GLY A 1 68  ? -15.280 -5.899  -14.209 1.00 20.37 ? 68  GLY A O   1 
ATOM   520  N N   . GLU A 1 69  ? -13.701 -7.246  -15.076 1.00 15.43 ? 69  GLU A N   1 
ATOM   521  C CA  . GLU A 1 69  ? -14.416 -8.481  -14.770 1.00 16.41 ? 69  GLU A CA  1 
ATOM   522  C C   . GLU A 1 69  ? -14.652 -8.666  -13.272 1.00 17.68 ? 69  GLU A C   1 
ATOM   523  O O   . GLU A 1 69  ? -13.895 -8.155  -12.444 1.00 16.63 ? 69  GLU A O   1 
ATOM   524  C CB  . GLU A 1 69  ? -13.661 -9.688  -15.338 1.00 16.54 ? 69  GLU A CB  1 
ATOM   525  C CG  . GLU A 1 69  ? -14.247 -10.241 -16.626 1.00 23.95 ? 69  GLU A CG  1 
ATOM   526  C CD  . GLU A 1 69  ? -15.609 -10.874 -16.414 1.00 30.15 ? 69  GLU A CD  1 
ATOM   527  O OE1 . GLU A 1 69  ? -15.669 -11.978 -15.833 1.00 35.83 ? 69  GLU A OE1 1 
ATOM   528  O OE2 . GLU A 1 69  ? -16.621 -10.267 -16.823 1.00 32.91 ? 69  GLU A OE2 1 
ATOM   529  N N   . LYS A 1 70  ? -15.710 -9.397  -12.931 1.00 14.23 ? 70  LYS A N   1 
ATOM   530  C CA  . LYS A 1 70  ? -16.032 -9.670  -11.535 1.00 15.79 ? 70  LYS A CA  1 
ATOM   531  C C   . LYS A 1 70  ? -15.920 -11.163 -11.251 1.00 14.98 ? 70  LYS A C   1 
ATOM   532  O O   . LYS A 1 70  ? -16.332 -11.991 -12.065 1.00 14.15 ? 70  LYS A O   1 
ATOM   533  C CB  . LYS A 1 70  ? -17.433 -9.158  -11.188 1.00 14.63 ? 70  LYS A CB  1 
ATOM   534  C CG  . LYS A 1 70  ? -17.599 -7.643  -11.265 1.00 14.95 ? 70  LYS A CG  1 
ATOM   535  C CD  . LYS A 1 70  ? -19.061 -7.261  -11.043 1.00 20.47 ? 70  LYS A CD  1 
ATOM   536  C CE  . LYS A 1 70  ? -19.256 -5.752  -10.892 1.00 22.48 ? 70  LYS A CE  1 
ATOM   537  N NZ  . LYS A 1 70  ? -19.065 -5.009  -12.170 1.00 23.94 ? 70  LYS A NZ  1 
ATOM   538  N N   . PHE A 1 71  ? -15.370 -11.502 -10.089 1.00 12.83 ? 71  PHE A N   1 
ATOM   539  C CA  . PHE A 1 71  ? -15.028 -12.886 -9.787  1.00 14.97 ? 71  PHE A CA  1 
ATOM   540  C C   . PHE A 1 71  ? -15.659 -13.362 -8.487  1.00 16.94 ? 71  PHE A C   1 
ATOM   541  O O   . PHE A 1 71  ? -15.908 -12.566 -7.581  1.00 15.59 ? 71  PHE A O   1 
ATOM   542  C CB  . PHE A 1 71  ? -13.507 -13.038 -9.724  1.00 12.43 ? 71  PHE A CB  1 
ATOM   543  C CG  . PHE A 1 71  ? -12.799 -12.443 -10.904 1.00 15.22 ? 71  PHE A CG  1 
ATOM   544  C CD1 . PHE A 1 71  ? -12.589 -13.191 -12.049 1.00 14.92 ? 71  PHE A CD1 1 
ATOM   545  C CD2 . PHE A 1 71  ? -12.358 -11.127 -10.878 1.00 14.45 ? 71  PHE A CD2 1 
ATOM   546  C CE1 . PHE A 1 71  ? -11.946 -12.643 -13.140 1.00 17.27 ? 71  PHE A CE1 1 
ATOM   547  C CE2 . PHE A 1 71  ? -11.714 -10.574 -11.966 1.00 13.63 ? 71  PHE A CE2 1 
ATOM   548  C CZ  . PHE A 1 71  ? -11.507 -11.334 -13.098 1.00 15.87 ? 71  PHE A CZ  1 
ATOM   549  N N   . ALA A 1 72  ? -15.919 -14.662 -8.402  1.00 16.15 ? 72  ALA A N   1 
ATOM   550  C CA  . ALA A 1 72  ? -16.481 -15.249 -7.191  1.00 19.82 ? 72  ALA A CA  1 
ATOM   551  C C   . ALA A 1 72  ? -15.417 -15.363 -6.108  1.00 19.41 ? 72  ALA A C   1 
ATOM   552  O O   . ALA A 1 72  ? -15.699 -15.148 -4.929  1.00 20.02 ? 72  ALA A O   1 
ATOM   553  C CB  . ALA A 1 72  ? -17.082 -16.613 -7.489  1.00 19.64 ? 72  ALA A CB  1 
ATOM   554  N N   . THR A 1 73  ? -14.195 -15.703 -6.515  1.00 20.40 ? 73  THR A N   1 
ATOM   555  C CA  . THR A 1 73  ? -13.095 -15.887 -5.573  1.00 17.15 ? 73  THR A CA  1 
ATOM   556  C C   . THR A 1 73  ? -11.874 -15.044 -5.929  1.00 16.14 ? 73  THR A C   1 
ATOM   557  O O   . THR A 1 73  ? -11.745 -14.554 -7.050  1.00 15.06 ? 73  THR A O   1 
ATOM   558  C CB  . THR A 1 73  ? -12.656 -17.371 -5.482  1.00 17.71 ? 73  THR A CB  1 
ATOM   559  O OG1 . THR A 1 73  ? -11.923 -17.734 -6.658  1.00 18.60 ? 73  THR A OG1 1 
ATOM   560  C CG2 . THR A 1 73  ? -13.860 -18.287 -5.332  1.00 20.39 ? 73  THR A CG2 1 
ATOM   561  N N   . LEU A 1 74  ? -10.983 -14.883 -4.955  1.00 16.12 ? 74  LEU A N   1 
ATOM   562  C CA  . LEU A 1 74  ? -9.720  -14.184 -5.146  1.00 17.08 ? 74  LEU A CA  1 
ATOM   563  C C   . LEU A 1 74  ? -8.831  -14.905 -6.155  1.00 18.01 ? 74  LEU A C   1 
ATOM   564  O O   . LEU A 1 74  ? -8.171  -14.272 -6.984  1.00 14.48 ? 74  LEU A O   1 
ATOM   565  C CB  . LEU A 1 74  ? -8.976  -14.091 -3.817  1.00 19.58 ? 74  LEU A CB  1 
ATOM   566  C CG  . LEU A 1 74  ? -8.871  -12.743 -3.118  1.00 24.43 ? 74  LEU A CG  1 
ATOM   567  C CD1 . LEU A 1 74  ? -7.905  -12.874 -1.954  1.00 16.55 ? 74  LEU A CD1 1 
ATOM   568  C CD2 . LEU A 1 74  ? -8.407  -11.668 -4.094  1.00 22.98 ? 74  LEU A CD2 1 
ATOM   569  N N   . ALA A 1 75  ? -8.813  -16.233 -6.063  1.00 15.19 ? 75  ALA A N   1 
ATOM   570  C CA  . ALA A 1 75  ? -7.986  -17.066 -6.929  1.00 15.15 ? 75  ALA A CA  1 
ATOM   571  C C   . ALA A 1 75  ? -8.335  -16.861 -8.397  1.00 16.35 ? 75  ALA A C   1 
ATOM   572  O O   . ALA A 1 75  ? -7.449  -16.807 -9.252  1.00 16.93 ? 75  ALA A O   1 
ATOM   573  C CB  . ALA A 1 75  ? -8.134  -18.532 -6.549  1.00 13.58 ? 75  ALA A CB  1 
ATOM   574  N N   . GLU A 1 76  ? -9.627  -16.743 -8.686  1.00 16.84 ? 76  GLU A N   1 
ATOM   575  C CA  . GLU A 1 76  ? -10.080 -16.504 -10.052 1.00 15.89 ? 76  GLU A CA  1 
ATOM   576  C C   . GLU A 1 76  ? -9.633  -15.133 -10.541 1.00 13.22 ? 76  GLU A C   1 
ATOM   577  O O   . GLU A 1 76  ? -9.257  -14.978 -11.700 1.00 12.01 ? 76  GLU A O   1 
ATOM   578  C CB  . GLU A 1 76  ? -11.602 -16.628 -10.149 1.00 17.80 ? 76  GLU A CB  1 
ATOM   579  C CG  . GLU A 1 76  ? -12.131 -18.013 -9.821  1.00 22.36 ? 76  GLU A CG  1 
ATOM   580  C CD  . GLU A 1 76  ? -13.647 -18.064 -9.797  1.00 31.00 ? 76  GLU A CD  1 
ATOM   581  O OE1 . GLU A 1 76  ? -14.284 -17.213 -10.457 1.00 33.11 ? 76  GLU A OE1 1 
ATOM   582  O OE2 . GLU A 1 76  ? -14.201 -18.952 -9.112  1.00 30.66 ? 76  GLU A OE2 1 
ATOM   583  N N   . LEU A 1 77  ? -9.680  -14.144 -9.652  1.00 13.94 ? 77  LEU A N   1 
ATOM   584  C CA  . LEU A 1 77  ? -9.241  -12.789 -9.975  1.00 14.66 ? 77  LEU A CA  1 
ATOM   585  C C   . LEU A 1 77  ? -7.755  -12.771 -10.321 1.00 14.71 ? 77  LEU A C   1 
ATOM   586  O O   . LEU A 1 77  ? -7.346  -12.177 -11.319 1.00 13.22 ? 77  LEU A O   1 
ATOM   587  C CB  . LEU A 1 77  ? -9.531  -11.835 -8.806  1.00 15.88 ? 77  LEU A CB  1 
ATOM   588  C CG  . LEU A 1 77  ? -9.111  -10.362 -8.917  1.00 11.85 ? 77  LEU A CG  1 
ATOM   589  C CD1 . LEU A 1 77  ? -10.125 -9.467  -8.229  1.00 13.08 ? 77  LEU A CD1 1 
ATOM   590  C CD2 . LEU A 1 77  ? -7.730  -10.128 -8.316  1.00 12.22 ? 77  LEU A CD2 1 
ATOM   591  N N   . VAL A 1 78  ? -6.955  -13.426 -9.487  1.00 14.70 ? 78  VAL A N   1 
ATOM   592  C CA  . VAL A 1 78  ? -5.511  -13.477 -9.687  1.00 15.07 ? 78  VAL A CA  1 
ATOM   593  C C   . VAL A 1 78  ? -5.141  -14.243 -10.953 1.00 12.44 ? 78  VAL A C   1 
ATOM   594  O O   . VAL A 1 78  ? -4.331  -13.773 -11.754 1.00 11.38 ? 78  VAL A O   1 
ATOM   595  C CB  . VAL A 1 78  ? -4.796  -14.099 -8.470  1.00 15.65 ? 78  VAL A CB  1 
ATOM   596  C CG1 . VAL A 1 78  ? -3.342  -14.398 -8.794  1.00 12.19 ? 78  VAL A CG1 1 
ATOM   597  C CG2 . VAL A 1 78  ? -4.904  -13.171 -7.267  1.00 14.46 ? 78  VAL A CG2 1 
ATOM   598  N N   . GLN A 1 79  ? -5.738  -15.417 -11.128 1.00 12.09 ? 79  GLN A N   1 
ATOM   599  C CA  . GLN A 1 79  ? -5.492  -16.232 -12.312 1.00 14.37 ? 79  GLN A CA  1 
ATOM   600  C C   . GLN A 1 79  ? -5.833  -15.455 -13.579 1.00 14.91 ? 79  GLN A C   1 
ATOM   601  O O   . GLN A 1 79  ? -5.080  -15.480 -14.553 1.00 15.63 ? 79  GLN A O   1 
ATOM   602  C CB  . GLN A 1 79  ? -6.306  -17.528 -12.253 1.00 18.09 ? 79  GLN A CB  1 
ATOM   603  C CG  . GLN A 1 79  ? -6.064  -18.474 -13.426 1.00 20.74 ? 79  GLN A CG  1 
ATOM   604  C CD  . GLN A 1 79  ? -7.051  -19.629 -13.456 1.00 32.54 ? 79  GLN A CD  1 
ATOM   605  O OE1 . GLN A 1 79  ? -8.069  -19.609 -12.762 1.00 37.18 ? 79  GLN A OE1 1 
ATOM   606  N NE2 . GLN A 1 79  ? -6.754  -20.643 -14.265 1.00 29.98 ? 79  GLN A NE2 1 
ATOM   607  N N   . TYR A 1 80  ? -6.966  -14.758 -13.550 1.00 12.35 ? 80  TYR A N   1 
ATOM   608  C CA  . TYR A 1 80  ? -7.403  -13.931 -14.671 1.00 15.32 ? 80  TYR A CA  1 
ATOM   609  C C   . TYR A 1 80  ? -6.352  -12.887 -15.042 1.00 13.66 ? 80  TYR A C   1 
ATOM   610  O O   . TYR A 1 80  ? -6.053  -12.694 -16.219 1.00 13.64 ? 80  TYR A O   1 
ATOM   611  C CB  . TYR A 1 80  ? -8.739  -13.249 -14.345 1.00 15.60 ? 80  TYR A CB  1 
ATOM   612  C CG  . TYR A 1 80  ? -9.243  -12.283 -15.403 1.00 15.52 ? 80  TYR A CG  1 
ATOM   613  C CD1 . TYR A 1 80  ? -8.862  -10.946 -15.390 1.00 17.58 ? 80  TYR A CD1 1 
ATOM   614  C CD2 . TYR A 1 80  ? -10.115 -12.703 -16.399 1.00 18.65 ? 80  TYR A CD2 1 
ATOM   615  C CE1 . TYR A 1 80  ? -9.317  -10.062 -16.348 1.00 18.52 ? 80  TYR A CE1 1 
ATOM   616  C CE2 . TYR A 1 80  ? -10.579 -11.820 -17.363 1.00 19.48 ? 80  TYR A CE2 1 
ATOM   617  C CZ  . TYR A 1 80  ? -10.175 -10.501 -17.328 1.00 20.24 ? 80  TYR A CZ  1 
ATOM   618  O OH  . TYR A 1 80  ? -10.627 -9.611  -18.275 1.00 24.12 ? 80  TYR A OH  1 
ATOM   619  N N   . TYR A 1 81  ? -5.792  -12.218 -14.039 1.00 13.57 ? 81  TYR A N   1 
ATOM   620  C CA  . TYR A 1 81  ? -4.829  -11.148 -14.303 1.00 16.02 ? 81  TYR A CA  1 
ATOM   621  C C   . TYR A 1 81  ? -3.390  -11.626 -14.517 1.00 13.02 ? 81  TYR A C   1 
ATOM   622  O O   . TYR A 1 81  ? -2.539  -10.862 -14.967 1.00 13.79 ? 81  TYR A O   1 
ATOM   623  C CB  . TYR A 1 81  ? -4.925  -10.043 -13.247 1.00 12.11 ? 81  TYR A CB  1 
ATOM   624  C CG  . TYR A 1 81  ? -6.171  -9.202  -13.417 1.00 17.30 ? 81  TYR A CG  1 
ATOM   625  C CD1 . TYR A 1 81  ? -6.290  -8.316  -14.483 1.00 17.43 ? 81  TYR A CD1 1 
ATOM   626  C CD2 . TYR A 1 81  ? -7.236  -9.310  -12.531 1.00 14.53 ? 81  TYR A CD2 1 
ATOM   627  C CE1 . TYR A 1 81  ? -7.431  -7.554  -14.658 1.00 15.24 ? 81  TYR A CE1 1 
ATOM   628  C CE2 . TYR A 1 81  ? -8.383  -8.549  -12.698 1.00 14.26 ? 81  TYR A CE2 1 
ATOM   629  C CZ  . TYR A 1 81  ? -8.473  -7.672  -13.762 1.00 15.49 ? 81  TYR A CZ  1 
ATOM   630  O OH  . TYR A 1 81  ? -9.607  -6.911  -13.936 1.00 14.57 ? 81  TYR A OH  1 
ATOM   631  N N   . MET A 1 82  ? -3.122  -12.890 -14.211 1.00 11.81 ? 82  MET A N   1 
ATOM   632  C CA  . MET A 1 82  ? -1.871  -13.501 -14.642 1.00 14.16 ? 82  MET A CA  1 
ATOM   633  C C   . MET A 1 82  ? -1.985  -13.891 -16.116 1.00 14.41 ? 82  MET A C   1 
ATOM   634  O O   . MET A 1 82  ? -1.042  -13.728 -16.886 1.00 13.44 ? 82  MET A O   1 
ATOM   635  C CB  . MET A 1 82  ? -1.539  -14.733 -13.806 1.00 11.06 ? 82  MET A CB  1 
ATOM   636  C CG  . MET A 1 82  ? -1.168  -14.435 -12.368 1.00 13.31 ? 82  MET A CG  1 
ATOM   637  S SD  . MET A 1 82  ? -0.653  -15.939 -11.518 1.00 20.22 ? 82  MET A SD  1 
ATOM   638  C CE  . MET A 1 82  ? 0.828   -16.356 -12.435 1.00 16.40 ? 82  MET A CE  1 
ATOM   639  N N   . GLU A 1 83  ? -3.153  -14.398 -16.495 1.00 15.50 ? 83  GLU A N   1 
ATOM   640  C CA  . GLU A 1 83  ? -3.406  -14.838 -17.864 1.00 16.34 ? 83  GLU A CA  1 
ATOM   641  C C   . GLU A 1 83  ? -3.567  -13.662 -18.823 1.00 15.52 ? 83  GLU A C   1 
ATOM   642  O O   . GLU A 1 83  ? -3.156  -13.735 -19.979 1.00 17.89 ? 83  GLU A O   1 
ATOM   643  C CB  . GLU A 1 83  ? -4.651  -15.729 -17.917 1.00 17.90 ? 83  GLU A CB  1 
ATOM   644  C CG  . GLU A 1 83  ? -4.494  -17.068 -17.210 1.00 20.78 ? 83  GLU A CG  1 
ATOM   645  C CD  . GLU A 1 83  ? -5.793  -17.853 -17.146 1.00 26.14 ? 83  GLU A CD  1 
ATOM   646  O OE1 . GLU A 1 83  ? -6.841  -17.314 -17.565 1.00 24.45 ? 83  GLU A OE1 1 
ATOM   647  O OE2 . GLU A 1 83  ? -5.765  -19.013 -16.680 1.00 35.98 ? 83  GLU A OE2 1 
ATOM   648  N N   . HIS A 1 84  ? -4.173  -12.584 -18.341 1.00 14.65 ? 84  HIS A N   1 
ATOM   649  C CA  . HIS A 1 84  ? -4.365  -11.394 -19.155 1.00 15.82 ? 84  HIS A CA  1 
ATOM   650  C C   . HIS A 1 84  ? -3.279  -10.361 -18.882 1.00 14.92 ? 84  HIS A C   1 
ATOM   651  O O   . HIS A 1 84  ? -3.547  -9.286  -18.348 1.00 19.66 ? 84  HIS A O   1 
ATOM   652  C CB  . HIS A 1 84  ? -5.756  -10.800 -18.919 1.00 16.92 ? 84  HIS A CB  1 
ATOM   653  C CG  . HIS A 1 84  ? -6.868  -11.671 -19.396 1.00 18.52 ? 84  HIS A CG  1 
ATOM   654  N ND1 . HIS A 1 84  ? -7.141  -12.911 -18.842 1.00 21.02 ? 84  HIS A ND1 1 
ATOM   655  C CD2 . HIS A 1 84  ? -7.781  -11.504 -20.385 1.00 23.94 ? 84  HIS A CD2 1 
ATOM   656  C CE1 . HIS A 1 84  ? -8.167  -13.454 -19.463 1.00 19.26 ? 84  HIS A CE1 1 
ATOM   657  N NE2 . HIS A 1 84  ? -8.576  -12.622 -20.405 1.00 25.46 ? 84  HIS A NE2 1 
ATOM   658  N N   . HIS A 1 85  ? -2.051  -10.706 -19.257 1.00 15.01 ? 85  HIS A N   1 
ATOM   659  C CA  . HIS A 1 85  ? -0.892  -9.840  -19.055 1.00 16.23 ? 85  HIS A CA  1 
ATOM   660  C C   . HIS A 1 85  ? -0.974  -8.581  -19.914 1.00 17.06 ? 85  HIS A C   1 
ATOM   661  O O   . HIS A 1 85  ? -1.105  -8.660  -21.136 1.00 14.23 ? 85  HIS A O   1 
ATOM   662  C CB  . HIS A 1 85  ? 0.396   -10.615 -19.366 1.00 15.24 ? 85  HIS A CB  1 
ATOM   663  C CG  . HIS A 1 85  ? 1.635   -9.778  -19.349 1.00 16.29 ? 85  HIS A CG  1 
ATOM   664  N ND1 . HIS A 1 85  ? 2.065   -9.058  -20.449 1.00 16.03 ? 85  HIS A ND1 1 
ATOM   665  C CD2 . HIS A 1 85  ? 2.553   -9.558  -18.380 1.00 17.16 ? 85  HIS A CD2 1 
ATOM   666  C CE1 . HIS A 1 85  ? 3.181   -8.427  -20.149 1.00 16.24 ? 85  HIS A CE1 1 
ATOM   667  N NE2 . HIS A 1 85  ? 3.503   -8.712  -18.898 1.00 17.15 ? 85  HIS A NE2 1 
ATOM   668  N N   . GLY A 1 86  ? -0.906  -7.421  -19.269 1.00 18.71 ? 86  GLY A N   1 
ATOM   669  C CA  . GLY A 1 86  ? -0.922  -6.157  -19.981 1.00 16.11 ? 86  GLY A CA  1 
ATOM   670  C C   . GLY A 1 86  ? -2.157  -5.312  -19.731 1.00 18.63 ? 86  GLY A C   1 
ATOM   671  O O   . GLY A 1 86  ? -2.195  -4.143  -20.115 1.00 21.43 ? 86  GLY A O   1 
ATOM   672  N N   . GLN A 1 87  ? -3.169  -5.897  -19.096 1.00 17.29 ? 87  GLN A N   1 
ATOM   673  C CA  . GLN A 1 87  ? -4.396  -5.164  -18.790 1.00 19.85 ? 87  GLN A CA  1 
ATOM   674  C C   . GLN A 1 87  ? -4.182  -4.110  -17.708 1.00 18.03 ? 87  GLN A C   1 
ATOM   675  O O   . GLN A 1 87  ? -4.712  -3.006  -17.798 1.00 20.81 ? 87  GLN A O   1 
ATOM   676  C CB  . GLN A 1 87  ? -5.518  -6.115  -18.358 1.00 20.70 ? 87  GLN A CB  1 
ATOM   677  C CG  . GLN A 1 87  ? -6.280  -6.768  -19.497 1.00 23.30 ? 87  GLN A CG  1 
ATOM   678  C CD  . GLN A 1 87  ? -7.683  -7.181  -19.085 1.00 30.36 ? 87  GLN A CD  1 
ATOM   679  O OE1 . GLN A 1 87  ? -8.345  -6.487  -18.309 1.00 30.57 ? 87  GLN A OE1 1 
ATOM   680  N NE2 . GLN A 1 87  ? -8.144  -8.317  -19.601 1.00 27.15 ? 87  GLN A NE2 1 
ATOM   681  N N   . LEU A 1 88  ? -3.411  -4.460  -16.682 1.00 20.46 ? 88  LEU A N   1 
ATOM   682  C CA  . LEU A 1 88  ? -3.204  -3.578  -15.534 1.00 18.46 ? 88  LEU A CA  1 
ATOM   683  C C   . LEU A 1 88  ? -2.060  -2.599  -15.764 1.00 20.52 ? 88  LEU A C   1 
ATOM   684  O O   . LEU A 1 88  ? -0.921  -3.001  -16.001 1.00 20.63 ? 88  LEU A O   1 
ATOM   685  C CB  . LEU A 1 88  ? -2.942  -4.401  -14.274 1.00 14.50 ? 88  LEU A CB  1 
ATOM   686  C CG  . LEU A 1 88  ? -4.014  -5.446  -13.970 1.00 14.82 ? 88  LEU A CG  1 
ATOM   687  C CD1 . LEU A 1 88  ? -3.623  -6.262  -12.753 1.00 14.93 ? 88  LEU A CD1 1 
ATOM   688  C CD2 . LEU A 1 88  ? -5.369  -4.775  -13.768 1.00 16.57 ? 88  LEU A CD2 1 
ATOM   689  N N   . LYS A 1 89  ? -2.365  -1.309  -15.686 1.00 18.72 ? 89  LYS A N   1 
ATOM   690  C CA  . LYS A 1 89  ? -1.379  -0.282  -15.989 1.00 20.63 ? 89  LYS A CA  1 
ATOM   691  C C   . LYS A 1 89  ? -1.339  0.826   -14.940 1.00 25.32 ? 89  LYS A C   1 
ATOM   692  O O   . LYS A 1 89  ? -2.344  1.125   -14.290 1.00 23.69 ? 89  LYS A O   1 
ATOM   693  C CB  . LYS A 1 89  ? -1.636  0.313   -17.380 1.00 21.60 ? 89  LYS A CB  1 
ATOM   694  C CG  . LYS A 1 89  ? -1.260  -0.584  -18.556 1.00 25.01 ? 89  LYS A CG  1 
ATOM   695  C CD  . LYS A 1 89  ? -1.775  0.011   -19.863 1.00 25.44 ? 89  LYS A CD  1 
ATOM   696  C CE  . LYS A 1 89  ? -1.249  -0.734  -21.075 1.00 23.59 ? 89  LYS A CE  1 
ATOM   697  N NZ  . LYS A 1 89  ? -1.816  -0.153  -22.322 1.00 34.21 ? 89  LYS A NZ  1 
ATOM   698  N N   . GLU A 1 90  ? -0.166  1.429   -14.788 1.00 24.56 ? 90  GLU A N   1 
ATOM   699  C CA  . GLU A 1 90  ? 0.006   2.569   -13.904 1.00 25.68 ? 90  GLU A CA  1 
ATOM   700  C C   . GLU A 1 90  ? -0.542  3.823   -14.582 1.00 26.97 ? 90  GLU A C   1 
ATOM   701  O O   . GLU A 1 90  ? -1.031  3.762   -15.711 1.00 28.59 ? 90  GLU A O   1 
ATOM   702  C CB  . GLU A 1 90  ? 1.483   2.747   -13.563 1.00 27.29 ? 90  GLU A CB  1 
ATOM   703  C CG  . GLU A 1 90  ? 1.754   2.903   -12.087 1.00 30.34 ? 90  GLU A CG  1 
ATOM   704  C CD  . GLU A 1 90  ? 3.202   2.669   -11.729 1.00 36.10 ? 90  GLU A CD  1 
ATOM   705  O OE1 . GLU A 1 90  ? 3.484   1.642   -11.072 1.00 32.68 ? 90  GLU A OE1 1 
ATOM   706  O OE2 . GLU A 1 90  ? 4.054   3.503   -12.100 1.00 34.62 ? 90  GLU A OE2 1 
ATOM   707  N N   . LYS A 1 91  ? -0.456  4.954   -13.888 1.00 26.74 ? 91  LYS A N   1 
ATOM   708  C CA  . LYS A 1 91  ? -0.979  6.217   -14.397 1.00 27.21 ? 91  LYS A CA  1 
ATOM   709  C C   . LYS A 1 91  ? -0.242  6.668   -15.654 1.00 30.16 ? 91  LYS A C   1 
ATOM   710  O O   . LYS A 1 91  ? -0.843  7.240   -16.562 1.00 31.94 ? 91  LYS A O   1 
ATOM   711  C CB  . LYS A 1 91  ? -0.880  7.300   -13.322 1.00 30.24 ? 91  LYS A CB  1 
ATOM   712  C CG  . LYS A 1 91  ? -1.840  8.461   -13.512 1.00 32.05 ? 91  LYS A CG  1 
ATOM   713  C CD  . LYS A 1 91  ? -1.690  9.481   -12.393 1.00 31.34 ? 91  LYS A CD  1 
ATOM   714  C CE  . LYS A 1 91  ? -2.784  10.535  -12.447 1.00 31.88 ? 91  LYS A CE  1 
ATOM   715  N NZ  . LYS A 1 91  ? -4.140  9.927   -12.318 1.00 35.25 ? 91  LYS A NZ  1 
ATOM   716  N N   . ASN A 1 92  ? 1.062   6.409   -15.704 1.00 29.39 ? 92  ASN A N   1 
ATOM   717  C CA  . ASN A 1 92  ? 1.868   6.779   -16.864 1.00 32.69 ? 92  ASN A CA  1 
ATOM   718  C C   . ASN A 1 92  ? 1.776   5.759   -18.001 1.00 32.03 ? 92  ASN A C   1 
ATOM   719  O O   . ASN A 1 92  ? 2.171   6.041   -19.135 1.00 30.40 ? 92  ASN A O   1 
ATOM   720  C CB  . ASN A 1 92  ? 3.335   6.990   -16.469 1.00 31.12 ? 92  ASN A CB  1 
ATOM   721  C CG  . ASN A 1 92  ? 3.975   5.737   -15.878 1.00 30.19 ? 92  ASN A CG  1 
ATOM   722  O OD1 . ASN A 1 92  ? 3.337   4.691   -15.762 1.00 33.25 ? 92  ASN A OD1 1 
ATOM   723  N ND2 . ASN A 1 92  ? 5.246   5.842   -15.508 1.00 28.37 ? 92  ASN A ND2 1 
ATOM   724  N N   . GLY A 1 93  ? 1.274   4.568   -17.688 1.00 30.73 ? 93  GLY A N   1 
ATOM   725  C CA  . GLY A 1 93  ? 1.130   3.526   -18.688 1.00 26.52 ? 93  GLY A CA  1 
ATOM   726  C C   . GLY A 1 93  ? 2.039   2.339   -18.442 1.00 27.39 ? 93  GLY A C   1 
ATOM   727  O O   . GLY A 1 93  ? 2.040   1.389   -19.222 1.00 29.95 ? 93  GLY A O   1 
ATOM   728  N N   . ASP A 1 94  ? 2.821   2.396   -17.366 1.00 27.08 ? 94  ASP A N   1 
ATOM   729  C CA  . ASP A 1 94  ? 3.673   1.272   -16.980 1.00 26.87 ? 94  ASP A CA  1 
ATOM   730  C C   . ASP A 1 94  ? 2.822   0.030   -16.715 1.00 25.48 ? 94  ASP A C   1 
ATOM   731  O O   . ASP A 1 94  ? 1.870   0.077   -15.933 1.00 19.68 ? 94  ASP A O   1 
ATOM   732  C CB  . ASP A 1 94  ? 4.499   1.609   -15.729 1.00 32.62 ? 94  ASP A CB  1 
ATOM   733  C CG  . ASP A 1 94  ? 5.754   2.409   -16.045 1.00 34.12 ? 94  ASP A CG  1 
ATOM   734  O OD1 . ASP A 1 94  ? 6.383   2.151   -17.094 1.00 37.64 ? 94  ASP A OD1 1 
ATOM   735  O OD2 . ASP A 1 94  ? 6.117   3.294   -15.238 1.00 34.55 ? 94  ASP A OD2 1 
ATOM   736  N N   . VAL A 1 95  ? 3.166   -1.077  -17.368 1.00 25.81 ? 95  VAL A N   1 
ATOM   737  C CA  . VAL A 1 95  ? 2.425   -2.324  -17.203 1.00 20.64 ? 95  VAL A CA  1 
ATOM   738  C C   . VAL A 1 95  ? 2.741   -2.996  -15.868 1.00 16.62 ? 95  VAL A C   1 
ATOM   739  O O   . VAL A 1 95  ? 3.901   -3.204  -15.528 1.00 18.33 ? 95  VAL A O   1 
ATOM   740  C CB  . VAL A 1 95  ? 2.707   -3.313  -18.355 1.00 22.00 ? 95  VAL A CB  1 
ATOM   741  C CG1 . VAL A 1 95  ? 1.975   -4.633  -18.123 1.00 15.14 ? 95  VAL A CG1 1 
ATOM   742  C CG2 . VAL A 1 95  ? 2.300   -2.706  -19.690 1.00 25.57 ? 95  VAL A CG2 1 
ATOM   743  N N   . ILE A 1 96  ? 1.697   -3.322  -15.112 1.00 18.11 ? 96  ILE A N   1 
ATOM   744  C CA  . ILE A 1 96  ? 1.845   -4.065  -13.868 1.00 19.06 ? 96  ILE A CA  1 
ATOM   745  C C   . ILE A 1 96  ? 1.808   -5.562  -14.171 1.00 14.86 ? 96  ILE A C   1 
ATOM   746  O O   . ILE A 1 96  ? 0.820   -6.068  -14.704 1.00 12.93 ? 96  ILE A O   1 
ATOM   747  C CB  . ILE A 1 96  ? 0.727   -3.705  -12.867 1.00 19.21 ? 96  ILE A CB  1 
ATOM   748  C CG1 . ILE A 1 96  ? 0.609   -2.184  -12.729 1.00 19.86 ? 96  ILE A CG1 1 
ATOM   749  C CG2 . ILE A 1 96  ? 0.988   -4.349  -11.511 1.00 18.22 ? 96  ILE A CG2 1 
ATOM   750  C CD1 . ILE A 1 96  ? -0.471  -1.733  -11.764 1.00 22.46 ? 96  ILE A CD1 1 
ATOM   751  N N   . GLU A 1 97  ? 2.885   -6.264  -13.830 1.00 17.82 ? 97  GLU A N   1 
ATOM   752  C CA  . GLU A 1 97  ? 3.042   -7.671  -14.199 1.00 16.54 ? 97  GLU A CA  1 
ATOM   753  C C   . GLU A 1 97  ? 2.950   -8.621  -13.006 1.00 17.47 ? 97  GLU A C   1 
ATOM   754  O O   . GLU A 1 97  ? 3.736   -8.526  -12.061 1.00 14.81 ? 97  GLU A O   1 
ATOM   755  C CB  . GLU A 1 97  ? 4.378   -7.881  -14.915 1.00 15.74 ? 97  GLU A CB  1 
ATOM   756  C CG  . GLU A 1 97  ? 4.568   -7.018  -16.150 1.00 16.11 ? 97  GLU A CG  1 
ATOM   757  C CD  . GLU A 1 97  ? 5.910   -7.245  -16.818 1.00 19.94 ? 97  GLU A CD  1 
ATOM   758  O OE1 . GLU A 1 97  ? 6.918   -6.689  -16.333 1.00 23.56 ? 97  GLU A OE1 1 
ATOM   759  O OE2 . GLU A 1 97  ? 5.960   -7.979  -17.829 1.00 23.61 ? 97  GLU A OE2 1 
ATOM   760  N N   . LEU A 1 98  ? 1.992   -9.544  -13.062 1.00 14.18 ? 98  LEU A N   1 
ATOM   761  C CA  . LEU A 1 98  ? 1.843   -10.568 -12.033 1.00 13.73 ? 98  LEU A CA  1 
ATOM   762  C C   . LEU A 1 98  ? 2.502   -11.867 -12.480 1.00 13.53 ? 98  LEU A C   1 
ATOM   763  O O   . LEU A 1 98  ? 1.846   -12.723 -13.072 1.00 16.98 ? 98  LEU A O   1 
ATOM   764  C CB  . LEU A 1 98  ? 0.363   -10.829 -11.752 1.00 14.48 ? 98  LEU A CB  1 
ATOM   765  C CG  . LEU A 1 98  ? -0.517  -9.645  -11.349 1.00 15.76 ? 98  LEU A CG  1 
ATOM   766  C CD1 . LEU A 1 98  ? -1.936  -10.119 -11.066 1.00 11.26 ? 98  LEU A CD1 1 
ATOM   767  C CD2 . LEU A 1 98  ? 0.067   -8.939  -10.143 1.00 13.11 ? 98  LEU A CD2 1 
ATOM   768  N N   . LYS A 1 99  ? 3.791   -12.020 -12.193 1.00 11.67 ? 99  LYS A N   1 
ATOM   769  C CA  . LYS A 1 99  ? 4.541   -13.176 -12.680 1.00 12.20 ? 99  LYS A CA  1 
ATOM   770  C C   . LYS A 1 99  ? 4.663   -14.306 -11.657 1.00 14.84 ? 99  LYS A C   1 
ATOM   771  O O   . LYS A 1 99  ? 4.311   -15.451 -11.940 1.00 13.51 ? 99  LYS A O   1 
ATOM   772  C CB  . LYS A 1 99  ? 5.942   -12.762 -13.144 1.00 13.64 ? 99  LYS A CB  1 
ATOM   773  C CG  . LYS A 1 99  ? 5.974   -11.696 -14.231 1.00 16.14 ? 99  LYS A CG  1 
ATOM   774  C CD  . LYS A 1 99  ? 7.350   -11.641 -14.889 1.00 19.66 ? 99  LYS A CD  1 
ATOM   775  C CE  . LYS A 1 99  ? 7.487   -10.441 -15.816 1.00 22.40 ? 99  LYS A CE  1 
ATOM   776  N NZ  . LYS A 1 99  ? 8.693   -10.556 -16.689 1.00 26.19 ? 99  LYS A NZ  1 
ATOM   777  N N   . TYR A 1 100 ? 5.170   -13.987 -10.471 1.00 13.66 ? 100 TYR A N   1 
ATOM   778  C CA  . TYR A 1 100 ? 5.490   -15.023 -9.493  1.00 14.08 ? 100 TYR A CA  1 
ATOM   779  C C   . TYR A 1 100 ? 4.791   -14.819 -8.149  1.00 13.69 ? 100 TYR A C   1 
ATOM   780  O O   . TYR A 1 100 ? 5.154   -13.931 -7.382  1.00 12.50 ? 100 TYR A O   1 
ATOM   781  C CB  . TYR A 1 100 ? 7.005   -15.107 -9.290  1.00 10.94 ? 100 TYR A CB  1 
ATOM   782  C CG  . TYR A 1 100 ? 7.798   -14.940 -10.567 1.00 13.16 ? 100 TYR A CG  1 
ATOM   783  C CD1 . TYR A 1 100 ? 7.843   -15.953 -11.519 1.00 14.49 ? 100 TYR A CD1 1 
ATOM   784  C CD2 . TYR A 1 100 ? 8.505   -13.769 -10.822 1.00 11.67 ? 100 TYR A CD2 1 
ATOM   785  C CE1 . TYR A 1 100 ? 8.567   -15.803 -12.691 1.00 14.03 ? 100 TYR A CE1 1 
ATOM   786  C CE2 . TYR A 1 100 ? 9.234   -13.611 -11.988 1.00 13.21 ? 100 TYR A CE2 1 
ATOM   787  C CZ  . TYR A 1 100 ? 9.261   -14.632 -12.918 1.00 15.61 ? 100 TYR A CZ  1 
ATOM   788  O OH  . TYR A 1 100 ? 9.980   -14.483 -14.081 1.00 17.48 ? 100 TYR A OH  1 
ATOM   789  N N   . PRO A 1 101 ? 3.783   -15.654 -7.862  1.00 18.27 ? 101 PRO A N   1 
ATOM   790  C CA  . PRO A 1 101 ? 3.121   -15.629 -6.552  1.00 17.49 ? 101 PRO A CA  1 
ATOM   791  C C   . PRO A 1 101 ? 4.114   -15.953 -5.435  1.00 19.26 ? 101 PRO A C   1 
ATOM   792  O O   . PRO A 1 101 ? 4.847   -16.935 -5.550  1.00 21.19 ? 101 PRO A O   1 
ATOM   793  C CB  . PRO A 1 101 ? 2.079   -16.746 -6.665  1.00 18.54 ? 101 PRO A CB  1 
ATOM   794  C CG  . PRO A 1 101 ? 1.853   -16.921 -8.145  1.00 18.24 ? 101 PRO A CG  1 
ATOM   795  C CD  . PRO A 1 101 ? 3.185   -16.647 -8.774  1.00 17.75 ? 101 PRO A CD  1 
ATOM   796  N N   . LEU A 1 102 ? 4.149   -15.135 -4.386  1.00 17.71 ? 102 LEU A N   1 
ATOM   797  C CA  . LEU A 1 102 ? 5.017   -15.388 -3.238  1.00 18.14 ? 102 LEU A CA  1 
ATOM   798  C C   . LEU A 1 102 ? 4.235   -16.151 -2.173  1.00 20.80 ? 102 LEU A C   1 
ATOM   799  O O   . LEU A 1 102 ? 3.340   -15.596 -1.535  1.00 21.99 ? 102 LEU A O   1 
ATOM   800  C CB  . LEU A 1 102 ? 5.554   -14.071 -2.667  1.00 19.17 ? 102 LEU A CB  1 
ATOM   801  C CG  . LEU A 1 102 ? 6.857   -14.087 -1.854  1.00 19.59 ? 102 LEU A CG  1 
ATOM   802  C CD1 . LEU A 1 102 ? 7.400   -12.677 -1.688  1.00 17.04 ? 102 LEU A CD1 1 
ATOM   803  C CD2 . LEU A 1 102 ? 6.680   -14.735 -0.488  1.00 22.82 ? 102 LEU A CD2 1 
ATOM   804  N N   . ASN A 1 103 ? 4.591   -17.415 -1.968  1.00 22.06 ? 103 ASN A N   1 
ATOM   805  C CA  . ASN A 1 103 ? 3.817   -18.302 -1.096  1.00 26.08 ? 103 ASN A CA  1 
ATOM   806  C C   . ASN A 1 103 ? 4.059   -18.146 0.411   1.00 30.47 ? 103 ASN A C   1 
ATOM   807  O O   . ASN A 1 103 ? 4.953   -17.413 0.838   1.00 32.00 ? 103 ASN A O   1 
ATOM   808  C CB  . ASN A 1 103 ? 4.016   -19.757 -1.523  1.00 25.22 ? 103 ASN A CB  1 
ATOM   809  C CG  . ASN A 1 103 ? 3.605   -19.998 -2.964  1.00 27.71 ? 103 ASN A CG  1 
ATOM   810  O OD1 . ASN A 1 103 ? 2.547   -19.546 -3.405  1.00 28.86 ? 103 ASN A OD1 1 
ATOM   811  N ND2 . ASN A 1 103 ? 4.448   -20.700 -3.710  1.00 28.11 ? 103 ASN A ND2 1 
ATOM   812  N N   . LYS A 1 104 ? 3.234   -18.848 1.191   1.00 35.73 ? 104 LYS A N   1 
ATOM   813  C CA  . LYS A 1 104 ? 3.256   -18.824 2.657   1.00 31.97 ? 104 LYS A CA  1 
ATOM   814  C C   . LYS A 1 104 ? 2.815   -17.485 3.242   1.00 29.49 ? 104 LYS A C   1 
ATOM   815  O O   . LYS A 1 104 ? 1.871   -17.425 4.033   1.00 31.76 ? 104 LYS A O   1 
ATOM   816  C CB  . LYS A 1 104 ? 4.620   -19.245 3.219   1.00 35.47 ? 104 LYS A CB  1 
ATOM   817  C CG  . LYS A 1 104 ? 5.017   -20.675 2.889   1.00 35.71 ? 104 LYS A CG  1 
ATOM   818  C CD  . LYS A 1 104 ? 6.367   -21.020 3.499   1.00 47.35 ? 104 LYS A CD  1 
ATOM   819  C CE  . LYS A 1 104 ? 6.310   -21.009 5.020   1.00 44.55 ? 104 LYS A CE  1 
ATOM   820  N NZ  . LYS A 1 104 ? 5.424   -22.089 5.540   1.00 41.26 ? 104 LYS A NZ  1 
ATOM   821  N N   . SER B 2 2   ? 6.248   13.136  -11.634 1.00 35.21 ? 2   SER B N   1 
ATOM   822  C CA  . SER B 2 2   ? 6.671   13.013  -10.241 1.00 42.59 ? 2   SER B CA  1 
ATOM   823  C C   . SER B 2 2   ? 5.481   12.800  -9.307  1.00 35.67 ? 2   SER B C   1 
ATOM   824  O O   . SER B 2 2   ? 4.718   13.729  -9.032  1.00 33.68 ? 2   SER B O   1 
ATOM   825  C CB  . SER B 2 2   ? 7.472   14.243  -9.806  1.00 43.30 ? 2   SER B CB  1 
ATOM   826  O OG  . SER B 2 2   ? 6.766   15.441  -10.072 1.00 42.97 ? 2   SER B OG  1 
ATOM   827  N N   . SER B 2 3   ? 5.340   11.572  -8.813  1.00 32.52 ? 3   SER B N   1 
ATOM   828  C CA  . SER B 2 3   ? 4.192   11.204  -7.993  1.00 32.21 ? 3   SER B CA  1 
ATOM   829  C C   . SER B 2 3   ? 4.548   11.038  -6.516  1.00 30.70 ? 3   SER B C   1 
ATOM   830  O O   . SER B 2 3   ? 3.692   10.698  -5.704  1.00 25.97 ? 3   SER B O   1 
ATOM   831  C CB  . SER B 2 3   ? 3.559   9.913   -8.517  1.00 29.92 ? 3   SER B CB  1 
ATOM   832  O OG  . SER B 2 3   ? 4.384   8.793   -8.242  1.00 31.57 ? 3   SER B OG  1 
ATOM   833  N N   . VAL B 2 4   ? 5.812   11.272  -6.173  1.00 28.11 ? 4   VAL B N   1 
ATOM   834  C CA  . VAL B 2 4   ? 6.260   11.142  -4.791  1.00 23.67 ? 4   VAL B CA  1 
ATOM   835  C C   . VAL B 2 4   ? 5.925   12.399  -3.992  1.00 26.03 ? 4   VAL B C   1 
ATOM   836  O O   . VAL B 2 4   ? 6.319   13.501  -4.374  1.00 27.33 ? 4   VAL B O   1 
ATOM   837  C CB  . VAL B 2 4   ? 7.778   10.892  -4.715  1.00 24.35 ? 4   VAL B CB  1 
ATOM   838  C CG1 . VAL B 2 4   ? 8.201   10.597  -3.282  1.00 24.07 ? 4   VAL B CG1 1 
ATOM   839  C CG2 . VAL B 2 4   ? 8.171   9.747   -5.634  1.00 26.28 ? 4   VAL B CG2 1 
ATOM   840  N N   . PRO B 2 5   ? 5.183   12.240  -2.882  1.00 24.42 ? 5   PRO B N   1 
ATOM   841  C CA  . PRO B 2 5   ? 4.914   13.372  -1.987  1.00 27.47 ? 5   PRO B CA  1 
ATOM   842  C C   . PRO B 2 5   ? 6.225   13.941  -1.453  1.00 27.98 ? 5   PRO B C   1 
ATOM   843  O O   . PRO B 2 5   ? 7.192   13.193  -1.298  1.00 27.02 ? 5   PRO B O   1 
ATOM   844  C CB  . PRO B 2 5   ? 4.114   12.736  -0.847  1.00 22.58 ? 5   PRO B CB  1 
ATOM   845  C CG  . PRO B 2 5   ? 3.498   11.517  -1.446  1.00 19.84 ? 5   PRO B CG  1 
ATOM   846  C CD  . PRO B 2 5   ? 4.513   11.009  -2.430  1.00 23.35 ? 5   PRO B CD  1 
ATOM   847  N N   . THR B 2 6   ? 6.264   15.242  -1.190  1.00 24.76 ? 6   THR B N   1 
ATOM   848  C CA  . THR B 2 6   ? 7.494   15.879  -0.733  1.00 27.73 ? 6   THR B CA  1 
ATOM   849  C C   . THR B 2 6   ? 7.294   16.603  0.594   1.00 28.61 ? 6   THR B C   1 
ATOM   850  O O   . THR B 2 6   ? 6.163   16.888  0.994   1.00 24.74 ? 6   THR B O   1 
ATOM   851  C CB  . THR B 2 6   ? 8.044   16.878  -1.779  1.00 27.68 ? 6   THR B CB  1 
ATOM   852  O OG1 . THR B 2 6   ? 7.150   17.993  -1.900  1.00 30.31 ? 6   THR B OG1 1 
ATOM   853  C CG2 . THR B 2 6   ? 8.200   16.207  -3.139  1.00 22.39 ? 6   THR B CG2 1 
ATOM   854  N N   . LYS B 2 7   ? 8.404   16.882  1.272   1.00 27.41 ? 7   LYS B N   1 
ATOM   855  C CA  . LYS B 2 7   ? 8.399   17.678  2.494   1.00 25.06 ? 7   LYS B CA  1 
ATOM   856  C C   . LYS B 2 7   ? 7.513   17.101  3.602   1.00 23.67 ? 7   LYS B C   1 
ATOM   857  O O   . LYS B 2 7   ? 6.782   17.839  4.265   1.00 25.88 ? 7   LYS B O   1 
ATOM   858  C CB  . LYS B 2 7   ? 8.014   19.130  2.178   1.00 29.46 ? 7   LYS B CB  1 
ATOM   859  C CG  . LYS B 2 7   ? 9.038   19.855  1.305   1.00 34.28 ? 7   LYS B CG  1 
ATOM   860  C CD  . LYS B 2 7   ? 8.500   21.169  0.743   1.00 40.03 ? 7   LYS B CD  1 
ATOM   861  C CE  . LYS B 2 7   ? 7.652   20.943  -0.507  1.00 37.84 ? 7   LYS B CE  1 
ATOM   862  N NZ  . LYS B 2 7   ? 8.417   20.309  -1.621  1.00 32.10 ? 7   LYS B NZ  1 
ATOM   863  N N   . LEU B 2 8   ? 7.584   15.786  3.796   1.00 21.97 ? 8   LEU B N   1 
ATOM   864  C CA  . LEU B 2 8   ? 6.902   15.140  4.918   1.00 19.69 ? 8   LEU B CA  1 
ATOM   865  C C   . LEU B 2 8   ? 7.584   15.532  6.224   1.00 17.66 ? 8   LEU B C   1 
ATOM   866  O O   . LEU B 2 8   ? 8.775   15.289  6.409   1.00 19.40 ? 8   LEU B O   1 
ATOM   867  C CB  . LEU B 2 8   ? 6.904   13.616  4.765   1.00 17.31 ? 8   LEU B CB  1 
ATOM   868  C CG  . LEU B 2 8   ? 6.331   12.839  5.958   1.00 16.75 ? 8   LEU B CG  1 
ATOM   869  C CD1 . LEU B 2 8   ? 4.866   13.188  6.184   1.00 14.89 ? 8   LEU B CD1 1 
ATOM   870  C CD2 . LEU B 2 8   ? 6.508   11.336  5.784   1.00 10.95 ? 8   LEU B CD2 1 
ATOM   871  N N   . GLU B 2 9   ? 6.826   16.148  7.126   1.00 18.43 ? 9   GLU B N   1 
ATOM   872  C CA  . GLU B 2 9   ? 7.388   16.673  8.362   1.00 15.83 ? 9   GLU B CA  1 
ATOM   873  C C   . GLU B 2 9   ? 6.461   16.433  9.537   1.00 14.61 ? 9   GLU B C   1 
ATOM   874  O O   . GLU B 2 9   ? 5.243   16.378  9.376   1.00 17.89 ? 9   GLU B O   1 
ATOM   875  C CB  . GLU B 2 9   ? 7.620   18.182  8.242   1.00 19.93 ? 9   GLU B CB  1 
ATOM   876  C CG  . GLU B 2 9   ? 8.619   18.608  7.180   1.00 22.61 ? 9   GLU B CG  1 
ATOM   877  C CD  . GLU B 2 9   ? 8.655   20.115  7.004   1.00 21.98 ? 9   GLU B CD  1 
ATOM   878  O OE1 . GLU B 2 9   ? 9.756   20.668  6.799   1.00 31.43 ? 9   GLU B OE1 1 
ATOM   879  O OE2 . GLU B 2 9   ? 7.580   20.747  7.068   1.00 24.29 ? 9   GLU B OE2 1 
ATOM   880  N N   . VAL B 2 10  ? 7.050   16.290  10.719  1.00 15.20 ? 10  VAL B N   1 
ATOM   881  C CA  . VAL B 2 10  ? 6.305   16.362  11.967  1.00 14.21 ? 10  VAL B CA  1 
ATOM   882  C C   . VAL B 2 10  ? 6.332   17.817  12.396  1.00 13.35 ? 10  VAL B C   1 
ATOM   883  O O   . VAL B 2 10  ? 7.399   18.374  12.651  1.00 12.81 ? 10  VAL B O   1 
ATOM   884  C CB  . VAL B 2 10  ? 6.949   15.501  13.068  1.00 14.65 ? 10  VAL B CB  1 
ATOM   885  C CG1 . VAL B 2 10  ? 6.284   15.761  14.415  1.00 12.69 ? 10  VAL B CG1 1 
ATOM   886  C CG2 . VAL B 2 10  ? 6.873   14.029  12.699  1.00 15.66 ? 10  VAL B CG2 1 
ATOM   887  N N   . VAL B 2 11  ? 5.162   18.441  12.454  1.00 16.10 ? 11  VAL B N   1 
ATOM   888  C CA  . VAL B 2 11  ? 5.080   19.870  12.726  1.00 15.53 ? 11  VAL B CA  1 
ATOM   889  C C   . VAL B 2 11  ? 4.494   20.162  14.102  1.00 14.39 ? 11  VAL B C   1 
ATOM   890  O O   . VAL B 2 11  ? 4.419   21.314  14.524  1.00 15.60 ? 11  VAL B O   1 
ATOM   891  C CB  . VAL B 2 11  ? 4.271   20.598  11.638  1.00 16.70 ? 11  VAL B CB  1 
ATOM   892  C CG1 . VAL B 2 11  ? 5.040   20.618  10.342  1.00 14.94 ? 11  VAL B CG1 1 
ATOM   893  C CG2 . VAL B 2 11  ? 2.923   19.919  11.448  1.00 15.52 ? 11  VAL B CG2 1 
ATOM   894  N N   . ALA B 2 12  ? 4.084   19.106  14.794  1.00 12.53 ? 12  ALA B N   1 
ATOM   895  C CA  . ALA B 2 12  ? 3.619   19.212  16.171  1.00 14.79 ? 12  ALA B CA  1 
ATOM   896  C C   . ALA B 2 12  ? 3.782   17.867  16.863  1.00 17.11 ? 12  ALA B C   1 
ATOM   897  O O   . ALA B 2 12  ? 3.425   16.830  16.301  1.00 18.24 ? 12  ALA B O   1 
ATOM   898  C CB  . ALA B 2 12  ? 2.166   19.664  16.215  1.00 15.29 ? 12  ALA B CB  1 
ATOM   899  N N   . ALA B 2 13  ? 4.314   17.882  18.081  1.00 17.19 ? 13  ALA B N   1 
ATOM   900  C CA  . ALA B 2 13  ? 4.641   16.638  18.771  1.00 19.82 ? 13  ALA B CA  1 
ATOM   901  C C   . ALA B 2 13  ? 4.360   16.647  20.273  1.00 24.34 ? 13  ALA B C   1 
ATOM   902  O O   . ALA B 2 13  ? 4.580   17.644  20.963  1.00 23.83 ? 13  ALA B O   1 
ATOM   903  C CB  . ALA B 2 13  ? 6.094   16.262  18.515  1.00 18.05 ? 13  ALA B CB  1 
ATOM   904  N N   . THR B 2 14  ? 3.868   15.511  20.760  1.00 22.32 ? 14  THR B N   1 
ATOM   905  C CA  . THR B 2 14  ? 3.742   15.234  22.184  1.00 20.65 ? 14  THR B CA  1 
ATOM   906  C C   . THR B 2 14  ? 4.460   13.900  22.393  1.00 22.50 ? 14  THR B C   1 
ATOM   907  O O   . THR B 2 14  ? 4.851   13.261  21.414  1.00 20.47 ? 14  THR B O   1 
ATOM   908  C CB  . THR B 2 14  ? 2.259   15.121  22.605  1.00 24.55 ? 14  THR B CB  1 
ATOM   909  O OG1 . THR B 2 14  ? 1.698   13.906  22.093  1.00 21.48 ? 14  THR B OG1 1 
ATOM   910  C CG2 . THR B 2 14  ? 1.457   16.311  22.092  1.00 22.00 ? 14  THR B CG2 1 
ATOM   911  N N   . PRO B 2 15  ? 4.667   13.482  23.656  1.00 25.48 ? 15  PRO B N   1 
ATOM   912  C CA  . PRO B 2 15  ? 5.282   12.165  23.884  1.00 23.92 ? 15  PRO B CA  1 
ATOM   913  C C   . PRO B 2 15  ? 4.495   10.985  23.300  1.00 23.65 ? 15  PRO B C   1 
ATOM   914  O O   . PRO B 2 15  ? 5.085   9.933   23.051  1.00 23.59 ? 15  PRO B O   1 
ATOM   915  C CB  . PRO B 2 15  ? 5.318   12.065  25.409  1.00 22.48 ? 15  PRO B CB  1 
ATOM   916  C CG  . PRO B 2 15  ? 5.445   13.474  25.860  1.00 19.56 ? 15  PRO B CG  1 
ATOM   917  C CD  . PRO B 2 15  ? 4.614   14.276  24.898  1.00 21.04 ? 15  PRO B CD  1 
ATOM   918  N N   . THR B 2 16  ? 3.194   11.164  23.083  1.00 21.46 ? 16  THR B N   1 
ATOM   919  C CA  . THR B 2 16  ? 2.324   10.085  22.620  1.00 23.08 ? 16  THR B CA  1 
ATOM   920  C C   . THR B 2 16  ? 1.671   10.361  21.272  1.00 20.65 ? 16  THR B C   1 
ATOM   921  O O   . THR B 2 16  ? 0.969   9.503   20.735  1.00 20.96 ? 16  THR B O   1 
ATOM   922  C CB  . THR B 2 16  ? 1.185   9.827   23.620  1.00 23.57 ? 16  THR B CB  1 
ATOM   923  O OG1 . THR B 2 16  ? 0.658   11.080  24.075  1.00 21.02 ? 16  THR B OG1 1 
ATOM   924  C CG2 . THR B 2 16  ? 1.694   9.031   24.810  1.00 22.23 ? 16  THR B CG2 1 
ATOM   925  N N   . SER B 2 17  ? 1.885   11.557  20.729  1.00 19.01 ? 17  SER B N   1 
ATOM   926  C CA  . SER B 2 17  ? 1.208   11.940  19.494  1.00 18.35 ? 17  SER B CA  1 
ATOM   927  C C   . SER B 2 17  ? 2.000   12.895  18.602  1.00 20.87 ? 17  SER B C   1 
ATOM   928  O O   . SER B 2 17  ? 2.803   13.694  19.086  1.00 22.42 ? 17  SER B O   1 
ATOM   929  C CB  . SER B 2 17  ? -0.164  12.536  19.806  1.00 18.71 ? 17  SER B CB  1 
ATOM   930  O OG  . SER B 2 17  ? -0.229  13.885  19.392  1.00 26.67 ? 17  SER B OG  1 
ATOM   931  N N   . LEU B 2 18  ? 1.765   12.797  17.294  1.00 20.19 ? 18  LEU B N   1 
ATOM   932  C CA  . LEU B 2 18  ? 2.427   13.650  16.315  1.00 16.41 ? 18  LEU B CA  1 
ATOM   933  C C   . LEU B 2 18  ? 1.404   14.215  15.342  1.00 19.49 ? 18  LEU B C   1 
ATOM   934  O O   . LEU B 2 18  ? 0.388   13.579  15.051  1.00 19.61 ? 18  LEU B O   1 
ATOM   935  C CB  . LEU B 2 18  ? 3.467   12.861  15.516  1.00 14.59 ? 18  LEU B CB  1 
ATOM   936  C CG  . LEU B 2 18  ? 4.506   12.016  16.248  1.00 16.98 ? 18  LEU B CG  1 
ATOM   937  C CD1 . LEU B 2 18  ? 5.401   11.307  15.244  1.00 15.86 ? 18  LEU B CD1 1 
ATOM   938  C CD2 . LEU B 2 18  ? 5.328   12.866  17.195  1.00 17.70 ? 18  LEU B CD2 1 
ATOM   939  N N   . LEU B 2 19  ? 1.680   15.412  14.840  1.00 14.50 ? 19  LEU B N   1 
ATOM   940  C CA  . LEU B 2 19  ? 0.906   15.982  13.752  1.00 15.85 ? 19  LEU B CA  1 
ATOM   941  C C   . LEU B 2 19  ? 1.836   16.093  12.557  1.00 16.94 ? 19  LEU B C   1 
ATOM   942  O O   . LEU B 2 19  ? 2.835   16.811  12.607  1.00 16.13 ? 19  LEU B O   1 
ATOM   943  C CB  . LEU B 2 19  ? 0.363   17.361  14.126  1.00 15.34 ? 19  LEU B CB  1 
ATOM   944  C CG  . LEU B 2 19  ? -0.257  18.189  12.996  1.00 17.87 ? 19  LEU B CG  1 
ATOM   945  C CD1 . LEU B 2 19  ? -1.512  17.512  12.465  1.00 16.20 ? 19  LEU B CD1 1 
ATOM   946  C CD2 . LEU B 2 19  ? -0.559  19.608  13.462  1.00 16.40 ? 19  LEU B CD2 1 
ATOM   947  N N   . ILE B 2 20  ? 1.524   15.369  11.490  1.00 15.56 ? 20  ILE B N   1 
ATOM   948  C CA  . ILE B 2 20  ? 2.382   15.375  10.316  1.00 16.26 ? 20  ILE B CA  1 
ATOM   949  C C   . ILE B 2 20  ? 1.809   16.216  9.185   1.00 17.95 ? 20  ILE B C   1 
ATOM   950  O O   . ILE B 2 20  ? 0.596   16.368  9.049   1.00 17.72 ? 20  ILE B O   1 
ATOM   951  C CB  . ILE B 2 20  ? 2.689   13.947  9.811   1.00 17.07 ? 20  ILE B CB  1 
ATOM   952  C CG1 . ILE B 2 20  ? 1.395   13.171  9.556   1.00 18.61 ? 20  ILE B CG1 1 
ATOM   953  C CG2 . ILE B 2 20  ? 3.569   13.208  10.808  1.00 16.18 ? 20  ILE B CG2 1 
ATOM   954  C CD1 . ILE B 2 20  ? 1.615   11.810  8.923   1.00 15.42 ? 20  ILE B CD1 1 
ATOM   955  N N   . SER B 2 21  ? 2.703   16.771  8.381   1.00 21.83 ? 21  SER B N   1 
ATOM   956  C CA  . SER B 2 21  ? 2.312   17.587  7.247   1.00 22.90 ? 21  SER B CA  1 
ATOM   957  C C   . SER B 2 21  ? 3.141   17.167  6.045   1.00 21.79 ? 21  SER B C   1 
ATOM   958  O O   . SER B 2 21  ? 4.296   16.775  6.188   1.00 19.45 ? 21  SER B O   1 
ATOM   959  C CB  . SER B 2 21  ? 2.544   19.065  7.558   1.00 22.64 ? 21  SER B CB  1 
ATOM   960  O OG  . SER B 2 21  ? 2.228   19.877  6.442   1.00 31.77 ? 21  SER B OG  1 
ATOM   961  N N   . TRP B 2 22  ? 2.549   17.239  4.861   1.00 20.86 ? 22  TRP B N   1 
ATOM   962  C CA  . TRP B 2 22  ? 3.274   16.932  3.637   1.00 22.51 ? 22  TRP B CA  1 
ATOM   963  C C   . TRP B 2 22  ? 2.736   17.769  2.487   1.00 25.07 ? 22  TRP B C   1 
ATOM   964  O O   . TRP B 2 22  ? 1.575   18.180  2.494   1.00 24.70 ? 22  TRP B O   1 
ATOM   965  C CB  . TRP B 2 22  ? 3.172   15.443  3.304   1.00 21.16 ? 22  TRP B CB  1 
ATOM   966  C CG  . TRP B 2 22  ? 1.773   14.992  3.028   1.00 20.79 ? 22  TRP B CG  1 
ATOM   967  C CD1 . TRP B 2 22  ? 1.118   15.034  1.831   1.00 22.05 ? 22  TRP B CD1 1 
ATOM   968  C CD2 . TRP B 2 22  ? 0.852   14.432  3.970   1.00 17.94 ? 22  TRP B CD2 1 
ATOM   969  N NE1 . TRP B 2 22  ? -0.153  14.535  1.969   1.00 17.69 ? 22  TRP B NE1 1 
ATOM   970  C CE2 . TRP B 2 22  ? -0.343  14.158  3.273   1.00 19.90 ? 22  TRP B CE2 1 
ATOM   971  C CE3 . TRP B 2 22  ? 0.918   14.132  5.334   1.00 18.28 ? 22  TRP B CE3 1 
ATOM   972  C CZ2 . TRP B 2 22  ? -1.461  13.600  3.893   1.00 19.14 ? 22  TRP B CZ2 1 
ATOM   973  C CZ3 . TRP B 2 22  ? -0.193  13.577  5.949   1.00 16.68 ? 22  TRP B CZ3 1 
ATOM   974  C CH2 . TRP B 2 22  ? -1.364  13.317  5.229   1.00 17.35 ? 22  TRP B CH2 1 
ATOM   975  N N   . ASP B 2 23  ? 3.586   18.028  1.500   1.00 24.92 ? 23  ASP B N   1 
ATOM   976  C CA  . ASP B 2 23  ? 3.169   18.787  0.333   1.00 28.83 ? 23  ASP B CA  1 
ATOM   977  C C   . ASP B 2 23  ? 2.820   17.843  -0.815  1.00 29.15 ? 23  ASP B C   1 
ATOM   978  O O   . ASP B 2 23  ? 3.449   16.800  -0.985  1.00 25.84 ? 23  ASP B O   1 
ATOM   979  C CB  . ASP B 2 23  ? 4.248   19.792  -0.075  1.00 27.98 ? 23  ASP B CB  1 
ATOM   980  C CG  . ASP B 2 23  ? 4.392   20.930  0.926   1.00 31.10 ? 23  ASP B CG  1 
ATOM   981  O OD1 . ASP B 2 23  ? 4.020   20.745  2.105   1.00 36.90 ? 23  ASP B OD1 1 
ATOM   982  O OD2 . ASP B 2 23  ? 4.874   22.014  0.537   1.00 35.28 ? 23  ASP B OD2 1 
ATOM   983  N N   . ALA B 2 24  ? 1.804   18.211  -1.586  1.00 30.18 ? 24  ALA B N   1 
ATOM   984  C CA  . ALA B 2 24  ? 1.317   17.370  -2.675  1.00 32.48 ? 24  ALA B CA  1 
ATOM   985  C C   . ALA B 2 24  ? 2.326   17.275  -3.819  1.00 35.45 ? 24  ALA B C   1 
ATOM   986  O O   . ALA B 2 24  ? 3.043   18.237  -4.102  1.00 36.08 ? 24  ALA B O   1 
ATOM   987  C CB  . ALA B 2 24  ? -0.023  17.891  -3.184  1.00 30.75 ? 24  ALA B CB  1 
ATOM   988  N N   . PRO B 2 25  ? 2.388   16.107  -4.478  1.00 35.99 ? 25  PRO B N   1 
ATOM   989  C CA  . PRO B 2 25  ? 3.275   15.920  -5.630  1.00 32.90 ? 25  PRO B CA  1 
ATOM   990  C C   . PRO B 2 25  ? 2.761   16.683  -6.846  1.00 34.61 ? 25  PRO B C   1 
ATOM   991  O O   . PRO B 2 25  ? 1.630   17.170  -6.827  1.00 31.49 ? 25  PRO B O   1 
ATOM   992  C CB  . PRO B 2 25  ? 3.198   14.414  -5.886  1.00 32.53 ? 25  PRO B CB  1 
ATOM   993  C CG  . PRO B 2 25  ? 1.864   14.015  -5.355  1.00 27.00 ? 25  PRO B CG  1 
ATOM   994  C CD  . PRO B 2 25  ? 1.639   14.880  -4.152  1.00 27.26 ? 25  PRO B CD  1 
ATOM   995  N N   . ALA B 2 26  ? 3.584   16.784  -7.888  1.00 36.69 ? 26  ALA B N   1 
ATOM   996  C CA  . ALA B 2 26  ? 3.180   17.472  -9.111  1.00 37.50 ? 26  ALA B CA  1 
ATOM   997  C C   . ALA B 2 26  ? 1.985   16.777  -9.759  1.00 33.42 ? 26  ALA B C   1 
ATOM   998  O O   . ALA B 2 26  ? 0.998   17.419  -10.119 1.00 31.22 ? 26  ALA B O   1 
ATOM   999  C CB  . ALA B 2 26  ? 4.343   17.549  -10.086 1.00 38.94 ? 26  ALA B CB  1 
ATOM   1000 N N   . VAL B 2 27  ? 2.085   15.461  -9.908  1.00 31.89 ? 27  VAL B N   1 
ATOM   1001 C CA  . VAL B 2 27  ? 0.970   14.670  -10.402 1.00 33.67 ? 27  VAL B CA  1 
ATOM   1002 C C   . VAL B 2 27  ? -0.102  14.635  -9.322  1.00 33.15 ? 27  VAL B C   1 
ATOM   1003 O O   . VAL B 2 27  ? 0.114   14.089  -8.240  1.00 34.01 ? 27  VAL B O   1 
ATOM   1004 C CB  . VAL B 2 27  ? 1.401   13.235  -10.737 1.00 30.76 ? 27  VAL B CB  1 
ATOM   1005 C CG1 . VAL B 2 27  ? 0.277   12.501  -11.450 1.00 28.03 ? 27  VAL B CG1 1 
ATOM   1006 C CG2 . VAL B 2 27  ? 2.660   13.247  -11.590 1.00 31.69 ? 27  VAL B CG2 1 
ATOM   1007 N N   . THR B 2 28  ? -1.255  15.227  -9.615  1.00 29.24 ? 28  THR B N   1 
ATOM   1008 C CA  . THR B 2 28  ? -2.300  15.387  -8.611  1.00 30.03 ? 28  THR B CA  1 
ATOM   1009 C C   . THR B 2 28  ? -2.837  14.043  -8.109  1.00 28.14 ? 28  THR B C   1 
ATOM   1010 O O   . THR B 2 28  ? -3.112  13.129  -8.888  1.00 28.38 ? 28  THR B O   1 
ATOM   1011 C CB  . THR B 2 28  ? -3.436  16.295  -9.118  1.00 33.99 ? 28  THR B CB  1 
ATOM   1012 O OG1 . THR B 2 28  ? -2.892  17.569  -9.485  1.00 34.18 ? 28  THR B OG1 1 
ATOM   1013 C CG2 . THR B 2 28  ? -4.484  16.500  -8.037  1.00 29.94 ? 28  THR B CG2 1 
ATOM   1014 N N   . VAL B 2 29  ? -2.972  13.948  -6.790  1.00 26.71 ? 29  VAL B N   1 
ATOM   1015 C CA  . VAL B 2 29  ? -3.283  12.706  -6.097  1.00 22.27 ? 29  VAL B CA  1 
ATOM   1016 C C   . VAL B 2 29  ? -4.777  12.561  -5.785  1.00 21.47 ? 29  VAL B C   1 
ATOM   1017 O O   . VAL B 2 29  ? -5.455  13.546  -5.483  1.00 17.99 ? 29  VAL B O   1 
ATOM   1018 C CB  . VAL B 2 29  ? -2.430  12.607  -4.809  1.00 19.78 ? 29  VAL B CB  1 
ATOM   1019 C CG1 . VAL B 2 29  ? -3.197  11.962  -3.678  1.00 15.87 ? 29  VAL B CG1 1 
ATOM   1020 C CG2 . VAL B 2 29  ? -1.142  11.863  -5.093  1.00 20.97 ? 29  VAL B CG2 1 
ATOM   1021 N N   . ASP B 2 30  ? -5.289  11.335  -5.895  1.00 16.86 ? 30  ASP B N   1 
ATOM   1022 C CA  . ASP B 2 30  ? -6.673  11.034  -5.537  1.00 15.51 ? 30  ASP B CA  1 
ATOM   1023 C C   . ASP B 2 30  ? -6.822  10.747  -4.040  1.00 14.41 ? 30  ASP B C   1 
ATOM   1024 O O   . ASP B 2 30  ? -7.824  11.120  -3.422  1.00 11.62 ? 30  ASP B O   1 
ATOM   1025 C CB  . ASP B 2 30  ? -7.189  9.852   -6.356  1.00 13.12 ? 30  ASP B CB  1 
ATOM   1026 C CG  . ASP B 2 30  ? -7.404  10.207  -7.807  1.00 16.73 ? 30  ASP B CG  1 
ATOM   1027 O OD1 . ASP B 2 30  ? -8.078  11.229  -8.067  1.00 15.51 ? 30  ASP B OD1 1 
ATOM   1028 O OD2 . ASP B 2 30  ? -6.888  9.480   -8.685  1.00 15.79 ? 30  ASP B OD2 1 
ATOM   1029 N N   . TYR B 2 31  ? -5.826  10.079  -3.466  1.00 10.68 ? 31  TYR B N   1 
ATOM   1030 C CA  . TYR B 2 31  ? -5.830  9.762   -2.038  1.00 11.14 ? 31  TYR B CA  1 
ATOM   1031 C C   . TYR B 2 31  ? -4.420  9.484   -1.533  1.00 13.63 ? 31  TYR B C   1 
ATOM   1032 O O   . TYR B 2 31  ? -3.521  9.175   -2.315  1.00 10.93 ? 31  TYR B O   1 
ATOM   1033 C CB  . TYR B 2 31  ? -6.734  8.558   -1.745  1.00 10.57 ? 31  TYR B CB  1 
ATOM   1034 C CG  . TYR B 2 31  ? -6.300  7.270   -2.416  1.00 14.46 ? 31  TYR B CG  1 
ATOM   1035 C CD1 . TYR B 2 31  ? -6.593  7.028   -3.755  1.00 11.44 ? 31  TYR B CD1 1 
ATOM   1036 C CD2 . TYR B 2 31  ? -5.606  6.291   -1.712  1.00 12.42 ? 31  TYR B CD2 1 
ATOM   1037 C CE1 . TYR B 2 31  ? -6.204  5.861   -4.373  1.00 11.37 ? 31  TYR B CE1 1 
ATOM   1038 C CE2 . TYR B 2 31  ? -5.212  5.113   -2.324  1.00 12.27 ? 31  TYR B CE2 1 
ATOM   1039 C CZ  . TYR B 2 31  ? -5.514  4.904   -3.656  1.00 14.20 ? 31  TYR B CZ  1 
ATOM   1040 O OH  . TYR B 2 31  ? -5.126  3.733   -4.271  1.00 14.11 ? 31  TYR B OH  1 
ATOM   1041 N N   . TYR B 2 32  ? -4.235  9.600   -0.222  1.00 13.54 ? 32  TYR B N   1 
ATOM   1042 C CA  . TYR B 2 32  ? -2.970  9.244   0.408   1.00 12.07 ? 32  TYR B CA  1 
ATOM   1043 C C   . TYR B 2 32  ? -3.157  8.054   1.338   1.00 15.10 ? 32  TYR B C   1 
ATOM   1044 O O   . TYR B 2 32  ? -4.217  7.888   1.947   1.00 11.53 ? 32  TYR B O   1 
ATOM   1045 C CB  . TYR B 2 32  ? -2.398  10.424  1.196   1.00 12.39 ? 32  TYR B CB  1 
ATOM   1046 C CG  . TYR B 2 32  ? -2.040  11.619  0.344   1.00 16.74 ? 32  TYR B CG  1 
ATOM   1047 C CD1 . TYR B 2 32  ? -0.848  11.654  -0.368  1.00 14.29 ? 32  TYR B CD1 1 
ATOM   1048 C CD2 . TYR B 2 32  ? -2.892  12.712  0.257   1.00 16.11 ? 32  TYR B CD2 1 
ATOM   1049 C CE1 . TYR B 2 32  ? -0.517  12.746  -1.148  1.00 16.09 ? 32  TYR B CE1 1 
ATOM   1050 C CE2 . TYR B 2 32  ? -2.569  13.807  -0.520  1.00 16.81 ? 32  TYR B CE2 1 
ATOM   1051 C CZ  . TYR B 2 32  ? -1.382  13.819  -1.221  1.00 18.87 ? 32  TYR B CZ  1 
ATOM   1052 O OH  . TYR B 2 32  ? -1.061  14.910  -1.994  1.00 19.47 ? 32  TYR B OH  1 
ATOM   1053 N N   . VAL B 2 33  ? -2.123  7.224   1.436   1.00 14.29 ? 33  VAL B N   1 
ATOM   1054 C CA  . VAL B 2 33  ? -2.101  6.147   2.412   1.00 12.01 ? 33  VAL B CA  1 
ATOM   1055 C C   . VAL B 2 33  ? -0.951  6.393   3.377   1.00 14.58 ? 33  VAL B C   1 
ATOM   1056 O O   . VAL B 2 33  ? 0.198   6.561   2.965   1.00 15.26 ? 33  VAL B O   1 
ATOM   1057 C CB  . VAL B 2 33  ? -1.947  4.770   1.744   1.00 15.32 ? 33  VAL B CB  1 
ATOM   1058 C CG1 . VAL B 2 33  ? -1.846  3.677   2.801   1.00 13.04 ? 33  VAL B CG1 1 
ATOM   1059 C CG2 . VAL B 2 33  ? -3.117  4.508   0.797   1.00 12.38 ? 33  VAL B CG2 1 
ATOM   1060 N N   . ILE B 2 34  ? -1.269  6.442   4.665   1.00 14.23 ? 34  ILE B N   1 
ATOM   1061 C CA  . ILE B 2 34  ? -0.266  6.707   5.681   1.00 12.78 ? 34  ILE B CA  1 
ATOM   1062 C C   . ILE B 2 34  ? -0.064  5.468   6.537   1.00 14.59 ? 34  ILE B C   1 
ATOM   1063 O O   . ILE B 2 34  ? -1.031  4.876   7.012   1.00 14.09 ? 34  ILE B O   1 
ATOM   1064 C CB  . ILE B 2 34  ? -0.672  7.885   6.596   1.00 13.95 ? 34  ILE B CB  1 
ATOM   1065 C CG1 . ILE B 2 34  ? -0.751  9.194   5.803   1.00 12.49 ? 34  ILE B CG1 1 
ATOM   1066 C CG2 . ILE B 2 34  ? 0.314   8.031   7.748   1.00 12.88 ? 34  ILE B CG2 1 
ATOM   1067 C CD1 . ILE B 2 34  ? -2.105  9.477   5.189   1.00 12.29 ? 34  ILE B CD1 1 
ATOM   1068 N N   . THR B 2 35  ? 1.193   5.069   6.718   1.00 12.70 ? 35  THR B N   1 
ATOM   1069 C CA  . THR B 2 35  ? 1.522   3.975   7.624   1.00 14.56 ? 35  THR B CA  1 
ATOM   1070 C C   . THR B 2 35  ? 2.610   4.411   8.605   1.00 13.91 ? 35  THR B C   1 
ATOM   1071 O O   . THR B 2 35  ? 3.433   5.277   8.294   1.00 13.45 ? 35  THR B O   1 
ATOM   1072 C CB  . THR B 2 35  ? 1.945   2.685   6.866   1.00 14.02 ? 35  THR B CB  1 
ATOM   1073 O OG1 . THR B 2 35  ? 2.036   1.589   7.785   1.00 12.61 ? 35  THR B OG1 1 
ATOM   1074 C CG2 . THR B 2 35  ? 3.282   2.870   6.169   1.00 10.85 ? 35  THR B CG2 1 
ATOM   1075 N N   . TYR B 2 36  ? 2.597   3.825   9.795   1.00 12.94 ? 36  TYR B N   1 
ATOM   1076 C CA  . TYR B 2 36  ? 3.564   4.178   10.823  1.00 13.51 ? 36  TYR B CA  1 
ATOM   1077 C C   . TYR B 2 36  ? 3.758   3.040   11.814  1.00 14.26 ? 36  TYR B C   1 
ATOM   1078 O O   . TYR B 2 36  ? 2.865   2.218   12.014  1.00 15.84 ? 36  TYR B O   1 
ATOM   1079 C CB  . TYR B 2 36  ? 3.144   5.459   11.554  1.00 14.20 ? 36  TYR B CB  1 
ATOM   1080 C CG  . TYR B 2 36  ? 1.882   5.334   12.386  1.00 18.50 ? 36  TYR B CG  1 
ATOM   1081 C CD1 . TYR B 2 36  ? 0.634   5.631   11.845  1.00 19.00 ? 36  TYR B CD1 1 
ATOM   1082 C CD2 . TYR B 2 36  ? 1.939   4.933   13.717  1.00 14.41 ? 36  TYR B CD2 1 
ATOM   1083 C CE1 . TYR B 2 36  ? -0.519  5.524   12.603  1.00 16.74 ? 36  TYR B CE1 1 
ATOM   1084 C CE2 . TYR B 2 36  ? 0.794   4.821   14.480  1.00 15.22 ? 36  TYR B CE2 1 
ATOM   1085 C CZ  . TYR B 2 36  ? -0.430  5.118   13.921  1.00 18.35 ? 36  TYR B CZ  1 
ATOM   1086 O OH  . TYR B 2 36  ? -1.568  5.009   14.682  1.00 21.53 ? 36  TYR B OH  1 
ATOM   1087 N N   . GLY B 2 37  ? 4.930   3.008   12.435  1.00 14.11 ? 37  GLY B N   1 
ATOM   1088 C CA  . GLY B 2 37  ? 5.272   1.961   13.376  1.00 12.46 ? 37  GLY B CA  1 
ATOM   1089 C C   . GLY B 2 37  ? 6.703   2.114   13.846  1.00 14.52 ? 37  GLY B C   1 
ATOM   1090 O O   . GLY B 2 37  ? 7.460   2.917   13.297  1.00 13.86 ? 37  GLY B O   1 
ATOM   1091 N N   . GLU B 2 38  ? 7.072   1.347   14.866  1.00 15.57 ? 38  GLU B N   1 
ATOM   1092 C CA  . GLU B 2 38  ? 8.407   1.434   15.440  1.00 19.98 ? 38  GLU B CA  1 
ATOM   1093 C C   . GLU B 2 38  ? 9.462   1.068   14.405  1.00 18.08 ? 38  GLU B C   1 
ATOM   1094 O O   . GLU B 2 38  ? 9.343   0.052   13.718  1.00 18.22 ? 38  GLU B O   1 
ATOM   1095 C CB  . GLU B 2 38  ? 8.535   0.514   16.655  1.00 21.26 ? 38  GLU B CB  1 
ATOM   1096 C CG  . GLU B 2 38  ? 7.531   0.791   17.758  1.00 20.61 ? 38  GLU B CG  1 
ATOM   1097 C CD  . GLU B 2 38  ? 7.766   -0.078  18.980  1.00 27.35 ? 38  GLU B CD  1 
ATOM   1098 O OE1 . GLU B 2 38  ? 8.943   -0.353  19.303  1.00 27.05 ? 38  GLU B OE1 1 
ATOM   1099 O OE2 . GLU B 2 38  ? 6.770   -0.491  19.613  1.00 27.69 ? 38  GLU B OE2 1 
ATOM   1100 N N   . THR B 2 39  ? 10.482  1.910   14.285  1.00 17.22 ? 39  THR B N   1 
ATOM   1101 C CA  . THR B 2 39  ? 11.591  1.632   13.388  1.00 19.70 ? 39  THR B CA  1 
ATOM   1102 C C   . THR B 2 39  ? 12.301  0.378   13.880  1.00 21.84 ? 39  THR B C   1 
ATOM   1103 O O   . THR B 2 39  ? 12.574  0.236   15.073  1.00 20.21 ? 39  THR B O   1 
ATOM   1104 C CB  . THR B 2 39  ? 12.588  2.808   13.339  1.00 21.53 ? 39  THR B CB  1 
ATOM   1105 O OG1 . THR B 2 39  ? 11.904  4.004   12.941  1.00 17.63 ? 39  THR B OG1 1 
ATOM   1106 C CG2 . THR B 2 39  ? 13.715  2.521   12.354  1.00 13.59 ? 39  THR B CG2 1 
ATOM   1107 N N   . GLY B 2 40  ? 12.582  -0.543  12.968  1.00 20.45 ? 40  GLY B N   1 
ATOM   1108 C CA  . GLY B 2 40  ? 13.258  -1.768  13.340  1.00 21.60 ? 40  GLY B CA  1 
ATOM   1109 C C   . GLY B 2 40  ? 12.317  -2.952  13.436  1.00 23.16 ? 40  GLY B C   1 
ATOM   1110 O O   . GLY B 2 40  ? 12.736  -4.086  13.233  1.00 23.41 ? 40  GLY B O   1 
ATOM   1111 N N   . SER B 2 41  ? 11.045  -2.694  13.731  1.00 19.15 ? 41  SER B N   1 
ATOM   1112 C CA  . SER B 2 41  ? 10.058  -3.768  13.835  1.00 21.05 ? 41  SER B CA  1 
ATOM   1113 C C   . SER B 2 41  ? 9.704   -4.346  12.465  1.00 19.26 ? 41  SER B C   1 
ATOM   1114 O O   . SER B 2 41  ? 9.046   -5.380  12.373  1.00 22.83 ? 41  SER B O   1 
ATOM   1115 C CB  . SER B 2 41  ? 8.793   -3.291  14.557  1.00 20.70 ? 41  SER B CB  1 
ATOM   1116 O OG  . SER B 2 41  ? 8.031   -2.413  13.747  1.00 21.47 ? 41  SER B OG  1 
ATOM   1117 N N   . GLY B 2 42  ? 10.136  -3.666  11.406  1.00 18.81 ? 42  GLY B N   1 
ATOM   1118 C CA  . GLY B 2 42  ? 9.990   -4.165  10.048  1.00 17.82 ? 42  GLY B CA  1 
ATOM   1119 C C   . GLY B 2 42  ? 8.566   -4.257  9.532   1.00 18.39 ? 42  GLY B C   1 
ATOM   1120 O O   . GLY B 2 42  ? 8.287   -5.011  8.597   1.00 18.76 ? 42  GLY B O   1 
ATOM   1121 N N   . GLY B 2 43  ? 7.659   -3.497  10.133  1.00 13.61 ? 43  GLY B N   1 
ATOM   1122 C CA  . GLY B 2 43  ? 6.276   -3.495  9.692   1.00 13.89 ? 43  GLY B CA  1 
ATOM   1123 C C   . GLY B 2 43  ? 5.329   -4.275  10.585  1.00 14.79 ? 43  GLY B C   1 
ATOM   1124 O O   . GLY B 2 43  ? 4.118   -4.257  10.367  1.00 14.02 ? 43  GLY B O   1 
ATOM   1125 N N   . TYR B 2 44  ? 5.877   -4.959  11.586  1.00 15.64 ? 44  TYR B N   1 
ATOM   1126 C CA  . TYR B 2 44  ? 5.067   -5.738  12.521  1.00 17.66 ? 44  TYR B CA  1 
ATOM   1127 C C   . TYR B 2 44  ? 4.146   -4.829  13.327  1.00 19.22 ? 44  TYR B C   1 
ATOM   1128 O O   . TYR B 2 44  ? 4.601   -3.874  13.959  1.00 16.12 ? 44  TYR B O   1 
ATOM   1129 C CB  . TYR B 2 44  ? 5.959   -6.549  13.467  1.00 19.38 ? 44  TYR B CB  1 
ATOM   1130 C CG  . TYR B 2 44  ? 5.209   -7.488  14.397  1.00 19.81 ? 44  TYR B CG  1 
ATOM   1131 C CD1 . TYR B 2 44  ? 4.656   -7.028  15.588  1.00 20.27 ? 44  TYR B CD1 1 
ATOM   1132 C CD2 . TYR B 2 44  ? 5.073   -8.837  14.093  1.00 20.46 ? 44  TYR B CD2 1 
ATOM   1133 C CE1 . TYR B 2 44  ? 3.976   -7.880  16.440  1.00 22.02 ? 44  TYR B CE1 1 
ATOM   1134 C CE2 . TYR B 2 44  ? 4.398   -9.698  14.942  1.00 20.70 ? 44  TYR B CE2 1 
ATOM   1135 C CZ  . TYR B 2 44  ? 3.853   -9.213  16.113  1.00 25.12 ? 44  TYR B CZ  1 
ATOM   1136 O OH  . TYR B 2 44  ? 3.180   -10.062 16.962  1.00 27.96 ? 44  TYR B OH  1 
ATOM   1137 N N   . ALA B 2 45  ? 2.852   -5.139  13.292  1.00 17.91 ? 45  ALA B N   1 
ATOM   1138 C CA  . ALA B 2 45  ? 1.831   -4.405  14.040  1.00 19.75 ? 45  ALA B CA  1 
ATOM   1139 C C   . ALA B 2 45  ? 1.781   -2.915  13.708  1.00 19.14 ? 45  ALA B C   1 
ATOM   1140 O O   . ALA B 2 45  ? 1.324   -2.109  14.520  1.00 18.75 ? 45  ALA B O   1 
ATOM   1141 C CB  . ALA B 2 45  ? 2.003   -4.620  15.547  1.00 20.66 ? 45  ALA B CB  1 
ATOM   1142 N N   . TRP B 2 46  ? 2.244   -2.546  12.517  1.00 17.51 ? 46  TRP B N   1 
ATOM   1143 C CA  . TRP B 2 46  ? 2.139   -1.161  12.079  1.00 16.34 ? 46  TRP B CA  1 
ATOM   1144 C C   . TRP B 2 46  ? 0.687   -0.813  11.788  1.00 17.03 ? 46  TRP B C   1 
ATOM   1145 O O   . TRP B 2 46  ? -0.102  -1.674  11.396  1.00 14.38 ? 46  TRP B O   1 
ATOM   1146 C CB  . TRP B 2 46  ? 2.987   -0.900  10.835  1.00 14.21 ? 46  TRP B CB  1 
ATOM   1147 C CG  . TRP B 2 46  ? 4.455   -0.775  11.102  1.00 17.11 ? 46  TRP B CG  1 
ATOM   1148 C CD1 . TRP B 2 46  ? 5.169   -1.401  12.083  1.00 15.10 ? 46  TRP B CD1 1 
ATOM   1149 C CD2 . TRP B 2 46  ? 5.390   0.039   10.381  1.00 15.12 ? 46  TRP B CD2 1 
ATOM   1150 N NE1 . TRP B 2 46  ? 6.493   -1.038  12.007  1.00 14.83 ? 46  TRP B NE1 1 
ATOM   1151 C CE2 . TRP B 2 46  ? 6.656   -0.153  10.974  1.00 13.18 ? 46  TRP B CE2 1 
ATOM   1152 C CE3 . TRP B 2 46  ? 5.284   0.906   9.288   1.00 13.38 ? 46  TRP B CE3 1 
ATOM   1153 C CZ2 . TRP B 2 46  ? 7.803   0.491   10.512  1.00 12.71 ? 46  TRP B CZ2 1 
ATOM   1154 C CZ3 . TRP B 2 46  ? 6.423   1.546   8.832   1.00 11.78 ? 46  TRP B CZ3 1 
ATOM   1155 C CH2 . TRP B 2 46  ? 7.667   1.334   9.443   1.00 12.95 ? 46  TRP B CH2 1 
ATOM   1156 N N   . GLN B 2 47  ? 0.345   0.455   11.986  1.00 15.40 ? 47  GLN B N   1 
ATOM   1157 C CA  . GLN B 2 47  ? -0.991  0.950   11.694  1.00 15.85 ? 47  GLN B CA  1 
ATOM   1158 C C   . GLN B 2 47  ? -1.009  1.652   10.342  1.00 15.44 ? 47  GLN B C   1 
ATOM   1159 O O   . GLN B 2 47  ? 0.025   2.120   9.863   1.00 14.29 ? 47  GLN B O   1 
ATOM   1160 C CB  . GLN B 2 47  ? -1.431  1.926   12.784  1.00 17.71 ? 47  GLN B CB  1 
ATOM   1161 C CG  . GLN B 2 47  ? -1.384  1.345   14.183  1.00 19.65 ? 47  GLN B CG  1 
ATOM   1162 C CD  . GLN B 2 47  ? -2.411  0.252   14.381  1.00 22.64 ? 47  GLN B CD  1 
ATOM   1163 O OE1 . GLN B 2 47  ? -3.582  0.421   14.044  1.00 21.60 ? 47  GLN B OE1 1 
ATOM   1164 N NE2 . GLN B 2 47  ? -1.975  -0.882  14.920  1.00 25.83 ? 47  GLN B NE2 1 
ATOM   1165 N N   . GLU B 2 48  ? -2.182  1.721   9.723   1.00 14.26 ? 48  GLU B N   1 
ATOM   1166 C CA  . GLU B 2 48  ? -2.338  2.514   8.511   1.00 13.82 ? 48  GLU B CA  1 
ATOM   1167 C C   . GLU B 2 48  ? -3.776  2.978   8.309   1.00 14.40 ? 48  GLU B C   1 
ATOM   1168 O O   . GLU B 2 48  ? -4.725  2.291   8.686   1.00 15.35 ? 48  GLU B O   1 
ATOM   1169 C CB  . GLU B 2 48  ? -1.826  1.768   7.271   1.00 15.71 ? 48  GLU B CB  1 
ATOM   1170 C CG  . GLU B 2 48  ? -2.815  0.804   6.654   1.00 20.49 ? 48  GLU B CG  1 
ATOM   1171 C CD  . GLU B 2 48  ? -2.320  0.213   5.343   1.00 20.33 ? 48  GLU B CD  1 
ATOM   1172 O OE1 . GLU B 2 48  ? -1.217  -0.372  5.328   1.00 20.93 ? 48  GLU B OE1 1 
ATOM   1173 O OE2 . GLU B 2 48  ? -3.040  0.333   4.328   1.00 19.92 ? 48  GLU B OE2 1 
ATOM   1174 N N   . PHE B 2 49  ? -3.921  4.160   7.722   1.00 13.66 ? 49  PHE B N   1 
ATOM   1175 C CA  . PHE B 2 49  ? -5.228  4.721   7.417   1.00 13.82 ? 49  PHE B CA  1 
ATOM   1176 C C   . PHE B 2 49  ? -5.152  5.483   6.102   1.00 14.49 ? 49  PHE B C   1 
ATOM   1177 O O   . PHE B 2 49  ? -4.063  5.800   5.625   1.00 13.44 ? 49  PHE B O   1 
ATOM   1178 C CB  . PHE B 2 49  ? -5.706  5.640   8.549   1.00 13.83 ? 49  PHE B CB  1 
ATOM   1179 C CG  . PHE B 2 49  ? -4.730  6.729   8.906   1.00 12.26 ? 49  PHE B CG  1 
ATOM   1180 C CD1 . PHE B 2 49  ? -3.733  6.505   9.841   1.00 12.22 ? 49  PHE B CD1 1 
ATOM   1181 C CD2 . PHE B 2 49  ? -4.812  7.980   8.309   1.00 14.97 ? 49  PHE B CD2 1 
ATOM   1182 C CE1 . PHE B 2 49  ? -2.834  7.500   10.173  1.00 14.56 ? 49  PHE B CE1 1 
ATOM   1183 C CE2 . PHE B 2 49  ? -3.917  8.981   8.637   1.00 11.74 ? 49  PHE B CE2 1 
ATOM   1184 C CZ  . PHE B 2 49  ? -2.926  8.741   9.571   1.00 14.93 ? 49  PHE B CZ  1 
ATOM   1185 N N   . GLU B 2 50  ? -6.310  5.770   5.517   1.00 13.52 ? 50  GLU B N   1 
ATOM   1186 C CA  . GLU B 2 50  ? -6.368  6.500   4.257   1.00 13.98 ? 50  GLU B CA  1 
ATOM   1187 C C   . GLU B 2 50  ? -7.029  7.866   4.444   1.00 14.64 ? 50  GLU B C   1 
ATOM   1188 O O   . GLU B 2 50  ? -7.955  8.015   5.241   1.00 12.37 ? 50  GLU B O   1 
ATOM   1189 C CB  . GLU B 2 50  ? -7.119  5.685   3.194   1.00 13.68 ? 50  GLU B CB  1 
ATOM   1190 C CG  . GLU B 2 50  ? -7.299  6.411   1.864   1.00 12.99 ? 50  GLU B CG  1 
ATOM   1191 C CD  . GLU B 2 50  ? -7.997  5.572   0.814   1.00 14.24 ? 50  GLU B CD  1 
ATOM   1192 O OE1 . GLU B 2 50  ? -8.723  6.155   -0.022  1.00 14.08 ? 50  GLU B OE1 1 
ATOM   1193 O OE2 . GLU B 2 50  ? -7.815  4.334   0.815   1.00 18.01 ? 50  GLU B OE2 1 
ATOM   1194 N N   . VAL B 2 51  ? -6.520  8.866   3.729   1.00 13.29 ? 51  VAL B N   1 
ATOM   1195 C CA  . VAL B 2 51  ? -7.158  10.174  3.661   1.00 15.60 ? 51  VAL B CA  1 
ATOM   1196 C C   . VAL B 2 51  ? -7.326  10.562  2.193   1.00 12.71 ? 51  VAL B C   1 
ATOM   1197 O O   . VAL B 2 51  ? -6.580  10.087  1.335   1.00 13.36 ? 51  VAL B O   1 
ATOM   1198 C CB  . VAL B 2 51  ? -6.344  11.256  4.410   1.00 14.61 ? 51  VAL B CB  1 
ATOM   1199 C CG1 . VAL B 2 51  ? -6.183  10.885  5.882   1.00 16.72 ? 51  VAL B CG1 1 
ATOM   1200 C CG2 . VAL B 2 51  ? -4.990  11.471  3.747   1.00 14.79 ? 51  VAL B CG2 1 
ATOM   1201 N N   . PRO B 2 52  ? -8.321  11.409  1.890   1.00 11.05 ? 52  PRO B N   1 
ATOM   1202 C CA  . PRO B 2 52  ? -8.505  11.846  0.502   1.00 12.94 ? 52  PRO B CA  1 
ATOM   1203 C C   . PRO B 2 52  ? -7.396  12.797  0.055   1.00 12.69 ? 52  PRO B C   1 
ATOM   1204 O O   . PRO B 2 52  ? -6.647  13.306  0.888   1.00 13.07 ? 52  PRO B O   1 
ATOM   1205 C CB  . PRO B 2 52  ? -9.862  12.564  0.536   1.00 11.61 ? 52  PRO B CB  1 
ATOM   1206 C CG  . PRO B 2 52  ? -10.032 12.986  1.958   1.00 11.35 ? 52  PRO B CG  1 
ATOM   1207 C CD  . PRO B 2 52  ? -9.380  11.920  2.781   1.00 12.55 ? 52  PRO B CD  1 
ATOM   1208 N N   . GLY B 2 53  ? -7.298  13.031  -1.250  1.00 12.19 ? 53  GLY B N   1 
ATOM   1209 C CA  . GLY B 2 53  ? -6.236  13.848  -1.808  1.00 14.67 ? 53  GLY B CA  1 
ATOM   1210 C C   . GLY B 2 53  ? -6.290  15.314  -1.420  1.00 17.55 ? 53  GLY B C   1 
ATOM   1211 O O   . GLY B 2 53  ? -5.301  16.032  -1.565  1.00 25.21 ? 53  GLY B O   1 
ATOM   1212 N N   . SER B 2 54  ? -7.440  15.762  -0.927  1.00 19.51 ? 54  SER B N   1 
ATOM   1213 C CA  . SER B 2 54  ? -7.608  17.154  -0.518  1.00 20.26 ? 54  SER B CA  1 
ATOM   1214 C C   . SER B 2 54  ? -6.931  17.445  0.821   1.00 20.40 ? 54  SER B C   1 
ATOM   1215 O O   . SER B 2 54  ? -6.638  18.598  1.139   1.00 19.95 ? 54  SER B O   1 
ATOM   1216 C CB  . SER B 2 54  ? -9.093  17.512  -0.438  1.00 15.68 ? 54  SER B CB  1 
ATOM   1217 O OG  . SER B 2 54  ? -9.754  16.724  0.537   1.00 19.31 ? 54  SER B OG  1 
ATOM   1218 N N   . LYS B 2 55  ? -6.685  16.394  1.598   1.00 20.53 ? 55  LYS B N   1 
ATOM   1219 C CA  . LYS B 2 55  ? -6.081  16.528  2.921   1.00 20.06 ? 55  LYS B CA  1 
ATOM   1220 C C   . LYS B 2 55  ? -4.558  16.372  2.856   1.00 19.08 ? 55  LYS B C   1 
ATOM   1221 O O   . LYS B 2 55  ? -4.052  15.441  2.229   1.00 21.00 ? 55  LYS B O   1 
ATOM   1222 C CB  . LYS B 2 55  ? -6.685  15.493  3.878   1.00 18.65 ? 55  LYS B CB  1 
ATOM   1223 C CG  . LYS B 2 55  ? -6.845  15.971  5.312   1.00 29.40 ? 55  LYS B CG  1 
ATOM   1224 C CD  . LYS B 2 55  ? -7.417  14.879  6.204   1.00 28.18 ? 55  LYS B CD  1 
ATOM   1225 C CE  . LYS B 2 55  ? -7.595  15.370  7.638   1.00 36.82 ? 55  LYS B CE  1 
ATOM   1226 N NZ  . LYS B 2 55  ? -8.096  14.299  8.551   1.00 40.10 ? 55  LYS B NZ  1 
ATOM   1227 N N   . SER B 2 56  ? -3.835  17.281  3.505   1.00 21.94 ? 56  SER B N   1 
ATOM   1228 C CA  . SER B 2 56  ? -2.377  17.239  3.508   1.00 19.25 ? 56  SER B CA  1 
ATOM   1229 C C   . SER B 2 56  ? -1.802  17.198  4.928   1.00 22.29 ? 56  SER B C   1 
ATOM   1230 O O   . SER B 2 56  ? -0.602  17.385  5.125   1.00 20.29 ? 56  SER B O   1 
ATOM   1231 C CB  . SER B 2 56  ? -1.806  18.438  2.747   1.00 18.52 ? 56  SER B CB  1 
ATOM   1232 O OG  . SER B 2 56  ? -2.174  19.661  3.362   1.00 28.90 ? 56  SER B OG  1 
ATOM   1233 N N   . THR B 2 57  ? -2.666  16.967  5.913   1.00 23.04 ? 57  THR B N   1 
ATOM   1234 C CA  . THR B 2 57  ? -2.246  16.869  7.308   1.00 22.50 ? 57  THR B CA  1 
ATOM   1235 C C   . THR B 2 57  ? -2.923  15.669  7.947   1.00 21.06 ? 57  THR B C   1 
ATOM   1236 O O   . THR B 2 57  ? -3.987  15.246  7.501   1.00 23.08 ? 57  THR B O   1 
ATOM   1237 C CB  . THR B 2 57  ? -2.600  18.142  8.119   1.00 21.18 ? 57  THR B CB  1 
ATOM   1238 O OG1 . THR B 2 57  ? -4.023  18.269  8.224   1.00 25.02 ? 57  THR B OG1 1 
ATOM   1239 C CG2 . THR B 2 57  ? -2.028  19.378  7.467   1.00 22.59 ? 57  THR B CG2 1 
ATOM   1240 N N   . ALA B 2 58  ? -2.297  15.121  8.982   1.00 19.46 ? 58  ALA B N   1 
ATOM   1241 C CA  . ALA B 2 58  ? -2.869  13.998  9.710   1.00 19.62 ? 58  ALA B CA  1 
ATOM   1242 C C   . ALA B 2 58  ? -2.325  13.933  11.132  1.00 18.37 ? 58  ALA B C   1 
ATOM   1243 O O   . ALA B 2 58  ? -1.193  14.348  11.393  1.00 16.09 ? 58  ALA B O   1 
ATOM   1244 C CB  . ALA B 2 58  ? -2.599  12.692  8.974   1.00 15.57 ? 58  ALA B CB  1 
ATOM   1245 N N   . THR B 2 59  ? -3.139  13.406  12.045  1.00 18.13 ? 59  THR B N   1 
ATOM   1246 C CA  . THR B 2 59  ? -2.727  13.226  13.434  1.00 22.70 ? 59  THR B CA  1 
ATOM   1247 C C   . THR B 2 59  ? -2.503  11.747  13.732  1.00 21.24 ? 59  THR B C   1 
ATOM   1248 O O   . THR B 2 59  ? -3.282  10.896  13.307  1.00 24.76 ? 59  THR B O   1 
ATOM   1249 C CB  . THR B 2 59  ? -3.776  13.796  14.416  1.00 19.56 ? 59  THR B CB  1 
ATOM   1250 O OG1 . THR B 2 59  ? -4.028  15.170  14.102  1.00 19.21 ? 59  THR B OG1 1 
ATOM   1251 C CG2 . THR B 2 59  ? -3.284  13.698  15.860  1.00 18.02 ? 59  THR B CG2 1 
ATOM   1252 N N   . ILE B 2 60  ? -1.426  11.451  14.453  1.00 19.83 ? 60  ILE B N   1 
ATOM   1253 C CA  . ILE B 2 60  ? -1.096  10.083  14.830  1.00 21.47 ? 60  ILE B CA  1 
ATOM   1254 C C   . ILE B 2 60  ? -1.012  9.975   16.349  1.00 22.77 ? 60  ILE B C   1 
ATOM   1255 O O   . ILE B 2 60  ? -0.267  10.718  16.985  1.00 19.52 ? 60  ILE B O   1 
ATOM   1256 C CB  . ILE B 2 60  ? 0.238   9.649   14.203  1.00 20.73 ? 60  ILE B CB  1 
ATOM   1257 C CG1 . ILE B 2 60  ? 0.088   9.507   12.686  1.00 18.73 ? 60  ILE B CG1 1 
ATOM   1258 C CG2 . ILE B 2 60  ? 0.720   8.350   14.816  1.00 20.71 ? 60  ILE B CG2 1 
ATOM   1259 C CD1 . ILE B 2 60  ? 1.379   9.175   11.974  1.00 18.78 ? 60  ILE B CD1 1 
ATOM   1260 N N   . SER B 2 61  ? -1.777  9.051   16.924  1.00 23.18 ? 61  SER B N   1 
ATOM   1261 C CA  . SER B 2 61  ? -1.900  8.954   18.377  1.00 21.06 ? 61  SER B CA  1 
ATOM   1262 C C   . SER B 2 61  ? -1.537  7.568   18.894  1.00 20.11 ? 61  SER B C   1 
ATOM   1263 O O   . SER B 2 61  ? -1.325  6.641   18.113  1.00 23.65 ? 61  SER B O   1 
ATOM   1264 C CB  . SER B 2 61  ? -3.325  9.301   18.811  1.00 25.98 ? 61  SER B CB  1 
ATOM   1265 O OG  . SER B 2 61  ? -3.796  10.463  18.150  1.00 27.82 ? 61  SER B OG  1 
ATOM   1266 N N   . GLY B 2 62  ? -1.466  7.438   20.217  1.00 21.25 ? 62  GLY B N   1 
ATOM   1267 C CA  . GLY B 2 62  ? -1.187  6.163   20.858  1.00 18.72 ? 62  GLY B CA  1 
ATOM   1268 C C   . GLY B 2 62  ? 0.247   5.689   20.730  1.00 20.40 ? 62  GLY B C   1 
ATOM   1269 O O   . GLY B 2 62  ? 0.511   4.486   20.685  1.00 21.27 ? 62  GLY B O   1 
ATOM   1270 N N   . LEU B 2 63  ? 1.181   6.634   20.686  1.00 22.93 ? 63  LEU B N   1 
ATOM   1271 C CA  . LEU B 2 63  ? 2.595   6.315   20.508  1.00 22.14 ? 63  LEU B CA  1 
ATOM   1272 C C   . LEU B 2 63  ? 3.325   6.173   21.839  1.00 24.51 ? 63  LEU B C   1 
ATOM   1273 O O   . LEU B 2 63  ? 2.985   6.851   22.812  1.00 25.02 ? 63  LEU B O   1 
ATOM   1274 C CB  . LEU B 2 63  ? 3.276   7.402   19.678  1.00 23.13 ? 63  LEU B CB  1 
ATOM   1275 C CG  . LEU B 2 63  ? 2.744   7.653   18.269  1.00 21.00 ? 63  LEU B CG  1 
ATOM   1276 C CD1 . LEU B 2 63  ? 3.474   8.831   17.649  1.00 16.82 ? 63  LEU B CD1 1 
ATOM   1277 C CD2 . LEU B 2 63  ? 2.894   6.411   17.404  1.00 19.13 ? 63  LEU B CD2 1 
ATOM   1278 N N   . LYS B 2 64  ? 4.324   5.290   21.878  1.00 26.56 ? 64  LYS B N   1 
ATOM   1279 C CA  . LYS B 2 64  ? 5.181   5.160   23.053  1.00 24.97 ? 64  LYS B CA  1 
ATOM   1280 C C   . LYS B 2 64  ? 6.138   6.345   23.118  1.00 26.52 ? 64  LYS B C   1 
ATOM   1281 O O   . LYS B 2 64  ? 6.629   6.796   22.079  1.00 27.14 ? 64  LYS B O   1 
ATOM   1282 C CB  . LYS B 2 64  ? 5.990   3.858   23.008  1.00 25.17 ? 64  LYS B CB  1 
ATOM   1283 C CG  . LYS B 2 64  ? 5.192   2.566   22.831  1.00 30.21 ? 64  LYS B CG  1 
ATOM   1284 C CD  . LYS B 2 64  ? 6.159   1.378   22.700  1.00 29.24 ? 64  LYS B CD  1 
ATOM   1285 C CE  . LYS B 2 64  ? 5.464   0.038   22.511  1.00 28.07 ? 64  LYS B CE  1 
ATOM   1286 N NZ  . LYS B 2 64  ? 6.448   -1.042  22.223  1.00 27.43 ? 64  LYS B NZ  1 
ATOM   1287 N N   . PRO B 2 65  ? 6.390   6.864   24.337  1.00 30.25 ? 65  PRO B N   1 
ATOM   1288 C CA  . PRO B 2 65  ? 7.383   7.933   24.517  1.00 26.33 ? 65  PRO B CA  1 
ATOM   1289 C C   . PRO B 2 65  ? 8.803   7.401   24.434  1.00 24.23 ? 65  PRO B C   1 
ATOM   1290 O O   . PRO B 2 65  ? 9.044   6.253   24.807  1.00 25.46 ? 65  PRO B O   1 
ATOM   1291 C CB  . PRO B 2 65  ? 7.119   8.428   25.941  1.00 25.41 ? 65  PRO B CB  1 
ATOM   1292 C CG  . PRO B 2 65  ? 5.710   8.021   26.231  1.00 24.50 ? 65  PRO B CG  1 
ATOM   1293 C CD  . PRO B 2 65  ? 5.540   6.701   25.532  1.00 26.52 ? 65  PRO B CD  1 
ATOM   1294 N N   . GLY B 2 66  ? 9.727   8.222   23.946  1.00 24.64 ? 66  GLY B N   1 
ATOM   1295 C CA  . GLY B 2 66  ? 11.126  7.842   23.883  1.00 22.49 ? 66  GLY B CA  1 
ATOM   1296 C C   . GLY B 2 66  ? 11.439  6.710   22.922  1.00 26.37 ? 66  GLY B C   1 
ATOM   1297 O O   . GLY B 2 66  ? 12.435  6.005   23.093  1.00 27.37 ? 66  GLY B O   1 
ATOM   1298 N N   . VAL B 2 67  ? 10.601  6.540   21.904  1.00 21.20 ? 67  VAL B N   1 
ATOM   1299 C CA  . VAL B 2 67  ? 10.772  5.450   20.949  1.00 20.53 ? 67  VAL B CA  1 
ATOM   1300 C C   . VAL B 2 67  ? 10.891  5.978   19.516  1.00 19.55 ? 67  VAL B C   1 
ATOM   1301 O O   . VAL B 2 67  ? 10.232  6.949   19.147  1.00 18.29 ? 67  VAL B O   1 
ATOM   1302 C CB  . VAL B 2 67  ? 9.606   4.436   21.061  1.00 19.72 ? 67  VAL B CB  1 
ATOM   1303 C CG1 . VAL B 2 67  ? 9.758   3.304   20.055  1.00 21.52 ? 67  VAL B CG1 1 
ATOM   1304 C CG2 . VAL B 2 67  ? 9.534   3.878   22.471  1.00 25.55 ? 67  VAL B CG2 1 
ATOM   1305 N N   . ASP B 2 68  ? 11.745  5.339   18.720  1.00 19.42 ? 68  ASP B N   1 
ATOM   1306 C CA  . ASP B 2 68  ? 11.941  5.714   17.322  1.00 20.38 ? 68  ASP B CA  1 
ATOM   1307 C C   . ASP B 2 68  ? 10.823  5.198   16.421  1.00 19.79 ? 68  ASP B C   1 
ATOM   1308 O O   . ASP B 2 68  ? 10.575  3.993   16.349  1.00 21.37 ? 68  ASP B O   1 
ATOM   1309 C CB  . ASP B 2 68  ? 13.289  5.192   16.819  1.00 19.27 ? 68  ASP B CB  1 
ATOM   1310 C CG  . ASP B 2 68  ? 14.463  5.911   17.455  1.00 24.61 ? 68  ASP B CG  1 
ATOM   1311 O OD1 . ASP B 2 68  ? 14.484  7.159   17.426  1.00 20.11 ? 68  ASP B OD1 1 
ATOM   1312 O OD2 . ASP B 2 68  ? 15.362  5.227   17.993  1.00 29.61 ? 68  ASP B OD2 1 
ATOM   1313 N N   . TYR B 2 69  ? 10.162  6.118   15.726  1.00 14.51 ? 69  TYR B N   1 
ATOM   1314 C CA  . TYR B 2 69  ? 9.088   5.754   14.811  1.00 17.99 ? 69  TYR B CA  1 
ATOM   1315 C C   . TYR B 2 69  ? 9.406   6.126   13.363  1.00 15.94 ? 69  TYR B C   1 
ATOM   1316 O O   . TYR B 2 69  ? 10.114  7.097   13.094  1.00 11.44 ? 69  TYR B O   1 
ATOM   1317 C CB  . TYR B 2 69  ? 7.763   6.391   15.246  1.00 14.05 ? 69  TYR B CB  1 
ATOM   1318 C CG  . TYR B 2 69  ? 7.121   5.716   16.439  1.00 17.06 ? 69  TYR B CG  1 
ATOM   1319 C CD1 . TYR B 2 69  ? 7.448   6.096   17.734  1.00 19.18 ? 69  TYR B CD1 1 
ATOM   1320 C CD2 . TYR B 2 69  ? 6.193   4.697   16.268  1.00 17.65 ? 69  TYR B CD2 1 
ATOM   1321 C CE1 . TYR B 2 69  ? 6.866   5.481   18.827  1.00 21.97 ? 69  TYR B CE1 1 
ATOM   1322 C CE2 . TYR B 2 69  ? 5.607   4.076   17.355  1.00 17.75 ? 69  TYR B CE2 1 
ATOM   1323 C CZ  . TYR B 2 69  ? 5.946   4.472   18.632  1.00 22.56 ? 69  TYR B CZ  1 
ATOM   1324 O OH  . TYR B 2 69  ? 5.364   3.857   19.718  1.00 20.32 ? 69  TYR B OH  1 
ATOM   1325 N N   . THR B 2 70  ? 8.880   5.328   12.439  1.00 13.36 ? 70  THR B N   1 
ATOM   1326 C CA  . THR B 2 70  ? 8.991   5.602   11.014  1.00 12.31 ? 70  THR B CA  1 
ATOM   1327 C C   . THR B 2 70  ? 7.597   5.919   10.491  1.00 13.66 ? 70  THR B C   1 
ATOM   1328 O O   . THR B 2 70  ? 6.629   5.245   10.846  1.00 11.19 ? 70  THR B O   1 
ATOM   1329 C CB  . THR B 2 70  ? 9.581   4.392   10.253  1.00 14.64 ? 70  THR B CB  1 
ATOM   1330 O OG1 . THR B 2 70  ? 10.926  4.157   10.691  1.00 13.68 ? 70  THR B OG1 1 
ATOM   1331 C CG2 . THR B 2 70  ? 9.575   4.635   8.747   1.00 12.00 ? 70  THR B CG2 1 
ATOM   1332 N N   . ILE B 2 71  ? 7.495   6.958   9.670   1.00 13.31 ? 71  ILE B N   1 
ATOM   1333 C CA  . ILE B 2 71  ? 6.213   7.387   9.125   1.00 12.19 ? 71  ILE B CA  1 
ATOM   1334 C C   . ILE B 2 71  ? 6.301   7.480   7.610   1.00 13.59 ? 71  ILE B C   1 
ATOM   1335 O O   . ILE B 2 71  ? 7.206   8.118   7.075   1.00 13.42 ? 71  ILE B O   1 
ATOM   1336 C CB  . ILE B 2 71  ? 5.793   8.754   9.693   1.00 12.65 ? 71  ILE B CB  1 
ATOM   1337 C CG1 . ILE B 2 71  ? 5.597   8.661   11.207  1.00 13.88 ? 71  ILE B CG1 1 
ATOM   1338 C CG2 . ILE B 2 71  ? 4.525   9.256   9.012   1.00 11.45 ? 71  ILE B CG2 1 
ATOM   1339 C CD1 . ILE B 2 71  ? 6.289   9.764   11.975  1.00 17.73 ? 71  ILE B CD1 1 
ATOM   1340 N N   . THR B 2 72  ? 5.354   6.848   6.924   1.00 18.16 ? 72  THR B N   1 
ATOM   1341 C CA  . THR B 2 72  ? 5.404   6.729   5.472   1.00 14.02 ? 72  THR B CA  1 
ATOM   1342 C C   . THR B 2 72  ? 4.087   7.157   4.825   1.00 13.62 ? 72  THR B C   1 
ATOM   1343 O O   . THR B 2 72  ? 3.009   6.782   5.287   1.00 14.54 ? 72  THR B O   1 
ATOM   1344 C CB  . THR B 2 72  ? 5.734   5.278   5.056   1.00 13.32 ? 72  THR B CB  1 
ATOM   1345 O OG1 . THR B 2 72  ? 6.941   4.853   5.701   1.00 15.60 ? 72  THR B OG1 1 
ATOM   1346 C CG2 . THR B 2 72  ? 5.904   5.168   3.553   1.00 13.71 ? 72  THR B CG2 1 
ATOM   1347 N N   . VAL B 2 73  ? 4.186   7.949   3.759   1.00 12.47 ? 73  VAL B N   1 
ATOM   1348 C CA  . VAL B 2 73  ? 3.018   8.405   3.010   1.00 13.24 ? 73  VAL B CA  1 
ATOM   1349 C C   . VAL B 2 73  ? 3.109   7.983   1.542   1.00 14.67 ? 73  VAL B C   1 
ATOM   1350 O O   . VAL B 2 73  ? 4.094   8.287   0.869   1.00 17.24 ? 73  VAL B O   1 
ATOM   1351 C CB  . VAL B 2 73  ? 2.877   9.940   3.076   1.00 14.62 ? 73  VAL B CB  1 
ATOM   1352 C CG1 . VAL B 2 73  ? 1.689   10.405  2.241   1.00 13.93 ? 73  VAL B CG1 1 
ATOM   1353 C CG2 . VAL B 2 73  ? 2.739   10.401  4.521   1.00 9.97  ? 73  VAL B CG2 1 
ATOM   1354 N N   . TYR B 2 74  ? 2.084   7.286   1.051   1.00 12.81 ? 74  TYR B N   1 
ATOM   1355 C CA  . TYR B 2 74  ? 2.029   6.865   -0.350  1.00 13.02 ? 74  TYR B CA  1 
ATOM   1356 C C   . TYR B 2 74  ? 1.121   7.778   -1.173  1.00 12.92 ? 74  TYR B C   1 
ATOM   1357 O O   . TYR B 2 74  ? 0.219   8.419   -0.636  1.00 13.72 ? 74  TYR B O   1 
ATOM   1358 C CB  . TYR B 2 74  ? 1.488   5.439   -0.475  1.00 12.59 ? 74  TYR B CB  1 
ATOM   1359 C CG  . TYR B 2 74  ? 2.256   4.366   0.261   1.00 14.49 ? 74  TYR B CG  1 
ATOM   1360 C CD1 . TYR B 2 74  ? 2.021   4.115   1.608   1.00 12.96 ? 74  TYR B CD1 1 
ATOM   1361 C CD2 . TYR B 2 74  ? 3.185   3.574   -0.401  1.00 14.11 ? 74  TYR B CD2 1 
ATOM   1362 C CE1 . TYR B 2 74  ? 2.707   3.121   2.278   1.00 12.62 ? 74  TYR B CE1 1 
ATOM   1363 C CE2 . TYR B 2 74  ? 3.876   2.575   0.263   1.00 14.21 ? 74  TYR B CE2 1 
ATOM   1364 C CZ  . TYR B 2 74  ? 3.633   2.354   1.602   1.00 13.32 ? 74  TYR B CZ  1 
ATOM   1365 O OH  . TYR B 2 74  ? 4.318   1.361   2.270   1.00 11.64 ? 74  TYR B OH  1 
ATOM   1366 N N   . ALA B 2 75  ? 1.347   7.814   -2.482  1.00 15.67 ? 75  ALA B N   1 
ATOM   1367 C CA  . ALA B 2 75  ? 0.445   8.511   -3.392  1.00 13.26 ? 75  ALA B CA  1 
ATOM   1368 C C   . ALA B 2 75  ? -0.459  7.502   -4.094  1.00 12.53 ? 75  ALA B C   1 
ATOM   1369 O O   . ALA B 2 75  ? 0.020   6.527   -4.672  1.00 10.33 ? 75  ALA B O   1 
ATOM   1370 C CB  . ALA B 2 75  ? 1.227   9.307   -4.405  1.00 16.55 ? 75  ALA B CB  1 
ATOM   1371 N N   . GLY B 2 76  ? -1.764  7.737   -4.039  1.00 13.29 ? 76  GLY B N   1 
ATOM   1372 C CA  . GLY B 2 76  ? -2.722  6.811   -4.617  1.00 13.91 ? 76  GLY B CA  1 
ATOM   1373 C C   . GLY B 2 76  ? -3.522  7.406   -5.757  1.00 12.99 ? 76  GLY B C   1 
ATOM   1374 O O   . GLY B 2 76  ? -3.826  8.598   -5.759  1.00 13.63 ? 76  GLY B O   1 
ATOM   1375 N N   . TYR B 2 77  ? -3.874  6.570   -6.728  1.00 12.14 ? 77  TYR B N   1 
ATOM   1376 C CA  . TYR B 2 77  ? -4.619  7.031   -7.891  1.00 13.79 ? 77  TYR B CA  1 
ATOM   1377 C C   . TYR B 2 77  ? -5.759  6.093   -8.245  1.00 15.08 ? 77  TYR B C   1 
ATOM   1378 O O   . TYR B 2 77  ? -5.675  4.886   -8.026  1.00 13.34 ? 77  TYR B O   1 
ATOM   1379 C CB  . TYR B 2 77  ? -3.688  7.187   -9.094  1.00 17.19 ? 77  TYR B CB  1 
ATOM   1380 C CG  . TYR B 2 77  ? -2.554  8.144   -8.835  1.00 20.89 ? 77  TYR B CG  1 
ATOM   1381 C CD1 . TYR B 2 77  ? -2.732  9.511   -8.988  1.00 18.79 ? 77  TYR B CD1 1 
ATOM   1382 C CD2 . TYR B 2 77  ? -1.311  7.682   -8.420  1.00 15.87 ? 77  TYR B CD2 1 
ATOM   1383 C CE1 . TYR B 2 77  ? -1.702  10.395  -8.745  1.00 22.39 ? 77  TYR B CE1 1 
ATOM   1384 C CE2 . TYR B 2 77  ? -0.270  8.562   -8.173  1.00 19.48 ? 77  TYR B CE2 1 
ATOM   1385 C CZ  . TYR B 2 77  ? -0.475  9.918   -8.337  1.00 24.27 ? 77  TYR B CZ  1 
ATOM   1386 O OH  . TYR B 2 77  ? 0.547   10.807  -8.095  1.00 27.89 ? 77  TYR B OH  1 
ATOM   1387 N N   . TYR B 2 78  ? -6.828  6.666   -8.790  1.00 15.89 ? 78  TYR B N   1 
ATOM   1388 C CA  . TYR B 2 78  ? -7.941  5.885   -9.303  1.00 16.91 ? 78  TYR B CA  1 
ATOM   1389 C C   . TYR B 2 78  ? -7.705  5.588   -10.777 1.00 19.87 ? 78  TYR B C   1 
ATOM   1390 O O   . TYR B 2 78  ? -7.125  6.402   -11.500 1.00 16.69 ? 78  TYR B O   1 
ATOM   1391 C CB  . TYR B 2 78  ? -9.256  6.645   -9.126  1.00 14.89 ? 78  TYR B CB  1 
ATOM   1392 C CG  . TYR B 2 78  ? -9.595  6.940   -7.684  1.00 15.12 ? 78  TYR B CG  1 
ATOM   1393 C CD1 . TYR B 2 78  ? -9.302  6.025   -6.681  1.00 12.46 ? 78  TYR B CD1 1 
ATOM   1394 C CD2 . TYR B 2 78  ? -10.201 8.138   -7.324  1.00 14.32 ? 78  TYR B CD2 1 
ATOM   1395 C CE1 . TYR B 2 78  ? -9.605  6.293   -5.362  1.00 12.05 ? 78  TYR B CE1 1 
ATOM   1396 C CE2 . TYR B 2 78  ? -10.507 8.413   -6.008  1.00 12.79 ? 78  TYR B CE2 1 
ATOM   1397 C CZ  . TYR B 2 78  ? -10.206 7.486   -5.031  1.00 12.21 ? 78  TYR B CZ  1 
ATOM   1398 O OH  . TYR B 2 78  ? -10.510 7.754   -3.718  1.00 12.62 ? 78  TYR B OH  1 
ATOM   1399 N N   . GLY B 2 79  ? -8.153  4.419   -11.218 1.00 16.71 ? 79  GLY B N   1 
ATOM   1400 C CA  . GLY B 2 79  ? -8.007  4.030   -12.605 1.00 16.41 ? 79  GLY B CA  1 
ATOM   1401 C C   . GLY B 2 79  ? -8.104  2.530   -12.773 1.00 18.81 ? 79  GLY B C   1 
ATOM   1402 O O   . GLY B 2 79  ? -8.794  1.851   -12.011 1.00 22.53 ? 79  GLY B O   1 
ATOM   1403 N N   . TYR B 2 80  ? -7.405  2.018   -13.780 1.00 19.40 ? 80  TYR B N   1 
ATOM   1404 C CA  . TYR B 2 80  ? -7.381  0.590   -14.059 1.00 20.15 ? 80  TYR B CA  1 
ATOM   1405 C C   . TYR B 2 80  ? -5.945  0.091   -14.001 1.00 19.59 ? 80  TYR B C   1 
ATOM   1406 O O   . TYR B 2 80  ? -5.227  0.139   -15.000 1.00 23.26 ? 80  TYR B O   1 
ATOM   1407 C CB  . TYR B 2 80  ? -7.998  0.304   -15.430 1.00 23.51 ? 80  TYR B CB  1 
ATOM   1408 C CG  . TYR B 2 80  ? -9.410  0.832   -15.578 1.00 32.69 ? 80  TYR B CG  1 
ATOM   1409 C CD1 . TYR B 2 80  ? -10.507 0.057   -15.211 1.00 31.49 ? 80  TYR B CD1 1 
ATOM   1410 C CD2 . TYR B 2 80  ? -9.647  2.111   -16.075 1.00 31.83 ? 80  TYR B CD2 1 
ATOM   1411 C CE1 . TYR B 2 80  ? -11.802 0.540   -15.338 1.00 28.80 ? 80  TYR B CE1 1 
ATOM   1412 C CE2 . TYR B 2 80  ? -10.937 2.603   -16.208 1.00 33.15 ? 80  TYR B CE2 1 
ATOM   1413 C CZ  . TYR B 2 80  ? -12.010 1.813   -15.837 1.00 35.66 ? 80  TYR B CZ  1 
ATOM   1414 O OH  . TYR B 2 80  ? -13.291 2.299   -15.965 1.00 31.32 ? 80  TYR B OH  1 
ATOM   1415 N N   . PRO B 2 81  ? -5.520  -0.388  -12.821 1.00 18.26 ? 81  PRO B N   1 
ATOM   1416 C CA  . PRO B 2 81  ? -6.361  -0.485  -11.625 1.00 15.81 ? 81  PRO B CA  1 
ATOM   1417 C C   . PRO B 2 81  ? -6.200  0.718   -10.697 1.00 14.58 ? 81  PRO B C   1 
ATOM   1418 O O   . PRO B 2 81  ? -5.486  1.671   -11.017 1.00 13.61 ? 81  PRO B O   1 
ATOM   1419 C CB  . PRO B 2 81  ? -5.796  -1.720  -10.935 1.00 16.10 ? 81  PRO B CB  1 
ATOM   1420 C CG  . PRO B 2 81  ? -4.321  -1.631  -11.227 1.00 13.92 ? 81  PRO B CG  1 
ATOM   1421 C CD  . PRO B 2 81  ? -4.192  -0.990  -12.598 1.00 15.82 ? 81  PRO B CD  1 
ATOM   1422 N N   . THR B 2 82  ? -6.870  0.667   -9.550  1.00 12.51 ? 82  THR B N   1 
ATOM   1423 C CA  . THR B 2 82  ? -6.664  1.654   -8.496  1.00 14.44 ? 82  THR B CA  1 
ATOM   1424 C C   . THR B 2 82  ? -5.529  1.191   -7.590  1.00 12.63 ? 82  THR B C   1 
ATOM   1425 O O   . THR B 2 82  ? -5.562  0.084   -7.050  1.00 11.15 ? 82  THR B O   1 
ATOM   1426 C CB  . THR B 2 82  ? -7.938  1.875   -7.666  1.00 15.17 ? 82  THR B CB  1 
ATOM   1427 O OG1 . THR B 2 82  ? -8.911  2.567   -8.460  1.00 14.89 ? 82  THR B OG1 1 
ATOM   1428 C CG2 . THR B 2 82  ? -7.629  2.698   -6.421  1.00 12.57 ? 82  THR B CG2 1 
ATOM   1429 N N   . TYR B 2 83  ? -4.521  2.039   -7.427  1.00 10.60 ? 83  TYR B N   1 
ATOM   1430 C CA  . TYR B 2 83  ? -3.298  1.623   -6.755  1.00 13.34 ? 83  TYR B CA  1 
ATOM   1431 C C   . TYR B 2 83  ? -2.661  2.761   -5.972  1.00 13.21 ? 83  TYR B C   1 
ATOM   1432 O O   . TYR B 2 83  ? -3.048  3.921   -6.111  1.00 13.81 ? 83  TYR B O   1 
ATOM   1433 C CB  . TYR B 2 83  ? -2.292  1.097   -7.785  1.00 11.27 ? 83  TYR B CB  1 
ATOM   1434 C CG  . TYR B 2 83  ? -1.703  2.192   -8.646  1.00 14.53 ? 83  TYR B CG  1 
ATOM   1435 C CD1 . TYR B 2 83  ? -2.385  2.670   -9.755  1.00 12.76 ? 83  TYR B CD1 1 
ATOM   1436 C CD2 . TYR B 2 83  ? -0.472  2.759   -8.339  1.00 12.60 ? 83  TYR B CD2 1 
ATOM   1437 C CE1 . TYR B 2 83  ? -1.859  3.677   -10.535 1.00 17.97 ? 83  TYR B CE1 1 
ATOM   1438 C CE2 . TYR B 2 83  ? 0.062   3.766   -9.111  1.00 14.65 ? 83  TYR B CE2 1 
ATOM   1439 C CZ  . TYR B 2 83  ? -0.635  4.222   -10.208 1.00 19.28 ? 83  TYR B CZ  1 
ATOM   1440 O OH  . TYR B 2 83  ? -0.104  5.226   -10.987 1.00 17.16 ? 83  TYR B OH  1 
ATOM   1441 N N   . TYR B 2 84  ? -1.672  2.417   -5.152  1.00 13.13 ? 84  TYR B N   1 
ATOM   1442 C CA  . TYR B 2 84  ? -0.850  3.418   -4.484  1.00 11.44 ? 84  TYR B CA  1 
ATOM   1443 C C   . TYR B 2 84  ? 0.593   2.952   -4.347  1.00 12.67 ? 84  TYR B C   1 
ATOM   1444 O O   . TYR B 2 84  ? 0.862   1.765   -4.149  1.00 13.84 ? 84  TYR B O   1 
ATOM   1445 C CB  . TYR B 2 84  ? -1.435  3.827   -3.125  1.00 10.42 ? 84  TYR B CB  1 
ATOM   1446 C CG  . TYR B 2 84  ? -1.578  2.710   -2.114  1.00 13.27 ? 84  TYR B CG  1 
ATOM   1447 C CD1 . TYR B 2 84  ? -2.701  1.893   -2.107  1.00 12.80 ? 84  TYR B CD1 1 
ATOM   1448 C CD2 . TYR B 2 84  ? -0.602  2.490   -1.149  1.00 13.09 ? 84  TYR B CD2 1 
ATOM   1449 C CE1 . TYR B 2 84  ? -2.841  0.879   -1.180  1.00 12.35 ? 84  TYR B CE1 1 
ATOM   1450 C CE2 . TYR B 2 84  ? -0.734  1.480   -0.215  1.00 12.97 ? 84  TYR B CE2 1 
ATOM   1451 C CZ  . TYR B 2 84  ? -1.856  0.677   -0.236  1.00 13.45 ? 84  TYR B CZ  1 
ATOM   1452 O OH  . TYR B 2 84  ? -1.989  -0.332  0.690   1.00 11.90 ? 84  TYR B OH  1 
ATOM   1453 N N   . SER B 2 85  ? 1.515   3.901   -4.462  1.00 13.84 ? 85  SER B N   1 
ATOM   1454 C CA  . SER B 2 85  ? 2.940   3.607   -4.397  1.00 15.40 ? 85  SER B CA  1 
ATOM   1455 C C   . SER B 2 85  ? 3.739   4.886   -4.156  1.00 14.58 ? 85  SER B C   1 
ATOM   1456 O O   . SER B 2 85  ? 3.242   5.817   -3.523  1.00 12.61 ? 85  SER B O   1 
ATOM   1457 C CB  . SER B 2 85  ? 3.398   2.934   -5.690  1.00 14.33 ? 85  SER B CB  1 
ATOM   1458 O OG  . SER B 2 85  ? 3.079   3.731   -6.818  1.00 15.14 ? 85  SER B OG  1 
ATOM   1459 N N   . SER B 2 86  ? 4.967   4.917   -4.676  1.00 23.18 ? 86  SER B N   1 
ATOM   1460 C CA  . SER B 2 86  ? 5.892   6.054   -4.535  1.00 20.13 ? 86  SER B CA  1 
ATOM   1461 C C   . SER B 2 86  ? 5.873   6.693   -3.148  1.00 20.05 ? 86  SER B C   1 
ATOM   1462 O O   . SER B 2 86  ? 5.507   7.862   -2.995  1.00 19.67 ? 86  SER B O   1 
ATOM   1463 C CB  . SER B 2 86  ? 5.589   7.126   -5.574  1.00 18.50 ? 86  SER B CB  1 
ATOM   1464 O OG  . SER B 2 86  ? 4.494   7.911   -5.149  1.00 24.68 ? 86  SER B OG  1 
ATOM   1465 N N   . PRO B 2 87  ? 6.284   5.933   -2.130  1.00 16.82 ? 87  PRO B N   1 
ATOM   1466 C CA  . PRO B 2 87  ? 6.160   6.404   -0.749  1.00 16.73 ? 87  PRO B CA  1 
ATOM   1467 C C   . PRO B 2 87  ? 7.231   7.421   -0.371  1.00 17.51 ? 87  PRO B C   1 
ATOM   1468 O O   . PRO B 2 87  ? 8.263   7.497   -1.035  1.00 20.33 ? 87  PRO B O   1 
ATOM   1469 C CB  . PRO B 2 87  ? 6.365   5.123   0.057   1.00 16.52 ? 87  PRO B CB  1 
ATOM   1470 C CG  . PRO B 2 87  ? 7.309   4.314   -0.784  1.00 16.40 ? 87  PRO B CG  1 
ATOM   1471 C CD  . PRO B 2 87  ? 6.928   4.609   -2.213  1.00 16.94 ? 87  PRO B CD  1 
ATOM   1472 N N   . ILE B 2 88  ? 6.980   8.192   0.684   1.00 16.85 ? 88  ILE B N   1 
ATOM   1473 C CA  . ILE B 2 88  ? 8.017   9.018   1.303   1.00 18.35 ? 88  ILE B CA  1 
ATOM   1474 C C   . ILE B 2 88  ? 8.069   8.714   2.800   1.00 15.77 ? 88  ILE B C   1 
ATOM   1475 O O   . ILE B 2 88  ? 7.033   8.598   3.456   1.00 13.50 ? 88  ILE B O   1 
ATOM   1476 C CB  . ILE B 2 88  ? 7.795   10.535  1.059   1.00 16.43 ? 88  ILE B CB  1 
ATOM   1477 C CG1 . ILE B 2 88  ? 8.941   11.350  1.666   1.00 16.55 ? 88  ILE B CG1 1 
ATOM   1478 C CG2 . ILE B 2 88  ? 6.456   10.993  1.614   1.00 13.97 ? 88  ILE B CG2 1 
ATOM   1479 C CD1 . ILE B 2 88  ? 8.783   12.854  1.505   1.00 22.49 ? 88  ILE B CD1 1 
ATOM   1480 N N   . SER B 2 89  ? 9.276   8.569   3.337   1.00 14.96 ? 89  SER B N   1 
ATOM   1481 C CA  . SER B 2 89  ? 9.437   8.190   4.735   1.00 13.82 ? 89  SER B CA  1 
ATOM   1482 C C   . SER B 2 89  ? 10.299  9.164   5.527   1.00 15.21 ? 89  SER B C   1 
ATOM   1483 O O   . SER B 2 89  ? 11.223  9.782   4.993   1.00 12.46 ? 89  SER B O   1 
ATOM   1484 C CB  . SER B 2 89  ? 10.030  6.782   4.846   1.00 13.17 ? 89  SER B CB  1 
ATOM   1485 O OG  . SER B 2 89  ? 9.184   5.820   4.244   1.00 18.37 ? 89  SER B OG  1 
ATOM   1486 N N   . ILE B 2 90  ? 9.977   9.296   6.809   1.00 13.87 ? 90  ILE B N   1 
ATOM   1487 C CA  . ILE B 2 90  ? 10.798  10.040  7.749   1.00 12.87 ? 90  ILE B CA  1 
ATOM   1488 C C   . ILE B 2 90  ? 10.887  9.247   9.046   1.00 14.90 ? 90  ILE B C   1 
ATOM   1489 O O   . ILE B 2 90  ? 10.137  8.289   9.258   1.00 12.13 ? 90  ILE B O   1 
ATOM   1490 C CB  . ILE B 2 90  ? 10.198  11.426  8.072   1.00 13.40 ? 90  ILE B CB  1 
ATOM   1491 C CG1 . ILE B 2 90  ? 8.834   11.271  8.753   1.00 11.69 ? 90  ILE B CG1 1 
ATOM   1492 C CG2 . ILE B 2 90  ? 10.099  12.286  6.811   1.00 12.54 ? 90  ILE B CG2 1 
ATOM   1493 C CD1 . ILE B 2 90  ? 8.254   12.570  9.280   1.00 11.33 ? 90  ILE B CD1 1 
ATOM   1494 N N   . ASN B 2 91  ? 11.806  9.649   9.916   1.00 14.54 ? 91  ASN B N   1 
ATOM   1495 C CA  . ASN B 2 91  ? 11.888  9.070   11.246  1.00 13.59 ? 91  ASN B CA  1 
ATOM   1496 C C   . ASN B 2 91  ? 11.647  10.131  12.307  1.00 14.77 ? 91  ASN B C   1 
ATOM   1497 O O   . ASN B 2 91  ? 11.918  11.314  12.086  1.00 14.24 ? 91  ASN B O   1 
ATOM   1498 C CB  . ASN B 2 91  ? 13.240  8.386   11.463  1.00 17.60 ? 91  ASN B CB  1 
ATOM   1499 C CG  . ASN B 2 91  ? 13.458  7.214   10.521  1.00 20.34 ? 91  ASN B CG  1 
ATOM   1500 O OD1 . ASN B 2 91  ? 12.883  6.141   10.704  1.00 17.76 ? 91  ASN B OD1 1 
ATOM   1501 N ND2 . ASN B 2 91  ? 14.293  7.416   9.507   1.00 23.37 ? 91  ASN B ND2 1 
ATOM   1502 N N   . TYR B 2 92  ? 11.120  9.708   13.452  1.00 14.05 ? 92  TYR B N   1 
ATOM   1503 C CA  . TYR B 2 92  ? 10.891  10.620  14.564  1.00 14.60 ? 92  TYR B CA  1 
ATOM   1504 C C   . TYR B 2 92  ? 10.861  9.875   15.900  1.00 17.44 ? 92  TYR B C   1 
ATOM   1505 O O   . TYR B 2 92  ? 10.133  8.893   16.067  1.00 16.51 ? 92  TYR B O   1 
ATOM   1506 C CB  . TYR B 2 92  ? 9.599   11.420  14.358  1.00 15.02 ? 92  TYR B CB  1 
ATOM   1507 C CG  . TYR B 2 92  ? 9.487   12.630  15.261  1.00 17.51 ? 92  TYR B CG  1 
ATOM   1508 C CD1 . TYR B 2 92  ? 9.991   13.867  14.866  1.00 15.65 ? 92  TYR B CD1 1 
ATOM   1509 C CD2 . TYR B 2 92  ? 8.887   12.537  16.510  1.00 15.56 ? 92  TYR B CD2 1 
ATOM   1510 C CE1 . TYR B 2 92  ? 9.897   14.974  15.691  1.00 16.40 ? 92  TYR B CE1 1 
ATOM   1511 C CE2 . TYR B 2 92  ? 8.788   13.640  17.343  1.00 13.75 ? 92  TYR B CE2 1 
ATOM   1512 C CZ  . TYR B 2 92  ? 9.295   14.854  16.927  1.00 17.10 ? 92  TYR B CZ  1 
ATOM   1513 O OH  . TYR B 2 92  ? 9.201   15.959  17.743  1.00 14.77 ? 92  TYR B OH  1 
ATOM   1514 N N   . ARG B 2 93  ? 11.672  10.344  16.844  1.00 14.71 ? 93  ARG B N   1 
ATOM   1515 C CA  . ARG B 2 93  ? 11.698  9.782   18.190  1.00 18.05 ? 93  ARG B CA  1 
ATOM   1516 C C   . ARG B 2 93  ? 10.846  10.626  19.137  1.00 16.98 ? 93  ARG B C   1 
ATOM   1517 O O   . ARG B 2 93  ? 11.132  11.800  19.377  1.00 15.59 ? 93  ARG B O   1 
ATOM   1518 C CB  . ARG B 2 93  ? 13.136  9.687   18.711  1.00 18.82 ? 93  ARG B CB  1 
ATOM   1519 C CG  . ARG B 2 93  ? 13.261  9.053   20.094  1.00 20.91 ? 93  ARG B CG  1 
ATOM   1520 C CD  . ARG B 2 93  ? 14.697  9.027   20.590  1.00 24.69 ? 93  ARG B CD  1 
ATOM   1521 N NE  . ARG B 2 93  ? 14.774  8.987   22.052  1.00 33.26 ? 93  ARG B NE  1 
ATOM   1522 C CZ  . ARG B 2 93  ? 15.202  7.945   22.758  1.00 34.80 ? 93  ARG B CZ  1 
ATOM   1523 N NH1 . ARG B 2 93  ? 15.605  6.846   22.144  1.00 35.72 ? 93  ARG B NH1 1 
ATOM   1524 N NH2 . ARG B 2 93  ? 15.230  8.004   24.080  1.00 38.66 ? 93  ARG B NH2 1 
ATOM   1525 N N   . THR B 2 94  ? 9.793   10.021  19.673  1.00 16.26 ? 94  THR B N   1 
ATOM   1526 C CA  . THR B 2 94  ? 8.872   10.723  20.557  1.00 20.03 ? 94  THR B CA  1 
ATOM   1527 C C   . THR B 2 94  ? 9.517   11.093  21.894  1.00 20.39 ? 94  THR B C   1 
ATOM   1528 O O   . THR B 2 94  ? 10.571  10.564  22.258  1.00 22.16 ? 94  THR B O   1 
ATOM   1529 C CB  . THR B 2 94  ? 7.610   9.886   20.810  1.00 23.40 ? 94  THR B CB  1 
ATOM   1530 O OG1 . THR B 2 94  ? 7.986   8.580   21.265  1.00 22.67 ? 94  THR B OG1 1 
ATOM   1531 C CG2 . THR B 2 94  ? 6.802   9.750   19.529  1.00 19.78 ? 94  THR B CG2 1 
HETATM 1532 O O   . HOH C 3 .   ? -2.160  -6.466  4.735   1.00 11.20 ? 201 HOH A O   1 
HETATM 1533 O O   . HOH C 3 .   ? -0.954  -6.527  -16.642 1.00 16.00 ? 202 HOH A O   1 
HETATM 1534 O O   . HOH C 3 .   ? 7.618   -14.613 -5.778  1.00 12.20 ? 203 HOH A O   1 
HETATM 1535 O O   . HOH C 3 .   ? -0.150  -9.898  -15.390 1.00 13.48 ? 204 HOH A O   1 
HETATM 1536 O O   . HOH C 3 .   ? -8.077  -1.582  -8.102  1.00 11.46 ? 205 HOH A O   1 
HETATM 1537 O O   . HOH C 3 .   ? -11.778 -7.079  -12.208 1.00 13.65 ? 206 HOH A O   1 
HETATM 1538 O O   . HOH C 3 .   ? -6.024  2.131   1.289   1.00 18.65 ? 207 HOH A O   1 
HETATM 1539 O O   . HOH C 3 .   ? -16.456 -4.427  -12.230 1.00 19.39 ? 208 HOH A O   1 
HETATM 1540 O O   . HOH C 3 .   ? -9.375  -6.419  5.592   1.00 19.23 ? 209 HOH A O   1 
HETATM 1541 O O   . HOH C 3 .   ? 1.946   -7.321  11.611  1.00 17.91 ? 210 HOH A O   1 
HETATM 1542 O O   . HOH C 3 .   ? -4.037  2.853   -13.066 1.00 18.12 ? 211 HOH A O   1 
HETATM 1543 O O   . HOH C 3 .   ? 15.032  -3.933  -10.474 1.00 16.29 ? 212 HOH A O   1 
HETATM 1544 O O   . HOH C 3 .   ? -3.255  -2.471  3.415   1.00 18.94 ? 213 HOH A O   1 
HETATM 1545 O O   . HOH C 3 .   ? -17.963 -2.933  -8.748  1.00 16.24 ? 214 HOH A O   1 
HETATM 1546 O O   . HOH C 3 .   ? 0.293   -14.355 -19.714 1.00 15.89 ? 215 HOH A O   1 
HETATM 1547 O O   . HOH C 3 .   ? -3.193  -8.511  -15.974 1.00 16.79 ? 216 HOH A O   1 
HETATM 1548 O O   . HOH C 3 .   ? -17.073 -0.287  -2.258  1.00 15.87 ? 217 HOH A O   1 
HETATM 1549 O O   . HOH C 3 .   ? 5.720   -6.860  -11.804 1.00 18.57 ? 218 HOH A O   1 
HETATM 1550 O O   . HOH C 3 .   ? 6.982   -19.002 -4.182  1.00 24.06 ? 219 HOH A O   1 
HETATM 1551 O O   . HOH C 3 .   ? 3.603   -14.126 5.602   1.00 18.64 ? 220 HOH A O   1 
HETATM 1552 O O   . HOH C 3 .   ? -8.186  -2.678  8.727   1.00 22.42 ? 221 HOH A O   1 
HETATM 1553 O O   . HOH C 3 .   ? 6.500   -2.002  -16.264 1.00 23.60 ? 222 HOH A O   1 
HETATM 1554 O O   . HOH C 3 .   ? -13.682 -0.602  3.190   1.00 21.29 ? 223 HOH A O   1 
HETATM 1555 O O   . HOH C 3 .   ? -17.389 -13.851 -3.731  1.00 23.80 ? 224 HOH A O   1 
HETATM 1556 O O   . HOH C 3 .   ? 10.758  -1.577  7.173   1.00 18.68 ? 225 HOH A O   1 
HETATM 1557 O O   . HOH C 3 .   ? 12.597  1.750   -8.027  1.00 30.02 ? 226 HOH A O   1 
HETATM 1558 O O   . HOH C 3 .   ? -11.549 -7.210  -16.528 1.00 21.35 ? 227 HOH A O   1 
HETATM 1559 O O   . HOH C 3 .   ? -19.532 -1.936  -5.146  1.00 17.67 ? 228 HOH A O   1 
HETATM 1560 O O   . HOH C 3 .   ? -8.640  -5.436  8.752   1.00 23.66 ? 229 HOH A O   1 
HETATM 1561 O O   . HOH C 3 .   ? 14.173  -6.186  -13.798 1.00 25.59 ? 230 HOH A O   1 
HETATM 1562 O O   . HOH C 3 .   ? 15.133  -4.333  -8.138  1.00 15.49 ? 231 HOH A O   1 
HETATM 1563 O O   . HOH C 3 .   ? -10.063 -16.918 -14.027 1.00 21.03 ? 232 HOH A O   1 
HETATM 1564 O O   . HOH C 3 .   ? 12.660  -11.332 -12.179 1.00 21.54 ? 233 HOH A O   1 
HETATM 1565 O O   . HOH C 3 .   ? 5.804   0.718   -1.365  1.00 21.06 ? 234 HOH A O   1 
HETATM 1566 O O   . HOH C 3 .   ? -9.220  -16.193 -16.919 1.00 21.02 ? 235 HOH A O   1 
HETATM 1567 O O   . HOH C 3 .   ? -17.289 -6.331  2.662   1.00 26.65 ? 236 HOH A O   1 
HETATM 1568 O O   . HOH C 3 .   ? 16.278  -5.965  -15.315 1.00 27.04 ? 237 HOH A O   1 
HETATM 1569 O O   . HOH C 3 .   ? -10.769 -0.555  -0.835  1.00 21.34 ? 238 HOH A O   1 
HETATM 1570 O O   . HOH C 3 .   ? -17.277 -11.883 -1.730  1.00 25.98 ? 239 HOH A O   1 
HETATM 1571 O O   . HOH C 3 .   ? -3.227  4.220   -17.471 1.00 29.18 ? 240 HOH A O   1 
HETATM 1572 O O   . HOH C 3 .   ? 3.327   -10.937 10.737  1.00 23.25 ? 241 HOH A O   1 
HETATM 1573 O O   . HOH C 3 .   ? 7.646   1.845   2.857   1.00 25.17 ? 242 HOH A O   1 
HETATM 1574 O O   . HOH C 3 .   ? -4.416  -1.741  1.278   1.00 16.11 ? 243 HOH A O   1 
HETATM 1575 O O   . HOH C 3 .   ? 9.072   -15.109 -16.881 1.00 17.56 ? 244 HOH A O   1 
HETATM 1576 O O   . HOH C 3 .   ? 1.735   -12.452 -16.531 1.00 20.34 ? 245 HOH A O   1 
HETATM 1577 O O   . HOH C 3 .   ? 2.376   -15.426 -18.278 1.00 21.66 ? 246 HOH A O   1 
HETATM 1578 O O   . HOH C 3 .   ? -2.138  -7.843  -23.536 1.00 19.72 ? 247 HOH A O   1 
HETATM 1579 O O   . HOH C 3 .   ? 9.306   -1.343  3.338   1.00 20.36 ? 248 HOH A O   1 
HETATM 1580 O O   . HOH C 3 .   ? -15.673 -14.451 -14.070 1.00 20.31 ? 249 HOH A O   1 
HETATM 1581 O O   . HOH C 3 .   ? -10.688 -9.050  4.950   1.00 25.16 ? 250 HOH A O   1 
HETATM 1582 O O   . HOH C 3 .   ? -6.353  9.683   -11.664 1.00 24.71 ? 251 HOH A O   1 
HETATM 1583 O O   . HOH C 3 .   ? 8.663   -16.413 2.000   1.00 33.24 ? 252 HOH A O   1 
HETATM 1584 O O   . HOH D 3 .   ? -8.717  4.491   6.505   1.00 12.64 ? 101 HOH B O   1 
HETATM 1585 O O   . HOH D 3 .   ? -9.601  5.792   -2.343  1.00 14.18 ? 102 HOH B O   1 
HETATM 1586 O O   . HOH D 3 .   ? -0.518  -0.884  2.731   1.00 14.37 ? 103 HOH B O   1 
HETATM 1587 O O   . HOH D 3 .   ? 2.084   -0.180  3.508   1.00 8.95  ? 104 HOH B O   1 
HETATM 1588 O O   . HOH D 3 .   ? -9.765  8.537   -0.130  1.00 11.98 ? 105 HOH B O   1 
HETATM 1589 O O   . HOH D 3 .   ? 2.102   6.215   -6.840  1.00 17.04 ? 106 HOH B O   1 
HETATM 1590 O O   . HOH D 3 .   ? 2.211   -0.755  6.312   1.00 10.51 ? 107 HOH B O   1 
HETATM 1591 O O   . HOH D 3 .   ? 6.851   2.903   -5.451  1.00 18.91 ? 108 HOH B O   1 
HETATM 1592 O O   . HOH D 3 .   ? 13.301  3.054   19.479  1.00 21.05 ? 109 HOH B O   1 
HETATM 1593 O O   . HOH D 3 .   ? 0.442   13.304  25.610  1.00 27.47 ? 110 HOH B O   1 
HETATM 1594 O O   . HOH D 3 .   ? -8.255  7.972   7.861   1.00 17.20 ? 111 HOH B O   1 
HETATM 1595 O O   . HOH D 3 .   ? 11.480  -0.811  9.962   1.00 17.80 ? 112 HOH B O   1 
HETATM 1596 O O   . HOH D 3 .   ? 4.305   1.553   19.197  1.00 27.68 ? 113 HOH B O   1 
HETATM 1597 O O   . HOH D 3 .   ? 9.646   6.637   -3.427  1.00 16.31 ? 114 HOH B O   1 
HETATM 1598 O O   . HOH D 3 .   ? 10.507  14.757  3.880   1.00 20.99 ? 115 HOH B O   1 
HETATM 1599 O O   . HOH D 3 .   ? -6.820  15.907  -4.989  1.00 25.37 ? 116 HOH B O   1 
HETATM 1600 O O   . HOH D 3 .   ? -3.442  7.296   14.891  1.00 23.93 ? 117 HOH B O   1 
HETATM 1601 O O   . HOH D 3 .   ? -1.725  -2.207  9.433   1.00 19.37 ? 118 HOH B O   1 
HETATM 1602 O O   . HOH D 3 .   ? -5.452  18.816  6.093   1.00 24.72 ? 119 HOH B O   1 
HETATM 1603 O O   . HOH D 3 .   ? -4.130  -1.210  10.742  1.00 23.14 ? 120 HOH B O   1 
HETATM 1604 O O   . HOH D 3 .   ? 11.784  12.217  3.485   1.00 22.34 ? 121 HOH B O   1 
HETATM 1605 O O   . HOH D 3 .   ? 5.423   19.992  5.939   1.00 27.62 ? 122 HOH B O   1 
HETATM 1606 O O   . HOH D 3 .   ? 11.917  1.542   17.424  1.00 22.08 ? 123 HOH B O   1 
HETATM 1607 O O   . HOH D 3 .   ? -10.036 14.584  -2.197  1.00 18.67 ? 124 HOH B O   1 
HETATM 1608 O O   . HOH D 3 .   ? 10.369  5.010   1.698   1.00 19.70 ? 125 HOH B O   1 
HETATM 1609 O O   . HOH D 3 .   ? -0.900  15.232  24.626  1.00 34.51 ? 126 HOH B O   1 
HETATM 1610 O O   . HOH D 3 .   ? 10.771  9.266   -1.367  1.00 18.77 ? 127 HOH B O   1 
HETATM 1611 O O   . HOH D 3 .   ? -12.941 2.647   -12.884 1.00 25.62 ? 128 HOH B O   1 
HETATM 1612 O O   . HOH D 3 .   ? -7.959  2.578   8.901   1.00 18.44 ? 129 HOH B O   1 
HETATM 1613 O O   . HOH D 3 .   ? 0.355   20.432  -9.539  1.00 26.30 ? 130 HOH B O   1 
HETATM 1614 O O   . HOH D 3 .   ? 11.291  15.855  8.208   1.00 18.80 ? 131 HOH B O   1 
HETATM 1615 O O   . HOH D 3 .   ? 11.777  8.197   1.782   1.00 21.11 ? 132 HOH B O   1 
HETATM 1616 O O   . HOH D 3 .   ? 9.543   22.549  4.526   1.00 27.95 ? 133 HOH B O   1 
# 
